data_9J26
# 
_entry.id   9J26 
# 
_audit_conform.dict_name       mmcif_pdbx.dic 
_audit_conform.dict_version    5.395 
_audit_conform.dict_location   http://mmcif.pdb.org/dictionaries/ascii/mmcif_pdbx.dic 
# 
loop_
_database_2.database_id 
_database_2.database_code 
_database_2.pdbx_database_accession 
_database_2.pdbx_DOI 
PDB   9J26         pdb_00009j26 10.2210/pdb9j26/pdb 
WWPDB D_1300050209 ?            ?                   
# 
_pdbx_audit_revision_history.ordinal             1 
_pdbx_audit_revision_history.data_content_type   'Structure model' 
_pdbx_audit_revision_history.major_revision      1 
_pdbx_audit_revision_history.minor_revision      0 
_pdbx_audit_revision_history.revision_date       2024-08-21 
# 
_pdbx_audit_revision_details.ordinal             1 
_pdbx_audit_revision_details.revision_ordinal    1 
_pdbx_audit_revision_details.data_content_type   'Structure model' 
_pdbx_audit_revision_details.provider            repository 
_pdbx_audit_revision_details.type                'Initial release' 
_pdbx_audit_revision_details.description         ? 
_pdbx_audit_revision_details.details             ? 
# 
_pdbx_database_status.status_code                     REL 
_pdbx_database_status.status_code_sf                  REL 
_pdbx_database_status.status_code_mr                  ? 
_pdbx_database_status.entry_id                        9J26 
_pdbx_database_status.recvd_initial_deposition_date   2024-08-06 
_pdbx_database_status.SG_entry                        N 
_pdbx_database_status.deposit_site                    PDBJ 
_pdbx_database_status.process_site                    PDBC 
_pdbx_database_status.status_code_cs                  ? 
_pdbx_database_status.status_code_nmr_data            ? 
_pdbx_database_status.methods_development_category    ? 
_pdbx_database_status.pdb_format_compatible           Y 
# 
_pdbx_contact_author.id                 2 
_pdbx_contact_author.email              fanxiaoju@trautec.com.cn 
_pdbx_contact_author.name_first         Xiaoju 
_pdbx_contact_author.name_last          Fan 
_pdbx_contact_author.name_mi            ? 
_pdbx_contact_author.role               'principal investigator/group leader' 
_pdbx_contact_author.identifier_ORCID   0000-0002-7662-6945 
# 
loop_
_audit_author.name 
_audit_author.pdbx_ordinal 
_audit_author.identifier_ORCID 
'Fan, X.'  1  ? 
'Zhai, Y.' 2  ? 
'Chu, Y.'  3  ? 
'Fu, S.'   4  ? 
'Li, D.'   5  ? 
'Cao, K.'  6  ? 
'Feng, P.' 7  ? 
'Wu, X.'   8  ? 
'Cai, H.'  9  ? 
'Ma, L.'   10 ? 
'Qian, S.' 11 ? 
# 
_citation.abstract                  ? 
_citation.abstract_id_CAS           ? 
_citation.book_id_ISBN              ? 
_citation.book_publisher            ? 
_citation.book_publisher_city       ? 
_citation.book_title                ? 
_citation.coordinate_linkage        ? 
_citation.country                   ? 
_citation.database_id_Medline       ? 
_citation.details                   ? 
_citation.id                        primary 
_citation.journal_abbrev            'To Be Published' 
_citation.journal_id_ASTM           ? 
_citation.journal_id_CSD            0353 
_citation.journal_id_ISSN           ? 
_citation.journal_full              ? 
_citation.journal_issue             ? 
_citation.journal_volume            ? 
_citation.language                  ? 
_citation.page_first                ? 
_citation.page_last                 ? 
_citation.title                     'Structure of a triple-helix region of human Collagen type IV from Trautec' 
_citation.year                      ? 
_citation.database_id_CSD           ? 
_citation.pdbx_database_id_DOI      ? 
_citation.pdbx_database_id_PubMed   ? 
_citation.pdbx_database_id_patent   ? 
_citation.unpublished_flag          ? 
# 
loop_
_citation_author.citation_id 
_citation_author.name 
_citation_author.ordinal 
_citation_author.identifier_ORCID 
primary 'Fan, X.'  1  ? 
primary 'Zhai, Y.' 2  ? 
primary 'Chu, Y.'  3  ? 
primary 'Fu, S.'   4  ? 
primary 'Li, D.'   5  ? 
primary 'Cao, K.'  6  ? 
primary 'Feng, P.' 7  ? 
primary 'Wu, X.'   8  ? 
primary 'Cai, H.'  9  ? 
primary 'Ma, L.'   10 ? 
primary 'Qian, S.' 11 ? 
# 
loop_
_entity.id 
_entity.type 
_entity.src_method 
_entity.pdbx_description 
_entity.formula_weight 
_entity.pdbx_number_of_molecules 
_entity.pdbx_ec 
_entity.pdbx_mutation 
_entity.pdbx_fragment 
_entity.details 
1 polymer syn 'Triple-helix region of human collagen type IV' 2730.918 6   ? ? ? ? 
2 water   nat water                                           18.015   252 ? ? ? ? 
# 
_entity_poly.entity_id                      1 
_entity_poly.type                           'polypeptide(L)' 
_entity_poly.nstd_linkage                   no 
_entity_poly.nstd_monomer                   yes 
_entity_poly.pdbx_seq_one_letter_code       'P(HYP)GP(HYP)GP(HYP)GERGPPGGVGFPGP(HYP)GP(HYP)GP(HYP)G' 
_entity_poly.pdbx_seq_one_letter_code_can   PPGPPGPPGERGPPGGVGFPGPPGPPGPPG 
_entity_poly.pdbx_strand_id                 A,B,C,D,E,F 
_entity_poly.pdbx_target_identifier         ? 
# 
_pdbx_entity_nonpoly.entity_id   2 
_pdbx_entity_nonpoly.name        water 
_pdbx_entity_nonpoly.comp_id     HOH 
# 
loop_
_entity_poly_seq.entity_id 
_entity_poly_seq.num 
_entity_poly_seq.mon_id 
_entity_poly_seq.hetero 
1 1  PRO n 
1 2  HYP n 
1 3  GLY n 
1 4  PRO n 
1 5  HYP n 
1 6  GLY n 
1 7  PRO n 
1 8  HYP n 
1 9  GLY n 
1 10 GLU n 
1 11 ARG n 
1 12 GLY n 
1 13 PRO n 
1 14 PRO n 
1 15 GLY n 
1 16 GLY n 
1 17 VAL n 
1 18 GLY n 
1 19 PHE n 
1 20 PRO n 
1 21 GLY n 
1 22 PRO n 
1 23 HYP n 
1 24 GLY n 
1 25 PRO n 
1 26 HYP n 
1 27 GLY n 
1 28 PRO n 
1 29 HYP n 
1 30 GLY n 
# 
_pdbx_entity_src_syn.entity_id              1 
_pdbx_entity_src_syn.pdbx_src_id            1 
_pdbx_entity_src_syn.pdbx_alt_source_flag   sample 
_pdbx_entity_src_syn.pdbx_beg_seq_num       1 
_pdbx_entity_src_syn.pdbx_end_seq_num       30 
_pdbx_entity_src_syn.organism_scientific    'Homo sapiens' 
_pdbx_entity_src_syn.organism_common_name   human 
_pdbx_entity_src_syn.ncbi_taxonomy_id       9606 
_pdbx_entity_src_syn.details                ? 
# 
loop_
_chem_comp.id 
_chem_comp.type 
_chem_comp.mon_nstd_flag 
_chem_comp.name 
_chem_comp.pdbx_synonyms 
_chem_comp.formula 
_chem_comp.formula_weight 
ARG 'L-peptide linking' y ARGININE         ?              'C6 H15 N4 O2 1' 175.209 
GLU 'L-peptide linking' y 'GLUTAMIC ACID'  ?              'C5 H9 N O4'     147.129 
GLY 'peptide linking'   y GLYCINE          ?              'C2 H5 N O2'     75.067  
HOH non-polymer         . WATER            ?              'H2 O'           18.015  
HYP 'L-peptide linking' n 4-HYDROXYPROLINE HYDROXYPROLINE 'C5 H9 N O3'     131.130 
PHE 'L-peptide linking' y PHENYLALANINE    ?              'C9 H11 N O2'    165.189 
PRO 'L-peptide linking' y PROLINE          ?              'C5 H9 N O2'     115.130 
VAL 'L-peptide linking' y VALINE           ?              'C5 H11 N O2'    117.146 
# 
loop_
_pdbx_poly_seq_scheme.asym_id 
_pdbx_poly_seq_scheme.entity_id 
_pdbx_poly_seq_scheme.seq_id 
_pdbx_poly_seq_scheme.mon_id 
_pdbx_poly_seq_scheme.ndb_seq_num 
_pdbx_poly_seq_scheme.pdb_seq_num 
_pdbx_poly_seq_scheme.auth_seq_num 
_pdbx_poly_seq_scheme.pdb_mon_id 
_pdbx_poly_seq_scheme.auth_mon_id 
_pdbx_poly_seq_scheme.pdb_strand_id 
_pdbx_poly_seq_scheme.pdb_ins_code 
_pdbx_poly_seq_scheme.hetero 
A 1 1  PRO 1  1  1  PRO PRO A . n 
A 1 2  HYP 2  2  2  HYP HYP A . n 
A 1 3  GLY 3  3  3  GLY GLY A . n 
A 1 4  PRO 4  4  4  PRO PRO A . n 
A 1 5  HYP 5  5  5  HYP HYP A . n 
A 1 6  GLY 6  6  6  GLY GLY A . n 
A 1 7  PRO 7  7  7  PRO PRO A . n 
A 1 8  HYP 8  8  8  HYP HYP A . n 
A 1 9  GLY 9  9  9  GLY GLY A . n 
A 1 10 GLU 10 10 10 GLU GLU A . n 
A 1 11 ARG 11 11 11 ARG ARG A . n 
A 1 12 GLY 12 12 12 GLY GLY A . n 
A 1 13 PRO 13 13 13 PRO PRO A . n 
A 1 14 PRO 14 14 14 PRO PRO A . n 
A 1 15 GLY 15 15 15 GLY GLY A . n 
A 1 16 GLY 16 16 16 GLY GLY A . n 
A 1 17 VAL 17 17 17 VAL VAL A . n 
A 1 18 GLY 18 18 18 GLY GLY A . n 
A 1 19 PHE 19 19 19 PHE PHE A . n 
A 1 20 PRO 20 20 20 PRO PRO A . n 
A 1 21 GLY 21 21 21 GLY GLY A . n 
A 1 22 PRO 22 22 22 PRO PRO A . n 
A 1 23 HYP 23 23 23 HYP HYP A . n 
A 1 24 GLY 24 24 24 GLY GLY A . n 
A 1 25 PRO 25 25 25 PRO PRO A . n 
A 1 26 HYP 26 26 26 HYP HYP A . n 
A 1 27 GLY 27 27 27 GLY GLY A . n 
A 1 28 PRO 28 28 28 PRO PRO A . n 
A 1 29 HYP 29 29 29 HYP HYP A . n 
A 1 30 GLY 30 30 30 GLY GLY A . n 
B 1 1  PRO 1  1  ?  ?   ?   B . n 
B 1 2  HYP 2  2  ?  ?   ?   B . n 
B 1 3  GLY 3  3  3  GLY GLY B . n 
B 1 4  PRO 4  4  4  PRO PRO B . n 
B 1 5  HYP 5  5  5  HYP HYP B . n 
B 1 6  GLY 6  6  6  GLY GLY B . n 
B 1 7  PRO 7  7  7  PRO PRO B . n 
B 1 8  HYP 8  8  8  HYP HYP B . n 
B 1 9  GLY 9  9  9  GLY GLY B . n 
B 1 10 GLU 10 10 10 GLU GLU B . n 
B 1 11 ARG 11 11 11 ARG ARG B . n 
B 1 12 GLY 12 12 12 GLY GLY B . n 
B 1 13 PRO 13 13 13 PRO PRO B . n 
B 1 14 PRO 14 14 14 PRO PRO B . n 
B 1 15 GLY 15 15 15 GLY GLY B . n 
B 1 16 GLY 16 16 16 GLY GLY B . n 
B 1 17 VAL 17 17 17 VAL VAL B . n 
B 1 18 GLY 18 18 18 GLY GLY B . n 
B 1 19 PHE 19 19 19 PHE PHE B . n 
B 1 20 PRO 20 20 20 PRO PRO B . n 
B 1 21 GLY 21 21 21 GLY GLY B . n 
B 1 22 PRO 22 22 22 PRO PRO B . n 
B 1 23 HYP 23 23 23 HYP HYP B . n 
B 1 24 GLY 24 24 24 GLY GLY B . n 
B 1 25 PRO 25 25 25 PRO PRO B . n 
B 1 26 HYP 26 26 26 HYP HYP B . n 
B 1 27 GLY 27 27 27 GLY GLY B . n 
B 1 28 PRO 28 28 28 PRO PRO B . n 
B 1 29 HYP 29 29 29 HYP HYP B . n 
B 1 30 GLY 30 30 30 GLY GLY B . n 
C 1 1  PRO 1  1  ?  ?   ?   C . n 
C 1 2  HYP 2  2  ?  ?   ?   C . n 
C 1 3  GLY 3  3  3  GLY GLY C . n 
C 1 4  PRO 4  4  4  PRO PRO C . n 
C 1 5  HYP 5  5  5  HYP HYP C . n 
C 1 6  GLY 6  6  6  GLY GLY C . n 
C 1 7  PRO 7  7  7  PRO PRO C . n 
C 1 8  HYP 8  8  8  HYP HYP C . n 
C 1 9  GLY 9  9  9  GLY GLY C . n 
C 1 10 GLU 10 10 10 GLU GLU C . n 
C 1 11 ARG 11 11 11 ARG ARG C . n 
C 1 12 GLY 12 12 12 GLY GLY C . n 
C 1 13 PRO 13 13 13 PRO PRO C . n 
C 1 14 PRO 14 14 14 PRO PRO C . n 
C 1 15 GLY 15 15 15 GLY GLY C . n 
C 1 16 GLY 16 16 16 GLY GLY C . n 
C 1 17 VAL 17 17 17 VAL VAL C . n 
C 1 18 GLY 18 18 18 GLY GLY C . n 
C 1 19 PHE 19 19 19 PHE PHE C . n 
C 1 20 PRO 20 20 20 PRO PRO C . n 
C 1 21 GLY 21 21 21 GLY GLY C . n 
C 1 22 PRO 22 22 22 PRO PRO C . n 
C 1 23 HYP 23 23 23 HYP HYP C . n 
C 1 24 GLY 24 24 24 GLY GLY C . n 
C 1 25 PRO 25 25 25 PRO PRO C . n 
C 1 26 HYP 26 26 26 HYP HYP C . n 
C 1 27 GLY 27 27 27 GLY GLY C . n 
C 1 28 PRO 28 28 28 PRO PRO C . n 
C 1 29 HYP 29 29 29 HYP HYP C . n 
C 1 30 GLY 30 30 30 GLY GLY C . n 
D 1 1  PRO 1  1  1  PRO PRO D . n 
D 1 2  HYP 2  2  2  HYP HYP D . n 
D 1 3  GLY 3  3  3  GLY GLY D . n 
D 1 4  PRO 4  4  4  PRO PRO D . n 
D 1 5  HYP 5  5  5  HYP HYP D . n 
D 1 6  GLY 6  6  6  GLY GLY D . n 
D 1 7  PRO 7  7  7  PRO PRO D . n 
D 1 8  HYP 8  8  8  HYP HYP D . n 
D 1 9  GLY 9  9  9  GLY GLY D . n 
D 1 10 GLU 10 10 10 GLU GLU D . n 
D 1 11 ARG 11 11 11 ARG ARG D . n 
D 1 12 GLY 12 12 12 GLY GLY D . n 
D 1 13 PRO 13 13 13 PRO PRO D . n 
D 1 14 PRO 14 14 14 PRO PRO D . n 
D 1 15 GLY 15 15 15 GLY GLY D . n 
D 1 16 GLY 16 16 16 GLY GLY D . n 
D 1 17 VAL 17 17 17 VAL VAL D . n 
D 1 18 GLY 18 18 18 GLY GLY D . n 
D 1 19 PHE 19 19 19 PHE PHE D . n 
D 1 20 PRO 20 20 20 PRO PRO D . n 
D 1 21 GLY 21 21 21 GLY GLY D . n 
D 1 22 PRO 22 22 22 PRO PRO D . n 
D 1 23 HYP 23 23 23 HYP HYP D . n 
D 1 24 GLY 24 24 24 GLY GLY D . n 
D 1 25 PRO 25 25 25 PRO PRO D . n 
D 1 26 HYP 26 26 26 HYP HYP D . n 
D 1 27 GLY 27 27 27 GLY GLY D . n 
D 1 28 PRO 28 28 28 PRO PRO D . n 
D 1 29 HYP 29 29 ?  ?   ?   D . n 
D 1 30 GLY 30 30 ?  ?   ?   D . n 
E 1 1  PRO 1  1  1  PRO PRO E . n 
E 1 2  HYP 2  2  2  HYP HYP E . n 
E 1 3  GLY 3  3  3  GLY GLY E . n 
E 1 4  PRO 4  4  4  PRO PRO E . n 
E 1 5  HYP 5  5  5  HYP HYP E . n 
E 1 6  GLY 6  6  6  GLY GLY E . n 
E 1 7  PRO 7  7  7  PRO PRO E . n 
E 1 8  HYP 8  8  8  HYP HYP E . n 
E 1 9  GLY 9  9  9  GLY GLY E . n 
E 1 10 GLU 10 10 10 GLU GLU E . n 
E 1 11 ARG 11 11 11 ARG ARG E . n 
E 1 12 GLY 12 12 12 GLY GLY E . n 
E 1 13 PRO 13 13 13 PRO PRO E . n 
E 1 14 PRO 14 14 14 PRO PRO E . n 
E 1 15 GLY 15 15 15 GLY GLY E . n 
E 1 16 GLY 16 16 16 GLY GLY E . n 
E 1 17 VAL 17 17 17 VAL VAL E . n 
E 1 18 GLY 18 18 18 GLY GLY E . n 
E 1 19 PHE 19 19 19 PHE PHE E . n 
E 1 20 PRO 20 20 20 PRO PRO E . n 
E 1 21 GLY 21 21 21 GLY GLY E . n 
E 1 22 PRO 22 22 22 PRO PRO E . n 
E 1 23 HYP 23 23 23 HYP HYP E . n 
E 1 24 GLY 24 24 24 GLY GLY E . n 
E 1 25 PRO 25 25 25 PRO PRO E . n 
E 1 26 HYP 26 26 26 HYP HYP E . n 
E 1 27 GLY 27 27 27 GLY GLY E . n 
E 1 28 PRO 28 28 28 PRO PRO E . n 
E 1 29 HYP 29 29 29 HYP HYP E . n 
E 1 30 GLY 30 30 30 GLY GLY E . n 
F 1 1  PRO 1  1  1  PRO PRO F . n 
F 1 2  HYP 2  2  2  HYP HYP F . n 
F 1 3  GLY 3  3  3  GLY GLY F . n 
F 1 4  PRO 4  4  4  PRO PRO F . n 
F 1 5  HYP 5  5  5  HYP HYP F . n 
F 1 6  GLY 6  6  6  GLY GLY F . n 
F 1 7  PRO 7  7  7  PRO PRO F . n 
F 1 8  HYP 8  8  8  HYP HYP F . n 
F 1 9  GLY 9  9  9  GLY GLY F . n 
F 1 10 GLU 10 10 10 GLU GLU F . n 
F 1 11 ARG 11 11 11 ARG ARG F . n 
F 1 12 GLY 12 12 12 GLY GLY F . n 
F 1 13 PRO 13 13 13 PRO PRO F . n 
F 1 14 PRO 14 14 14 PRO PRO F . n 
F 1 15 GLY 15 15 15 GLY GLY F . n 
F 1 16 GLY 16 16 16 GLY GLY F . n 
F 1 17 VAL 17 17 17 VAL VAL F . n 
F 1 18 GLY 18 18 18 GLY GLY F . n 
F 1 19 PHE 19 19 19 PHE PHE F . n 
F 1 20 PRO 20 20 20 PRO PRO F . n 
F 1 21 GLY 21 21 21 GLY GLY F . n 
F 1 22 PRO 22 22 22 PRO PRO F . n 
F 1 23 HYP 23 23 23 HYP HYP F . n 
F 1 24 GLY 24 24 24 GLY GLY F . n 
F 1 25 PRO 25 25 25 PRO PRO F . n 
F 1 26 HYP 26 26 26 HYP HYP F . n 
F 1 27 GLY 27 27 27 GLY GLY F . n 
F 1 28 PRO 28 28 28 PRO PRO F . n 
F 1 29 HYP 29 29 29 HYP HYP F . n 
F 1 30 GLY 30 30 30 GLY GLY F . n 
# 
loop_
_pdbx_nonpoly_scheme.asym_id 
_pdbx_nonpoly_scheme.entity_id 
_pdbx_nonpoly_scheme.mon_id 
_pdbx_nonpoly_scheme.ndb_seq_num 
_pdbx_nonpoly_scheme.pdb_seq_num 
_pdbx_nonpoly_scheme.auth_seq_num 
_pdbx_nonpoly_scheme.pdb_mon_id 
_pdbx_nonpoly_scheme.auth_mon_id 
_pdbx_nonpoly_scheme.pdb_strand_id 
_pdbx_nonpoly_scheme.pdb_ins_code 
G 2 HOH 1  101 163 HOH HOH A . 
G 2 HOH 2  102 221 HOH HOH A . 
G 2 HOH 3  103 115 HOH HOH A . 
G 2 HOH 4  104 155 HOH HOH A . 
G 2 HOH 5  105 26  HOH HOH A . 
G 2 HOH 6  106 112 HOH HOH A . 
G 2 HOH 7  107 249 HOH HOH A . 
G 2 HOH 8  108 3   HOH HOH A . 
G 2 HOH 9  109 86  HOH HOH A . 
G 2 HOH 10 110 122 HOH HOH A . 
G 2 HOH 11 111 136 HOH HOH A . 
G 2 HOH 12 112 226 HOH HOH A . 
G 2 HOH 13 113 30  HOH HOH A . 
G 2 HOH 14 114 120 HOH HOH A . 
G 2 HOH 15 115 227 HOH HOH A . 
G 2 HOH 16 116 223 HOH HOH A . 
G 2 HOH 17 117 14  HOH HOH A . 
G 2 HOH 18 118 18  HOH HOH A . 
G 2 HOH 19 119 23  HOH HOH A . 
G 2 HOH 20 120 31  HOH HOH A . 
G 2 HOH 21 121 148 HOH HOH A . 
G 2 HOH 22 122 11  HOH HOH A . 
G 2 HOH 23 123 19  HOH HOH A . 
G 2 HOH 24 124 144 HOH HOH A . 
G 2 HOH 25 125 84  HOH HOH A . 
G 2 HOH 26 126 102 HOH HOH A . 
G 2 HOH 27 127 79  HOH HOH A . 
G 2 HOH 28 128 181 HOH HOH A . 
G 2 HOH 29 129 113 HOH HOH A . 
G 2 HOH 30 130 231 HOH HOH A . 
G 2 HOH 31 131 91  HOH HOH A . 
G 2 HOH 32 132 229 HOH HOH A . 
G 2 HOH 33 133 141 HOH HOH A . 
G 2 HOH 34 134 224 HOH HOH A . 
G 2 HOH 35 135 252 HOH HOH A . 
G 2 HOH 36 136 245 HOH HOH A . 
G 2 HOH 37 137 165 HOH HOH A . 
G 2 HOH 38 138 47  HOH HOH A . 
G 2 HOH 39 139 195 HOH HOH A . 
G 2 HOH 40 140 130 HOH HOH A . 
G 2 HOH 41 141 225 HOH HOH A . 
G 2 HOH 42 142 94  HOH HOH A . 
G 2 HOH 43 143 210 HOH HOH A . 
G 2 HOH 44 144 216 HOH HOH A . 
G 2 HOH 45 145 153 HOH HOH A . 
G 2 HOH 46 146 167 HOH HOH A . 
G 2 HOH 47 147 193 HOH HOH A . 
G 2 HOH 48 148 243 HOH HOH A . 
G 2 HOH 49 149 139 HOH HOH A . 
G 2 HOH 50 150 176 HOH HOH A . 
G 2 HOH 51 151 142 HOH HOH A . 
G 2 HOH 52 152 228 HOH HOH A . 
G 2 HOH 53 153 36  HOH HOH A . 
G 2 HOH 54 154 126 HOH HOH A . 
H 2 HOH 1  101 63  HOH HOH B . 
H 2 HOH 2  102 28  HOH HOH B . 
H 2 HOH 3  103 215 HOH HOH B . 
H 2 HOH 4  104 75  HOH HOH B . 
H 2 HOH 5  105 132 HOH HOH B . 
H 2 HOH 6  106 111 HOH HOH B . 
H 2 HOH 7  107 213 HOH HOH B . 
H 2 HOH 8  108 173 HOH HOH B . 
H 2 HOH 9  109 199 HOH HOH B . 
H 2 HOH 10 110 170 HOH HOH B . 
H 2 HOH 11 111 40  HOH HOH B . 
H 2 HOH 12 112 15  HOH HOH B . 
H 2 HOH 13 113 34  HOH HOH B . 
H 2 HOH 14 114 25  HOH HOH B . 
H 2 HOH 15 115 62  HOH HOH B . 
H 2 HOH 16 116 46  HOH HOH B . 
H 2 HOH 17 117 106 HOH HOH B . 
H 2 HOH 18 118 101 HOH HOH B . 
H 2 HOH 19 119 5   HOH HOH B . 
H 2 HOH 20 120 81  HOH HOH B . 
H 2 HOH 21 121 121 HOH HOH B . 
H 2 HOH 22 122 83  HOH HOH B . 
H 2 HOH 23 123 108 HOH HOH B . 
H 2 HOH 24 124 80  HOH HOH B . 
H 2 HOH 25 125 13  HOH HOH B . 
H 2 HOH 26 126 191 HOH HOH B . 
H 2 HOH 27 127 211 HOH HOH B . 
H 2 HOH 28 128 78  HOH HOH B . 
H 2 HOH 29 129 104 HOH HOH B . 
H 2 HOH 30 130 103 HOH HOH B . 
H 2 HOH 31 131 230 HOH HOH B . 
H 2 HOH 32 132 184 HOH HOH B . 
H 2 HOH 33 133 198 HOH HOH B . 
H 2 HOH 34 134 93  HOH HOH B . 
H 2 HOH 35 135 127 HOH HOH B . 
H 2 HOH 36 136 134 HOH HOH B . 
H 2 HOH 37 137 169 HOH HOH B . 
I 2 HOH 1  101 190 HOH HOH C . 
I 2 HOH 2  102 27  HOH HOH C . 
I 2 HOH 3  103 162 HOH HOH C . 
I 2 HOH 4  104 157 HOH HOH C . 
I 2 HOH 5  105 164 HOH HOH C . 
I 2 HOH 6  106 82  HOH HOH C . 
I 2 HOH 7  107 35  HOH HOH C . 
I 2 HOH 8  108 179 HOH HOH C . 
I 2 HOH 9  109 200 HOH HOH C . 
I 2 HOH 10 110 220 HOH HOH C . 
I 2 HOH 11 111 41  HOH HOH C . 
I 2 HOH 12 112 248 HOH HOH C . 
I 2 HOH 13 113 29  HOH HOH C . 
I 2 HOH 14 114 99  HOH HOH C . 
I 2 HOH 15 115 57  HOH HOH C . 
I 2 HOH 16 116 154 HOH HOH C . 
I 2 HOH 17 117 67  HOH HOH C . 
I 2 HOH 18 118 107 HOH HOH C . 
I 2 HOH 19 119 8   HOH HOH C . 
I 2 HOH 20 120 43  HOH HOH C . 
I 2 HOH 21 121 9   HOH HOH C . 
I 2 HOH 22 122 53  HOH HOH C . 
I 2 HOH 23 123 2   HOH HOH C . 
I 2 HOH 24 124 22  HOH HOH C . 
I 2 HOH 25 125 21  HOH HOH C . 
I 2 HOH 26 126 178 HOH HOH C . 
I 2 HOH 27 127 72  HOH HOH C . 
I 2 HOH 28 128 39  HOH HOH C . 
I 2 HOH 29 129 172 HOH HOH C . 
I 2 HOH 30 130 138 HOH HOH C . 
I 2 HOH 31 131 232 HOH HOH C . 
I 2 HOH 32 132 131 HOH HOH C . 
I 2 HOH 33 133 74  HOH HOH C . 
I 2 HOH 34 134 152 HOH HOH C . 
I 2 HOH 35 135 217 HOH HOH C . 
I 2 HOH 36 136 65  HOH HOH C . 
I 2 HOH 37 137 160 HOH HOH C . 
I 2 HOH 38 138 171 HOH HOH C . 
I 2 HOH 39 139 137 HOH HOH C . 
I 2 HOH 40 140 32  HOH HOH C . 
I 2 HOH 41 141 105 HOH HOH C . 
J 2 HOH 1  101 117 HOH HOH D . 
J 2 HOH 2  102 166 HOH HOH D . 
J 2 HOH 3  103 182 HOH HOH D . 
J 2 HOH 4  104 135 HOH HOH D . 
J 2 HOH 5  105 88  HOH HOH D . 
J 2 HOH 6  106 175 HOH HOH D . 
J 2 HOH 7  107 241 HOH HOH D . 
J 2 HOH 8  108 244 HOH HOH D . 
J 2 HOH 9  109 16  HOH HOH D . 
J 2 HOH 10 110 87  HOH HOH D . 
J 2 HOH 11 111 50  HOH HOH D . 
J 2 HOH 12 112 58  HOH HOH D . 
J 2 HOH 13 113 146 HOH HOH D . 
J 2 HOH 14 114 119 HOH HOH D . 
J 2 HOH 15 115 4   HOH HOH D . 
J 2 HOH 16 116 73  HOH HOH D . 
J 2 HOH 17 117 64  HOH HOH D . 
J 2 HOH 18 118 55  HOH HOH D . 
J 2 HOH 19 119 205 HOH HOH D . 
J 2 HOH 20 120 59  HOH HOH D . 
J 2 HOH 21 121 233 HOH HOH D . 
J 2 HOH 22 122 37  HOH HOH D . 
J 2 HOH 23 123 238 HOH HOH D . 
J 2 HOH 24 124 97  HOH HOH D . 
J 2 HOH 25 125 240 HOH HOH D . 
J 2 HOH 26 126 251 HOH HOH D . 
J 2 HOH 27 127 24  HOH HOH D . 
J 2 HOH 28 128 208 HOH HOH D . 
J 2 HOH 29 129 7   HOH HOH D . 
J 2 HOH 30 130 174 HOH HOH D . 
J 2 HOH 31 131 143 HOH HOH D . 
J 2 HOH 32 132 203 HOH HOH D . 
J 2 HOH 33 133 239 HOH HOH D . 
J 2 HOH 34 134 189 HOH HOH D . 
J 2 HOH 35 135 159 HOH HOH D . 
J 2 HOH 36 136 156 HOH HOH D . 
J 2 HOH 37 137 149 HOH HOH D . 
J 2 HOH 38 138 161 HOH HOH D . 
J 2 HOH 39 139 236 HOH HOH D . 
J 2 HOH 40 140 123 HOH HOH D . 
K 2 HOH 1  101 92  HOH HOH E . 
K 2 HOH 2  102 204 HOH HOH E . 
K 2 HOH 3  103 196 HOH HOH E . 
K 2 HOH 4  104 51  HOH HOH E . 
K 2 HOH 5  105 45  HOH HOH E . 
K 2 HOH 6  106 77  HOH HOH E . 
K 2 HOH 7  107 70  HOH HOH E . 
K 2 HOH 8  108 207 HOH HOH E . 
K 2 HOH 9  109 150 HOH HOH E . 
K 2 HOH 10 110 20  HOH HOH E . 
K 2 HOH 11 111 114 HOH HOH E . 
K 2 HOH 12 112 185 HOH HOH E . 
K 2 HOH 13 113 6   HOH HOH E . 
K 2 HOH 14 114 129 HOH HOH E . 
K 2 HOH 15 115 56  HOH HOH E . 
K 2 HOH 16 116 44  HOH HOH E . 
K 2 HOH 17 117 95  HOH HOH E . 
K 2 HOH 18 118 90  HOH HOH E . 
K 2 HOH 19 119 60  HOH HOH E . 
K 2 HOH 20 120 42  HOH HOH E . 
K 2 HOH 21 121 33  HOH HOH E . 
K 2 HOH 22 122 250 HOH HOH E . 
K 2 HOH 23 123 197 HOH HOH E . 
K 2 HOH 24 124 242 HOH HOH E . 
K 2 HOH 25 125 212 HOH HOH E . 
K 2 HOH 26 126 246 HOH HOH E . 
K 2 HOH 27 127 140 HOH HOH E . 
K 2 HOH 28 128 133 HOH HOH E . 
K 2 HOH 29 129 235 HOH HOH E . 
K 2 HOH 30 130 124 HOH HOH E . 
K 2 HOH 31 131 110 HOH HOH E . 
L 2 HOH 1  101 219 HOH HOH F . 
L 2 HOH 2  102 202 HOH HOH F . 
L 2 HOH 3  103 96  HOH HOH F . 
L 2 HOH 4  104 17  HOH HOH F . 
L 2 HOH 5  105 71  HOH HOH F . 
L 2 HOH 6  106 206 HOH HOH F . 
L 2 HOH 7  107 158 HOH HOH F . 
L 2 HOH 8  108 147 HOH HOH F . 
L 2 HOH 9  109 145 HOH HOH F . 
L 2 HOH 10 110 49  HOH HOH F . 
L 2 HOH 11 111 10  HOH HOH F . 
L 2 HOH 12 112 68  HOH HOH F . 
L 2 HOH 13 113 192 HOH HOH F . 
L 2 HOH 14 114 201 HOH HOH F . 
L 2 HOH 15 115 187 HOH HOH F . 
L 2 HOH 16 116 52  HOH HOH F . 
L 2 HOH 17 117 118 HOH HOH F . 
L 2 HOH 18 118 177 HOH HOH F . 
L 2 HOH 19 119 38  HOH HOH F . 
L 2 HOH 20 120 98  HOH HOH F . 
L 2 HOH 21 121 128 HOH HOH F . 
L 2 HOH 22 122 66  HOH HOH F . 
L 2 HOH 23 123 1   HOH HOH F . 
L 2 HOH 24 124 89  HOH HOH F . 
L 2 HOH 25 125 151 HOH HOH F . 
L 2 HOH 26 126 76  HOH HOH F . 
L 2 HOH 27 127 186 HOH HOH F . 
L 2 HOH 28 128 125 HOH HOH F . 
L 2 HOH 29 129 61  HOH HOH F . 
L 2 HOH 30 130 209 HOH HOH F . 
L 2 HOH 31 131 100 HOH HOH F . 
L 2 HOH 32 132 12  HOH HOH F . 
L 2 HOH 33 133 168 HOH HOH F . 
L 2 HOH 34 134 218 HOH HOH F . 
L 2 HOH 35 135 85  HOH HOH F . 
L 2 HOH 36 136 214 HOH HOH F . 
L 2 HOH 37 137 237 HOH HOH F . 
L 2 HOH 38 138 180 HOH HOH F . 
L 2 HOH 39 139 188 HOH HOH F . 
L 2 HOH 40 140 194 HOH HOH F . 
L 2 HOH 41 141 234 HOH HOH F . 
L 2 HOH 42 142 48  HOH HOH F . 
L 2 HOH 43 143 109 HOH HOH F . 
L 2 HOH 44 144 222 HOH HOH F . 
L 2 HOH 45 145 183 HOH HOH F . 
L 2 HOH 46 146 54  HOH HOH F . 
L 2 HOH 47 147 69  HOH HOH F . 
L 2 HOH 48 148 116 HOH HOH F . 
L 2 HOH 49 149 247 HOH HOH F . 
# 
loop_
_software.citation_id 
_software.classification 
_software.compiler_name 
_software.compiler_version 
_software.contact_author 
_software.contact_author_email 
_software.date 
_software.description 
_software.dependencies 
_software.hardware 
_software.language 
_software.location 
_software.mods 
_software.name 
_software.os 
_software.os_version 
_software.type 
_software.version 
_software.pdbx_ordinal 
? refinement       ? ? ? ? ? ? ? ? ? ? ? REFMAC  ? ? ? 5.8.0425 1 
? 'data reduction' ? ? ? ? ? ? ? ? ? ? ? XDS     ? ? ? .        2 
? 'data scaling'   ? ? ? ? ? ? ? ? ? ? ? Aimless ? ? ? .        3 
? phasing          ? ? ? ? ? ? ? ? ? ? ? PHASER  ? ? ? .        4 
# 
_cell.angle_alpha                  86.620 
_cell.angle_alpha_esd              ? 
_cell.angle_beta                   86.473 
_cell.angle_beta_esd               ? 
_cell.angle_gamma                  89.284 
_cell.angle_gamma_esd              ? 
_cell.entry_id                     9J26 
_cell.details                      ? 
_cell.formula_units_Z              ? 
_cell.length_a                     13.982 
_cell.length_a_esd                 ? 
_cell.length_b                     30.428 
_cell.length_b_esd                 ? 
_cell.length_c                     68.051 
_cell.length_c_esd                 ? 
_cell.volume                       ? 
_cell.volume_esd                   ? 
_cell.Z_PDB                        6 
_cell.reciprocal_angle_alpha       ? 
_cell.reciprocal_angle_beta        ? 
_cell.reciprocal_angle_gamma       ? 
_cell.reciprocal_angle_alpha_esd   ? 
_cell.reciprocal_angle_beta_esd    ? 
_cell.reciprocal_angle_gamma_esd   ? 
_cell.reciprocal_length_a          ? 
_cell.reciprocal_length_b          ? 
_cell.reciprocal_length_c          ? 
_cell.reciprocal_length_a_esd      ? 
_cell.reciprocal_length_b_esd      ? 
_cell.reciprocal_length_c_esd      ? 
_cell.pdbx_unique_axis             ? 
_cell.pdbx_esd_method              ? 
# 
_symmetry.entry_id                         9J26 
_symmetry.cell_setting                     ? 
_symmetry.Int_Tables_number                1 
_symmetry.space_group_name_Hall            ? 
_symmetry.space_group_name_H-M             'P 1' 
_symmetry.pdbx_full_space_group_name_H-M   ? 
# 
_exptl.absorpt_coefficient_mu     ? 
_exptl.absorpt_correction_T_max   ? 
_exptl.absorpt_correction_T_min   ? 
_exptl.absorpt_correction_type    ? 
_exptl.absorpt_process_details    ? 
_exptl.entry_id                   9J26 
_exptl.crystals_number            1 
_exptl.details                    ? 
_exptl.method                     'X-RAY DIFFRACTION' 
_exptl.method_details             ? 
# 
_exptl_crystal.colour                       ? 
_exptl_crystal.density_diffrn               ? 
_exptl_crystal.density_Matthews             1.76 
_exptl_crystal.density_method               ? 
_exptl_crystal.density_percent_sol          30.13 
_exptl_crystal.description                  ? 
_exptl_crystal.F_000                        ? 
_exptl_crystal.id                           1 
_exptl_crystal.preparation                  ? 
_exptl_crystal.size_max                     ? 
_exptl_crystal.size_mid                     ? 
_exptl_crystal.size_min                     ? 
_exptl_crystal.size_rad                     ? 
_exptl_crystal.colour_lustre                ? 
_exptl_crystal.colour_modifier              ? 
_exptl_crystal.colour_primary               ? 
_exptl_crystal.density_meas                 ? 
_exptl_crystal.density_meas_esd             ? 
_exptl_crystal.density_meas_gt              ? 
_exptl_crystal.density_meas_lt              ? 
_exptl_crystal.density_meas_temp            ? 
_exptl_crystal.density_meas_temp_esd        ? 
_exptl_crystal.density_meas_temp_gt         ? 
_exptl_crystal.density_meas_temp_lt         ? 
_exptl_crystal.pdbx_crystal_image_url       ? 
_exptl_crystal.pdbx_crystal_image_format    ? 
_exptl_crystal.pdbx_mosaicity               ? 
_exptl_crystal.pdbx_mosaicity_esd           ? 
_exptl_crystal.pdbx_mosaic_method           ? 
_exptl_crystal.pdbx_mosaic_block_size       ? 
_exptl_crystal.pdbx_mosaic_block_size_esd   ? 
# 
_exptl_crystal_grow.apparatus       ? 
_exptl_crystal_grow.atmosphere      ? 
_exptl_crystal_grow.crystal_id      1 
_exptl_crystal_grow.details         ? 
_exptl_crystal_grow.method          'VAPOR DIFFUSION, SITTING DROP' 
_exptl_crystal_grow.method_ref      ? 
_exptl_crystal_grow.pH              ? 
_exptl_crystal_grow.pressure        ? 
_exptl_crystal_grow.pressure_esd    ? 
_exptl_crystal_grow.seeding         ? 
_exptl_crystal_grow.seeding_ref     ? 
_exptl_crystal_grow.temp_details    ? 
_exptl_crystal_grow.temp_esd        ? 
_exptl_crystal_grow.time            ? 
_exptl_crystal_grow.pdbx_details    'Index-D5:0.1M NaAc pH4.5, 25% PEG3,350' 
_exptl_crystal_grow.pdbx_pH_range   ? 
_exptl_crystal_grow.temp            293 
# 
_diffrn.ambient_environment              ? 
_diffrn.ambient_temp                     100 
_diffrn.ambient_temp_details             ? 
_diffrn.ambient_temp_esd                 ? 
_diffrn.crystal_id                       1 
_diffrn.crystal_support                  ? 
_diffrn.crystal_treatment                ? 
_diffrn.details                          ? 
_diffrn.id                               1 
_diffrn.ambient_pressure                 ? 
_diffrn.ambient_pressure_esd             ? 
_diffrn.ambient_pressure_gt              ? 
_diffrn.ambient_pressure_lt              ? 
_diffrn.ambient_temp_gt                  ? 
_diffrn.ambient_temp_lt                  ? 
_diffrn.pdbx_serial_crystal_experiment   N 
# 
_diffrn_detector.details                      ? 
_diffrn_detector.detector                     PIXEL 
_diffrn_detector.diffrn_id                    1 
_diffrn_detector.type                         'DECTRIS PILATUS3 6M' 
_diffrn_detector.area_resol_mean              ? 
_diffrn_detector.dtime                        ? 
_diffrn_detector.pdbx_frames_total            ? 
_diffrn_detector.pdbx_collection_time_total   ? 
_diffrn_detector.pdbx_collection_date         2024-06-25 
_diffrn_detector.pdbx_frequency               ? 
_diffrn_detector.id                           ? 
_diffrn_detector.number_of_axes               ? 
# 
_diffrn_radiation.collimation                      ? 
_diffrn_radiation.diffrn_id                        1 
_diffrn_radiation.filter_edge                      ? 
_diffrn_radiation.inhomogeneity                    ? 
_diffrn_radiation.monochromator                    ? 
_diffrn_radiation.polarisn_norm                    ? 
_diffrn_radiation.polarisn_ratio                   ? 
_diffrn_radiation.probe                            ? 
_diffrn_radiation.type                             ? 
_diffrn_radiation.xray_symbol                      ? 
_diffrn_radiation.wavelength_id                    1 
_diffrn_radiation.pdbx_monochromatic_or_laue_m_l   M 
_diffrn_radiation.pdbx_wavelength_list             ? 
_diffrn_radiation.pdbx_wavelength                  ? 
_diffrn_radiation.pdbx_diffrn_protocol             'SINGLE WAVELENGTH' 
_diffrn_radiation.pdbx_analyzer                    ? 
_diffrn_radiation.pdbx_scattering_type             x-ray 
# 
_diffrn_radiation_wavelength.id           1 
_diffrn_radiation_wavelength.wavelength   0.99999 
_diffrn_radiation_wavelength.wt           1.0 
# 
_diffrn_source.current                     ? 
_diffrn_source.details                     ? 
_diffrn_source.diffrn_id                   1 
_diffrn_source.power                       ? 
_diffrn_source.size                        ? 
_diffrn_source.source                      SYNCHROTRON 
_diffrn_source.target                      ? 
_diffrn_source.type                        'SPRING-8 BEAMLINE BL45XU' 
_diffrn_source.voltage                     ? 
_diffrn_source.take-off_angle              ? 
_diffrn_source.pdbx_wavelength_list        0.99999 
_diffrn_source.pdbx_wavelength             ? 
_diffrn_source.pdbx_synchrotron_beamline   BL45XU 
_diffrn_source.pdbx_synchrotron_site       SPring-8 
# 
_reflns.B_iso_Wilson_estimate                          ? 
_reflns.entry_id                                       9J26 
_reflns.data_reduction_details                         ? 
_reflns.data_reduction_method                          ? 
_reflns.d_resolution_high                              1.45 
_reflns.d_resolution_low                               33.90 
_reflns.details                                        ? 
_reflns.limit_h_max                                    ? 
_reflns.limit_h_min                                    ? 
_reflns.limit_k_max                                    ? 
_reflns.limit_k_min                                    ? 
_reflns.limit_l_max                                    ? 
_reflns.limit_l_min                                    ? 
_reflns.number_all                                     ? 
_reflns.number_obs                                     18950 
_reflns.observed_criterion                             ? 
_reflns.observed_criterion_F_max                       ? 
_reflns.observed_criterion_F_min                       ? 
_reflns.observed_criterion_I_max                       ? 
_reflns.observed_criterion_I_min                       ? 
_reflns.observed_criterion_sigma_F                     ? 
_reflns.observed_criterion_sigma_I                     ? 
_reflns.percent_possible_obs                           95.6 
_reflns.R_free_details                                 ? 
_reflns.Rmerge_F_all                                   ? 
_reflns.Rmerge_F_obs                                   ? 
_reflns.Friedel_coverage                               ? 
_reflns.number_gt                                      ? 
_reflns.threshold_expression                           ? 
_reflns.pdbx_redundancy                                3.4 
_reflns.pdbx_netI_over_av_sigmaI                       ? 
_reflns.pdbx_netI_over_sigmaI                          11.1 
_reflns.pdbx_res_netI_over_av_sigmaI_2                 ? 
_reflns.pdbx_res_netI_over_sigmaI_2                    ? 
_reflns.pdbx_chi_squared                               ? 
_reflns.pdbx_scaling_rejects                           ? 
_reflns.pdbx_d_res_high_opt                            ? 
_reflns.pdbx_d_res_low_opt                             ? 
_reflns.pdbx_d_res_opt_method                          ? 
_reflns.phase_calculation_details                      ? 
_reflns.pdbx_Rrim_I_all                                ? 
_reflns.pdbx_Rpim_I_all                                ? 
_reflns.pdbx_d_opt                                     ? 
_reflns.pdbx_number_measured_all                       ? 
_reflns.pdbx_diffrn_id                                 1 
_reflns.pdbx_ordinal                                   1 
_reflns.pdbx_CC_half                                   0.992 
_reflns.pdbx_CC_star                                   ? 
_reflns.pdbx_R_split                                   ? 
_reflns.pdbx_Rmerge_I_obs                              ? 
_reflns.pdbx_Rmerge_I_all                              ? 
_reflns.pdbx_Rsym_value                                ? 
_reflns.pdbx_CC_split_method                           ? 
_reflns.pdbx_aniso_diffraction_limit_axis_1_ortho[1]   ? 
_reflns.pdbx_aniso_diffraction_limit_axis_1_ortho[2]   ? 
_reflns.pdbx_aniso_diffraction_limit_axis_1_ortho[3]   ? 
_reflns.pdbx_aniso_diffraction_limit_axis_2_ortho[1]   ? 
_reflns.pdbx_aniso_diffraction_limit_axis_2_ortho[2]   ? 
_reflns.pdbx_aniso_diffraction_limit_axis_2_ortho[3]   ? 
_reflns.pdbx_aniso_diffraction_limit_axis_3_ortho[1]   ? 
_reflns.pdbx_aniso_diffraction_limit_axis_3_ortho[2]   ? 
_reflns.pdbx_aniso_diffraction_limit_axis_3_ortho[3]   ? 
_reflns.pdbx_aniso_diffraction_limit_1                 ? 
_reflns.pdbx_aniso_diffraction_limit_2                 ? 
_reflns.pdbx_aniso_diffraction_limit_3                 ? 
_reflns.pdbx_aniso_B_tensor_eigenvector_1_ortho[1]     ? 
_reflns.pdbx_aniso_B_tensor_eigenvector_1_ortho[2]     ? 
_reflns.pdbx_aniso_B_tensor_eigenvector_1_ortho[3]     ? 
_reflns.pdbx_aniso_B_tensor_eigenvector_2_ortho[1]     ? 
_reflns.pdbx_aniso_B_tensor_eigenvector_2_ortho[2]     ? 
_reflns.pdbx_aniso_B_tensor_eigenvector_2_ortho[3]     ? 
_reflns.pdbx_aniso_B_tensor_eigenvector_3_ortho[1]     ? 
_reflns.pdbx_aniso_B_tensor_eigenvector_3_ortho[2]     ? 
_reflns.pdbx_aniso_B_tensor_eigenvector_3_ortho[3]     ? 
_reflns.pdbx_aniso_B_tensor_eigenvalue_1               ? 
_reflns.pdbx_aniso_B_tensor_eigenvalue_2               ? 
_reflns.pdbx_aniso_B_tensor_eigenvalue_3               ? 
_reflns.pdbx_orthogonalization_convention              ? 
_reflns.pdbx_percent_possible_ellipsoidal              ? 
_reflns.pdbx_percent_possible_spherical                ? 
_reflns.pdbx_percent_possible_ellipsoidal_anomalous    ? 
_reflns.pdbx_percent_possible_spherical_anomalous      ? 
_reflns.pdbx_redundancy_anomalous                      ? 
_reflns.pdbx_CC_half_anomalous                         ? 
_reflns.pdbx_absDiff_over_sigma_anomalous              ? 
_reflns.pdbx_percent_possible_anomalous                ? 
_reflns.pdbx_observed_signal_threshold                 ? 
_reflns.pdbx_signal_type                               ? 
_reflns.pdbx_signal_details                            ? 
_reflns.pdbx_signal_software_id                        ? 
# 
_reflns_shell.d_res_high                                    1.45 
_reflns_shell.d_res_low                                     1.48 
_reflns_shell.meanI_over_sigI_all                           ? 
_reflns_shell.meanI_over_sigI_obs                           ? 
_reflns_shell.number_measured_all                           ? 
_reflns_shell.number_measured_obs                           ? 
_reflns_shell.number_possible                               ? 
_reflns_shell.number_unique_all                             ? 
_reflns_shell.number_unique_obs                             894 
_reflns_shell.percent_possible_obs                          ? 
_reflns_shell.Rmerge_F_all                                  ? 
_reflns_shell.Rmerge_F_obs                                  ? 
_reflns_shell.meanI_over_sigI_gt                            ? 
_reflns_shell.meanI_over_uI_all                             ? 
_reflns_shell.meanI_over_uI_gt                              ? 
_reflns_shell.number_measured_gt                            ? 
_reflns_shell.number_unique_gt                              ? 
_reflns_shell.percent_possible_gt                           ? 
_reflns_shell.Rmerge_F_gt                                   ? 
_reflns_shell.Rmerge_I_gt                                   ? 
_reflns_shell.pdbx_redundancy                               ? 
_reflns_shell.pdbx_chi_squared                              ? 
_reflns_shell.pdbx_netI_over_sigmaI_all                     ? 
_reflns_shell.pdbx_netI_over_sigmaI_obs                     ? 
_reflns_shell.pdbx_Rrim_I_all                               ? 
_reflns_shell.pdbx_Rpim_I_all                               ? 
_reflns_shell.pdbx_rejects                                  ? 
_reflns_shell.pdbx_ordinal                                  1 
_reflns_shell.pdbx_diffrn_id                                1 
_reflns_shell.pdbx_CC_half                                  0.980 
_reflns_shell.pdbx_CC_star                                  ? 
_reflns_shell.pdbx_R_split                                  ? 
_reflns_shell.percent_possible_all                          ? 
_reflns_shell.Rmerge_I_all                                  ? 
_reflns_shell.Rmerge_I_obs                                  ? 
_reflns_shell.pdbx_Rsym_value                               ? 
_reflns_shell.pdbx_percent_possible_ellipsoidal             ? 
_reflns_shell.pdbx_percent_possible_spherical               ? 
_reflns_shell.pdbx_percent_possible_ellipsoidal_anomalous   ? 
_reflns_shell.pdbx_percent_possible_spherical_anomalous     ? 
_reflns_shell.pdbx_redundancy_anomalous                     ? 
_reflns_shell.pdbx_CC_half_anomalous                        ? 
_reflns_shell.pdbx_absDiff_over_sigma_anomalous             ? 
_reflns_shell.pdbx_percent_possible_anomalous               ? 
# 
_refine.aniso_B[1][1]                            0.089 
_refine.aniso_B[1][2]                            0.409 
_refine.aniso_B[1][3]                            -0.543 
_refine.aniso_B[2][2]                            -1.283 
_refine.aniso_B[2][3]                            0.194 
_refine.aniso_B[3][3]                            1.145 
_refine.B_iso_max                                ? 
_refine.B_iso_mean                               15.735 
_refine.B_iso_min                                ? 
_refine.correlation_coeff_Fo_to_Fc               0.970 
_refine.correlation_coeff_Fo_to_Fc_free          0.953 
_refine.details                                  'Hydrogens have been added in their riding positions' 
_refine.diff_density_max                         ? 
_refine.diff_density_max_esd                     ? 
_refine.diff_density_min                         ? 
_refine.diff_density_min_esd                     ? 
_refine.diff_density_rms                         ? 
_refine.diff_density_rms_esd                     ? 
_refine.entry_id                                 9J26 
_refine.pdbx_refine_id                           'X-RAY DIFFRACTION' 
_refine.ls_abs_structure_details                 ? 
_refine.ls_abs_structure_Flack                   ? 
_refine.ls_abs_structure_Flack_esd               ? 
_refine.ls_abs_structure_Rogers                  ? 
_refine.ls_abs_structure_Rogers_esd              ? 
_refine.ls_d_res_high                            1.450 
_refine.ls_d_res_low                             33.90 
_refine.ls_extinction_coef                       ? 
_refine.ls_extinction_coef_esd                   ? 
_refine.ls_extinction_expression                 ? 
_refine.ls_extinction_method                     ? 
_refine.ls_goodness_of_fit_all                   ? 
_refine.ls_goodness_of_fit_all_esd               ? 
_refine.ls_goodness_of_fit_obs                   ? 
_refine.ls_goodness_of_fit_obs_esd               ? 
_refine.ls_hydrogen_treatment                    ? 
_refine.ls_matrix_type                           ? 
_refine.ls_number_constraints                    ? 
_refine.ls_number_parameters                     ? 
_refine.ls_number_reflns_all                     ? 
_refine.ls_number_reflns_obs                     18949 
_refine.ls_number_reflns_R_free                  801 
_refine.ls_number_reflns_R_work                  18148 
_refine.ls_number_restraints                     ? 
_refine.ls_percent_reflns_obs                    95.591 
_refine.ls_percent_reflns_R_free                 4.227 
_refine.ls_R_factor_all                          0.164 
_refine.ls_R_factor_obs                          ? 
_refine.ls_R_factor_R_free                       0.2106 
_refine.ls_R_factor_R_free_error                 ? 
_refine.ls_R_factor_R_free_error_details         ? 
_refine.ls_R_factor_R_work                       0.1615 
_refine.ls_R_Fsqd_factor_obs                     ? 
_refine.ls_R_I_factor_obs                        ? 
_refine.ls_redundancy_reflns_all                 ? 
_refine.ls_redundancy_reflns_obs                 ? 
_refine.ls_restrained_S_all                      ? 
_refine.ls_restrained_S_obs                      ? 
_refine.ls_shift_over_esd_max                    ? 
_refine.ls_shift_over_esd_mean                   ? 
_refine.ls_structure_factor_coef                 ? 
_refine.ls_weighting_details                     ? 
_refine.ls_weighting_scheme                      ? 
_refine.ls_wR_factor_all                         ? 
_refine.ls_wR_factor_obs                         ? 
_refine.ls_wR_factor_R_free                      ? 
_refine.ls_wR_factor_R_work                      ? 
_refine.occupancy_max                            ? 
_refine.occupancy_min                            ? 
_refine.solvent_model_details                    'MASK BULK SOLVENT' 
_refine.solvent_model_param_bsol                 ? 
_refine.solvent_model_param_ksol                 ? 
_refine.pdbx_R_complete                          ? 
_refine.ls_R_factor_gt                           ? 
_refine.ls_goodness_of_fit_gt                    ? 
_refine.ls_goodness_of_fit_ref                   ? 
_refine.ls_shift_over_su_max                     ? 
_refine.ls_shift_over_su_max_lt                  ? 
_refine.ls_shift_over_su_mean                    ? 
_refine.ls_shift_over_su_mean_lt                 ? 
_refine.pdbx_ls_sigma_I                          ? 
_refine.pdbx_ls_sigma_F                          ? 
_refine.pdbx_ls_sigma_Fsqd                       ? 
_refine.pdbx_data_cutoff_high_absF               ? 
_refine.pdbx_data_cutoff_high_rms_absF           ? 
_refine.pdbx_data_cutoff_low_absF                ? 
_refine.pdbx_isotropic_thermal_model             ? 
_refine.pdbx_ls_cross_valid_method               'FREE R-VALUE' 
_refine.pdbx_method_to_determine_struct          'MOLECULAR REPLACEMENT' 
_refine.pdbx_starting_model                      1K6F 
_refine.pdbx_stereochemistry_target_values       ? 
_refine.pdbx_R_Free_selection_details            ? 
_refine.pdbx_stereochem_target_val_spec_case     ? 
_refine.pdbx_overall_ESU_R                       0.080 
_refine.pdbx_overall_ESU_R_Free                  0.087 
_refine.pdbx_solvent_vdw_probe_radii             1.200 
_refine.pdbx_solvent_ion_probe_radii             0.800 
_refine.pdbx_solvent_shrinkage_radii             0.800 
_refine.pdbx_real_space_R                        ? 
_refine.pdbx_density_correlation                 ? 
_refine.pdbx_pd_number_of_powder_patterns        ? 
_refine.pdbx_pd_number_of_points                 ? 
_refine.pdbx_pd_meas_number_of_points            ? 
_refine.pdbx_pd_proc_ls_prof_R_factor            ? 
_refine.pdbx_pd_proc_ls_prof_wR_factor           ? 
_refine.pdbx_pd_Marquardt_correlation_coeff      ? 
_refine.pdbx_pd_Fsqrd_R_factor                   ? 
_refine.pdbx_pd_ls_matrix_band_width             ? 
_refine.pdbx_overall_phase_error                 ? 
_refine.pdbx_overall_SU_R_free_Cruickshank_DPI   ? 
_refine.pdbx_overall_SU_R_free_Blow_DPI          ? 
_refine.pdbx_overall_SU_R_Blow_DPI               ? 
_refine.pdbx_TLS_residual_ADP_flag               ? 
_refine.pdbx_diffrn_id                           1 
_refine.overall_SU_B                             1.244 
_refine.overall_SU_ML                            0.049 
_refine.overall_SU_R_Cruickshank_DPI             ? 
_refine.overall_SU_R_free                        ? 
_refine.overall_FOM_free_R_set                   ? 
_refine.overall_FOM_work_R_set                   ? 
_refine.pdbx_average_fsc_overall                 ? 
_refine.pdbx_average_fsc_work                    ? 
_refine.pdbx_average_fsc_free                    ? 
# 
_refine_hist.pdbx_refine_id                   'X-RAY DIFFRACTION' 
_refine_hist.cycle_id                         LAST 
_refine_hist.pdbx_number_atoms_protein        1117 
_refine_hist.pdbx_number_atoms_nucleic_acid   0 
_refine_hist.pdbx_number_atoms_ligand         0 
_refine_hist.number_atoms_solvent             252 
_refine_hist.number_atoms_total               1369 
_refine_hist.d_res_high                       1.450 
_refine_hist.d_res_low                        33.90 
# 
loop_
_refine_ls_restr.pdbx_refine_id 
_refine_ls_restr.criterion 
_refine_ls_restr.dev_ideal 
_refine_ls_restr.dev_ideal_target 
_refine_ls_restr.number 
_refine_ls_restr.rejects 
_refine_ls_restr.type 
_refine_ls_restr.weight 
_refine_ls_restr.pdbx_restraint_function 
'X-RAY DIFFRACTION' ? 0.012  0.012  1209 ? r_bond_refined_d               ? ? 
'X-RAY DIFFRACTION' ? 0.001  0.017  992  ? r_bond_other_d                 ? ? 
'X-RAY DIFFRACTION' ? 1.645  1.863  1714 ? r_angle_refined_deg            ? ? 
'X-RAY DIFFRACTION' ? 0.550  1.613  2447 ? r_angle_other_deg              ? ? 
'X-RAY DIFFRACTION' ? 5.861  5.000  170  ? r_dihedral_angle_1_deg         ? ? 
'X-RAY DIFFRACTION' ? 5.522  5.000  6    ? r_dihedral_angle_2_deg         ? ? 
'X-RAY DIFFRACTION' ? 10.527 10.000 44   ? r_dihedral_angle_3_deg         ? ? 
'X-RAY DIFFRACTION' ? 18.340 10.000 19   ? r_dihedral_angle_6_deg         ? ? 
'X-RAY DIFFRACTION' ? 0.071  0.200  149  ? r_chiral_restr                 ? ? 
'X-RAY DIFFRACTION' ? 0.060  0.200  4    ? r_chiral_restr_other           ? ? 
'X-RAY DIFFRACTION' ? 0.010  0.020  1404 ? r_gen_planes_refined           ? ? 
'X-RAY DIFFRACTION' ? 0.001  0.020  148  ? r_gen_planes_other             ? ? 
'X-RAY DIFFRACTION' ? 0.194  0.200  426  ? r_nbd_refined                  ? ? 
'X-RAY DIFFRACTION' ? 0.180  0.200  975  ? r_symmetry_nbd_other           ? ? 
'X-RAY DIFFRACTION' ? 0.178  0.200  674  ? r_nbtor_refined                ? ? 
'X-RAY DIFFRACTION' ? 0.091  0.200  394  ? r_symmetry_nbtor_other         ? ? 
'X-RAY DIFFRACTION' ? 0.167  0.200  145  ? r_xyhbond_nbd_refined          ? ? 
'X-RAY DIFFRACTION' ? 0.194  0.200  8    ? r_symmetry_nbd_refined         ? ? 
'X-RAY DIFFRACTION' ? 0.152  0.200  97   ? r_nbd_other                    ? ? 
'X-RAY DIFFRACTION' ? 0.237  0.200  48   ? r_symmetry_xyhbond_nbd_refined ? ? 
'X-RAY DIFFRACTION' ? 1.821  1.706  692  ? r_mcbond_it                    ? ? 
'X-RAY DIFFRACTION' ? 1.817  1.703  691  ? r_mcbond_other                 ? ? 
'X-RAY DIFFRACTION' ? 2.703  3.029  855  ? r_mcangle_it                   ? ? 
'X-RAY DIFFRACTION' ? 2.702  3.030  856  ? r_mcangle_other                ? ? 
'X-RAY DIFFRACTION' ? 2.155  1.974  517  ? r_scbond_it                    ? ? 
'X-RAY DIFFRACTION' ? 2.153  1.976  518  ? r_scbond_other                 ? ? 
'X-RAY DIFFRACTION' ? 3.201  3.521  858  ? r_scangle_it                   ? ? 
'X-RAY DIFFRACTION' ? 3.199  3.522  859  ? r_scangle_other                ? ? 
'X-RAY DIFFRACTION' ? 4.827  25.860 1540 ? r_lrange_it                    ? ? 
'X-RAY DIFFRACTION' ? 4.560  17.055 1425 ? r_lrange_other                 ? ? 
'X-RAY DIFFRACTION' ? 0.141  0.050  463  ? r_ncsr_local_group_1           ? ? 
'X-RAY DIFFRACTION' ? 0.131  0.050  461  ? r_ncsr_local_group_2           ? ? 
'X-RAY DIFFRACTION' ? 0.093  0.050  467  ? r_ncsr_local_group_3           ? ? 
'X-RAY DIFFRACTION' ? 0.144  0.050  516  ? r_ncsr_local_group_4           ? ? 
'X-RAY DIFFRACTION' ? 0.120  0.050  519  ? r_ncsr_local_group_5           ? ? 
'X-RAY DIFFRACTION' ? 0.118  0.050  483  ? r_ncsr_local_group_6           ? ? 
'X-RAY DIFFRACTION' ? 0.100  0.050  443  ? r_ncsr_local_group_7           ? ? 
'X-RAY DIFFRACTION' ? 0.104  0.050  478  ? r_ncsr_local_group_8           ? ? 
'X-RAY DIFFRACTION' ? 0.108  0.050  471  ? r_ncsr_local_group_9           ? ? 
'X-RAY DIFFRACTION' ? 0.138  0.050  420  ? r_ncsr_local_group_10          ? ? 
'X-RAY DIFFRACTION' ? 0.121  0.050  470  ? r_ncsr_local_group_11          ? ? 
'X-RAY DIFFRACTION' ? 0.095  0.050  466  ? r_ncsr_local_group_12          ? ? 
'X-RAY DIFFRACTION' ? 0.122  0.050  467  ? r_ncsr_local_group_13          ? ? 
'X-RAY DIFFRACTION' ? 0.120  0.050  463  ? r_ncsr_local_group_14          ? ? 
'X-RAY DIFFRACTION' ? 0.129  0.050  520  ? r_ncsr_local_group_15          ? ? 
# 
loop_
_refine_ls_restr_ncs.pdbx_refine_id 
_refine_ls_restr_ncs.dom_id 
_refine_ls_restr_ncs.ncs_model_details 
_refine_ls_restr_ncs.rms_dev_B_iso 
_refine_ls_restr_ncs.rms_dev_position 
_refine_ls_restr_ncs.weight_B_iso 
_refine_ls_restr_ncs.weight_position 
_refine_ls_restr_ncs.pdbx_ordinal 
_refine_ls_restr_ncs.pdbx_type 
_refine_ls_restr_ncs.pdbx_asym_id 
_refine_ls_restr_ncs.pdbx_auth_asym_id 
_refine_ls_restr_ncs.pdbx_number 
_refine_ls_restr_ncs.pdbx_rms 
_refine_ls_restr_ncs.pdbx_weight 
_refine_ls_restr_ncs.pdbx_ens_id 
'X-RAY DIFFRACTION' 1  ? ? 0.14148 ? 0.05007 1  'Local ncs' ? A ? ? ? 1  
'X-RAY DIFFRACTION' 2  ? ? 0.14148 ? 0.05007 2  'Local ncs' ? A ? ? ? 1  
'X-RAY DIFFRACTION' 3  ? ? 0.13086 ? 0.05007 3  'Local ncs' ? A ? ? ? 2  
'X-RAY DIFFRACTION' 4  ? ? 0.13086 ? 0.05007 4  'Local ncs' ? A ? ? ? 2  
'X-RAY DIFFRACTION' 5  ? ? 0.09300 ? 0.05007 5  'Local ncs' ? A ? ? ? 3  
'X-RAY DIFFRACTION' 6  ? ? 0.09300 ? 0.05007 6  'Local ncs' ? A ? ? ? 3  
'X-RAY DIFFRACTION' 7  ? ? 0.14447 ? 0.05007 7  'Local ncs' ? A ? ? ? 4  
'X-RAY DIFFRACTION' 8  ? ? 0.14447 ? 0.05007 8  'Local ncs' ? A ? ? ? 4  
'X-RAY DIFFRACTION' 9  ? ? 0.11954 ? 0.05008 9  'Local ncs' ? A ? ? ? 5  
'X-RAY DIFFRACTION' 10 ? ? 0.11954 ? 0.05008 10 'Local ncs' ? A ? ? ? 5  
'X-RAY DIFFRACTION' 11 ? ? 0.11796 ? 0.05006 11 'Local ncs' ? A ? ? ? 6  
'X-RAY DIFFRACTION' 12 ? ? 0.11796 ? 0.05006 12 'Local ncs' ? A ? ? ? 6  
'X-RAY DIFFRACTION' 13 ? ? 0.09976 ? 0.05007 13 'Local ncs' ? A ? ? ? 7  
'X-RAY DIFFRACTION' 14 ? ? 0.09976 ? 0.05007 14 'Local ncs' ? A ? ? ? 7  
'X-RAY DIFFRACTION' 15 ? ? 0.10446 ? 0.05007 15 'Local ncs' ? A ? ? ? 8  
'X-RAY DIFFRACTION' 16 ? ? 0.10446 ? 0.05007 16 'Local ncs' ? A ? ? ? 8  
'X-RAY DIFFRACTION' 17 ? ? 0.10792 ? 0.05007 17 'Local ncs' ? A ? ? ? 9  
'X-RAY DIFFRACTION' 18 ? ? 0.10792 ? 0.05007 18 'Local ncs' ? A ? ? ? 9  
'X-RAY DIFFRACTION' 19 ? ? 0.13758 ? 0.05006 19 'Local ncs' ? A ? ? ? 10 
'X-RAY DIFFRACTION' 20 ? ? 0.13758 ? 0.05006 20 'Local ncs' ? A ? ? ? 10 
'X-RAY DIFFRACTION' 21 ? ? 0.12149 ? 0.05007 21 'Local ncs' ? A ? ? ? 11 
'X-RAY DIFFRACTION' 22 ? ? 0.12149 ? 0.05007 22 'Local ncs' ? A ? ? ? 11 
'X-RAY DIFFRACTION' 23 ? ? 0.09546 ? 0.05007 23 'Local ncs' ? A ? ? ? 12 
'X-RAY DIFFRACTION' 24 ? ? 0.09546 ? 0.05007 24 'Local ncs' ? A ? ? ? 12 
'X-RAY DIFFRACTION' 25 ? ? 0.12188 ? 0.05006 25 'Local ncs' ? A ? ? ? 13 
'X-RAY DIFFRACTION' 26 ? ? 0.12188 ? 0.05006 26 'Local ncs' ? A ? ? ? 13 
'X-RAY DIFFRACTION' 27 ? ? 0.11971 ? 0.05007 27 'Local ncs' ? A ? ? ? 14 
'X-RAY DIFFRACTION' 28 ? ? 0.11971 ? 0.05007 28 'Local ncs' ? A ? ? ? 14 
'X-RAY DIFFRACTION' 29 ? ? 0.12859 ? 0.05007 29 'Local ncs' ? A ? ? ? 15 
'X-RAY DIFFRACTION' 30 ? ? 0.12859 ? 0.05007 30 'Local ncs' ? A ? ? ? 15 
# 
loop_
_refine_ls_shell.pdbx_refine_id 
_refine_ls_shell.d_res_high 
_refine_ls_shell.d_res_low 
_refine_ls_shell.number_reflns_all 
_refine_ls_shell.number_reflns_obs 
_refine_ls_shell.number_reflns_R_free 
_refine_ls_shell.number_reflns_R_work 
_refine_ls_shell.percent_reflns_obs 
_refine_ls_shell.percent_reflns_R_free 
_refine_ls_shell.R_factor_all 
_refine_ls_shell.R_factor_obs 
_refine_ls_shell.R_factor_R_free_error 
_refine_ls_shell.R_factor_R_work 
_refine_ls_shell.redundancy_reflns_all 
_refine_ls_shell.redundancy_reflns_obs 
_refine_ls_shell.wR_factor_all 
_refine_ls_shell.wR_factor_obs 
_refine_ls_shell.wR_factor_R_free 
_refine_ls_shell.wR_factor_R_work 
_refine_ls_shell.pdbx_R_complete 
_refine_ls_shell.pdbx_total_number_of_bins_used 
_refine_ls_shell.pdbx_phase_error 
_refine_ls_shell.pdbx_fsc_work 
_refine_ls_shell.pdbx_fsc_free 
_refine_ls_shell.R_factor_R_free 
'X-RAY DIFFRACTION' 1.450 1.488 . . 52 1260 92.0702 . . . . 0.199 . . . . . . . . . . . 0.270 
'X-RAY DIFFRACTION' 1.488 1.528 . . 75 1352 94.5659 . . . . 0.188 . . . . . . . . . . . 0.252 
'X-RAY DIFFRACTION' 1.528 1.573 . . 72 1206 94.5966 . . . . 0.193 . . . . . . . . . . . 0.199 
'X-RAY DIFFRACTION' 1.573 1.621 . . 61 1201 95.1735 . . . . 0.177 . . . . . . . . . . . 0.204 
'X-RAY DIFFRACTION' 1.621 1.674 . . 51 1212 95.6818 . . . . 0.169 . . . . . . . . . . . 0.254 
'X-RAY DIFFRACTION' 1.674 1.732 . . 61 1170 95.5004 . . . . 0.189 . . . . . . . . . . . 0.232 
'X-RAY DIFFRACTION' 1.732 1.798 . . 42 1110 96.0000 . . . . 0.176 . . . . . . . . . . . 0.207 
'X-RAY DIFFRACTION' 1.798 1.871 . . 55 1072 96.6552 . . . . 0.159 . . . . . . . . . . . 0.224 
'X-RAY DIFFRACTION' 1.871 1.954 . . 42 1061 96.5849 . . . . 0.172 . . . . . . . . . . . 0.211 
'X-RAY DIFFRACTION' 1.954 2.049 . . 41 995  96.0148 . . . . 0.161 . . . . . . . . . . . 0.207 
'X-RAY DIFFRACTION' 2.049 2.159 . . 23 932  96.5622 . . . . 0.155 . . . . . . . . . . . 0.200 
'X-RAY DIFFRACTION' 2.159 2.290 . . 24 946  96.7099 . . . . 0.151 . . . . . . . . . . . 0.177 
'X-RAY DIFFRACTION' 2.290 2.447 . . 44 820  96.2138 . . . . 0.158 . . . . . . . . . . . 0.210 
'X-RAY DIFFRACTION' 2.447 2.642 . . 35 771  96.6427 . . . . 0.148 . . . . . . . . . . . 0.180 
'X-RAY DIFFRACTION' 2.642 2.892 . . 34 717  95.6688 . . . . 0.150 . . . . . . . . . . . 0.230 
'X-RAY DIFFRACTION' 2.892 3.231 . . 16 651  95.2857 . . . . 0.153 . . . . . . . . . . . 0.152 
'X-RAY DIFFRACTION' 3.231 3.725 . . 33 591  95.8525 . . . . 0.145 . . . . . . . . . . . 0.149 
'X-RAY DIFFRACTION' 3.725 4.548 . . 14 498  97.8968 . . . . 0.133 . . . . . . . . . . . 0.202 
'X-RAY DIFFRACTION' 4.548 6.375 . . 11 373  95.7606 . . . . 0.161 . . . . . . . . . . . 0.244 
'X-RAY DIFFRACTION' 6.375 33.90 . . 15 209  97.3913 . . . . 0.303 . . . . . . . . . . . 0.409 
# 
loop_
_struct_ncs_dom.id 
_struct_ncs_dom.pdbx_ens_id 
_struct_ncs_dom.details 
1  1  A 
2  1  A 
3  2  A 
4  2  A 
5  3  A 
6  3  A 
7  4  A 
8  4  A 
9  5  A 
10 5  A 
11 6  A 
12 6  A 
13 7  A 
14 7  A 
15 8  A 
16 8  A 
17 9  A 
18 9  A 
19 10 A 
20 10 A 
21 11 A 
22 11 A 
23 12 A 
24 12 A 
25 13 A 
26 13 A 
27 14 A 
28 14 A 
29 15 A 
30 15 A 
# 
loop_
_struct_ncs_dom_lim.pdbx_ens_id 
_struct_ncs_dom_lim.dom_id 
_struct_ncs_dom_lim.pdbx_component_id 
_struct_ncs_dom_lim.beg_label_asym_id 
_struct_ncs_dom_lim.beg_label_comp_id 
_struct_ncs_dom_lim.beg_label_seq_id 
_struct_ncs_dom_lim.beg_label_alt_id 
_struct_ncs_dom_lim.end_label_asym_id 
_struct_ncs_dom_lim.end_label_comp_id 
_struct_ncs_dom_lim.end_label_seq_id 
_struct_ncs_dom_lim.end_label_alt_id 
_struct_ncs_dom_lim.beg_auth_asym_id 
_struct_ncs_dom_lim.beg_auth_comp_id 
_struct_ncs_dom_lim.beg_auth_seq_id 
_struct_ncs_dom_lim.end_auth_asym_id 
_struct_ncs_dom_lim.end_auth_comp_id 
_struct_ncs_dom_lim.end_auth_seq_id 
_struct_ncs_dom_lim.pdbx_refine_code 
_struct_ncs_dom_lim.selection_details 
1  1  1  A GLY 3 . A HYP 29 . A GLY 3 A HYP 29 ? ? 
1  2  1  A GLY 3 . A HYP 29 . A GLY 3 A HYP 29 ? ? 
2  3  2  A GLY 3 . A HYP 29 . A GLY 3 A HYP 29 ? ? 
2  4  2  A GLY 3 . A HYP 29 . A GLY 3 A HYP 29 ? ? 
3  5  3  A PRO 1 . A GLY 27 . A PRO 1 A GLY 27 ? ? 
3  6  3  A PRO 1 . A GLY 27 . A PRO 1 A GLY 27 ? ? 
4  7  4  A PRO 1 . A GLY 30 . A PRO 1 A GLY 30 ? ? 
4  8  4  A PRO 1 . A GLY 30 . A PRO 1 A GLY 30 ? ? 
5  9  5  A PRO 1 . A GLY 30 . A PRO 1 A GLY 30 ? ? 
5  10 5  A PRO 1 . A GLY 30 . A PRO 1 A GLY 30 ? ? 
6  11 6  A GLY 3 . A GLY 30 . A GLY 3 A GLY 30 ? ? 
6  12 6  A GLY 3 . A GLY 30 . A GLY 3 A GLY 30 ? ? 
7  13 7  A GLY 3 . A GLY 27 . A GLY 3 A GLY 27 ? ? 
7  14 7  A GLY 3 . A GLY 27 . A GLY 3 A GLY 27 ? ? 
8  15 8  A GLY 3 . A HYP 29 . A GLY 3 A HYP 29 ? ? 
8  16 8  A GLY 3 . A HYP 29 . A GLY 3 A HYP 29 ? ? 
9  17 9  A GLY 3 . A HYP 29 . A GLY 3 A HYP 29 ? ? 
9  18 9  A GLY 3 . A HYP 29 . A GLY 3 A HYP 29 ? ? 
10 19 10 A GLY 3 . A GLY 27 . A GLY 3 A GLY 27 ? ? 
10 20 10 A GLY 3 . A GLY 27 . A GLY 3 A GLY 27 ? ? 
11 21 11 A GLY 3 . A HYP 29 . A GLY 3 A HYP 29 ? ? 
11 22 11 A GLY 3 . A HYP 29 . A GLY 3 A HYP 29 ? ? 
12 23 12 A GLY 3 . A HYP 29 . A GLY 3 A HYP 29 ? ? 
12 24 12 A GLY 3 . A HYP 29 . A GLY 3 A HYP 29 ? ? 
13 25 13 A PRO 1 . A GLY 27 . A PRO 1 A GLY 27 ? ? 
13 26 13 A PRO 1 . A GLY 27 . A PRO 1 A GLY 27 ? ? 
14 27 14 A PRO 1 . A GLY 27 . A PRO 1 A GLY 27 ? ? 
14 28 14 A PRO 1 . A GLY 27 . A PRO 1 A GLY 27 ? ? 
15 29 15 A PRO 1 . A GLY 30 . A PRO 1 A GLY 30 ? ? 
15 30 15 A PRO 1 . A GLY 30 . A PRO 1 A GLY 30 ? ? 
# 
loop_
_struct_ncs_ens.id 
_struct_ncs_ens.details 
1  'Local NCS retraints between domains:       1       2' 
2  'Local NCS retraints between domains:       3       4' 
3  'Local NCS retraints between domains:       5       6' 
4  'Local NCS retraints between domains:       7       8' 
5  'Local NCS retraints between domains:       9      10' 
6  'Local NCS retraints between domains:      11      12' 
7  'Local NCS retraints between domains:      13      14' 
8  'Local NCS retraints between domains:      15      16' 
9  'Local NCS retraints between domains:      17      18' 
10 'Local NCS retraints between domains:      19      20' 
11 'Local NCS retraints between domains:      21      22' 
12 'Local NCS retraints between domains:      23      24' 
13 'Local NCS retraints between domains:      25      26' 
14 'Local NCS retraints between domains:      27      28' 
15 'Local NCS retraints between domains:      29      30' 
# 
_struct.entry_id                     9J26 
_struct.title                        'Structure of a triple-helix region of human Collagen type IV from Trautec' 
_struct.pdbx_model_details           ? 
_struct.pdbx_formula_weight          ? 
_struct.pdbx_formula_weight_method   ? 
_struct.pdbx_model_type_details      ? 
_struct.pdbx_CASP_flag               N 
# 
_struct_keywords.entry_id        9J26 
_struct_keywords.text            'Human collagen IV, Triple-helix, STRUCTURAL PROTEIN' 
_struct_keywords.pdbx_keywords   'STRUCTURAL PROTEIN' 
# 
loop_
_struct_asym.id 
_struct_asym.pdbx_blank_PDB_chainid_flag 
_struct_asym.pdbx_modified 
_struct_asym.entity_id 
_struct_asym.details 
A N N 1 ? 
B N N 1 ? 
C N N 1 ? 
D N N 1 ? 
E N N 1 ? 
F N N 1 ? 
G N N 2 ? 
H N N 2 ? 
I N N 2 ? 
J N N 2 ? 
K N N 2 ? 
L N N 2 ? 
# 
_struct_ref.id                         1 
_struct_ref.db_name                    PDB 
_struct_ref.db_code                    9J26 
_struct_ref.pdbx_db_accession          9J26 
_struct_ref.pdbx_db_isoform            ? 
_struct_ref.entity_id                  1 
_struct_ref.pdbx_seq_one_letter_code   ? 
_struct_ref.pdbx_align_begin           1 
# 
loop_
_struct_ref_seq.align_id 
_struct_ref_seq.ref_id 
_struct_ref_seq.pdbx_PDB_id_code 
_struct_ref_seq.pdbx_strand_id 
_struct_ref_seq.seq_align_beg 
_struct_ref_seq.pdbx_seq_align_beg_ins_code 
_struct_ref_seq.seq_align_end 
_struct_ref_seq.pdbx_seq_align_end_ins_code 
_struct_ref_seq.pdbx_db_accession 
_struct_ref_seq.db_align_beg 
_struct_ref_seq.pdbx_db_align_beg_ins_code 
_struct_ref_seq.db_align_end 
_struct_ref_seq.pdbx_db_align_end_ins_code 
_struct_ref_seq.pdbx_auth_seq_align_beg 
_struct_ref_seq.pdbx_auth_seq_align_end 
1 1 9J26 A 1 ? 30 ? 9J26 1 ? 30 ? 1 30 
2 1 9J26 B 1 ? 30 ? 9J26 1 ? 30 ? 1 30 
3 1 9J26 C 1 ? 30 ? 9J26 1 ? 30 ? 1 30 
4 1 9J26 D 1 ? 30 ? 9J26 1 ? 30 ? 1 30 
5 1 9J26 E 1 ? 30 ? 9J26 1 ? 30 ? 1 30 
6 1 9J26 F 1 ? 30 ? 9J26 1 ? 30 ? 1 30 
# 
loop_
_pdbx_struct_assembly.id 
_pdbx_struct_assembly.details 
_pdbx_struct_assembly.method_details 
_pdbx_struct_assembly.oligomeric_details 
_pdbx_struct_assembly.oligomeric_count 
1 author_and_software_defined_assembly PISA trimeric 3 
2 author_and_software_defined_assembly PISA trimeric 3 
# 
loop_
_pdbx_struct_assembly_prop.biol_id 
_pdbx_struct_assembly_prop.type 
_pdbx_struct_assembly_prop.value 
_pdbx_struct_assembly_prop.details 
1 'ABSA (A^2)' 5030 ? 
1 MORE         -23  ? 
1 'SSA (A^2)'  5020 ? 
2 'ABSA (A^2)' 5000 ? 
2 MORE         -25  ? 
2 'SSA (A^2)'  5350 ? 
# 
loop_
_pdbx_struct_assembly_gen.assembly_id 
_pdbx_struct_assembly_gen.oper_expression 
_pdbx_struct_assembly_gen.asym_id_list 
1 1 A,B,C,G,H,I 
2 1 D,E,F,J,K,L 
# 
_pdbx_struct_assembly_auth_evidence.id                     1 
_pdbx_struct_assembly_auth_evidence.assembly_id            1 
_pdbx_struct_assembly_auth_evidence.experimental_support   homology 
_pdbx_struct_assembly_auth_evidence.details                ? 
# 
_pdbx_struct_oper_list.id                   1 
_pdbx_struct_oper_list.type                 'identity operation' 
_pdbx_struct_oper_list.name                 1_555 
_pdbx_struct_oper_list.symmetry_operation   x,y,z 
_pdbx_struct_oper_list.matrix[1][1]         1.0000000000 
_pdbx_struct_oper_list.matrix[1][2]         0.0000000000 
_pdbx_struct_oper_list.matrix[1][3]         0.0000000000 
_pdbx_struct_oper_list.vector[1]            0.0000000000 
_pdbx_struct_oper_list.matrix[2][1]         0.0000000000 
_pdbx_struct_oper_list.matrix[2][2]         1.0000000000 
_pdbx_struct_oper_list.matrix[2][3]         0.0000000000 
_pdbx_struct_oper_list.vector[2]            0.0000000000 
_pdbx_struct_oper_list.matrix[3][1]         0.0000000000 
_pdbx_struct_oper_list.matrix[3][2]         0.0000000000 
_pdbx_struct_oper_list.matrix[3][3]         1.0000000000 
_pdbx_struct_oper_list.vector[3]            0.0000000000 
# 
loop_
_struct_conn.id 
_struct_conn.conn_type_id 
_struct_conn.pdbx_leaving_atom_flag 
_struct_conn.pdbx_PDB_id 
_struct_conn.ptnr1_label_asym_id 
_struct_conn.ptnr1_label_comp_id 
_struct_conn.ptnr1_label_seq_id 
_struct_conn.ptnr1_label_atom_id 
_struct_conn.pdbx_ptnr1_label_alt_id 
_struct_conn.pdbx_ptnr1_PDB_ins_code 
_struct_conn.pdbx_ptnr1_standard_comp_id 
_struct_conn.ptnr1_symmetry 
_struct_conn.ptnr2_label_asym_id 
_struct_conn.ptnr2_label_comp_id 
_struct_conn.ptnr2_label_seq_id 
_struct_conn.ptnr2_label_atom_id 
_struct_conn.pdbx_ptnr2_label_alt_id 
_struct_conn.pdbx_ptnr2_PDB_ins_code 
_struct_conn.ptnr1_auth_asym_id 
_struct_conn.ptnr1_auth_comp_id 
_struct_conn.ptnr1_auth_seq_id 
_struct_conn.ptnr2_auth_asym_id 
_struct_conn.ptnr2_auth_comp_id 
_struct_conn.ptnr2_auth_seq_id 
_struct_conn.ptnr2_symmetry 
_struct_conn.pdbx_ptnr3_label_atom_id 
_struct_conn.pdbx_ptnr3_label_seq_id 
_struct_conn.pdbx_ptnr3_label_comp_id 
_struct_conn.pdbx_ptnr3_label_asym_id 
_struct_conn.pdbx_ptnr3_label_alt_id 
_struct_conn.pdbx_ptnr3_PDB_ins_code 
_struct_conn.details 
_struct_conn.pdbx_dist_value 
_struct_conn.pdbx_value_order 
_struct_conn.pdbx_role 
covale1  covale both ? A PRO 1  C ? ? ? 1_555 A HYP 2  N ? ? A PRO 1  A HYP 2  1_555 ? ? ? ? ? ? ? 1.353 ? ? 
covale2  covale both ? A HYP 2  C ? ? ? 1_555 A GLY 3  N ? ? A HYP 2  A GLY 3  1_555 ? ? ? ? ? ? ? 1.343 ? ? 
covale3  covale both ? A PRO 4  C ? ? ? 1_555 A HYP 5  N ? ? A PRO 4  A HYP 5  1_555 ? ? ? ? ? ? ? 1.348 ? ? 
covale4  covale both ? A HYP 5  C ? ? ? 1_555 A GLY 6  N ? ? A HYP 5  A GLY 6  1_555 ? ? ? ? ? ? ? 1.343 ? ? 
covale5  covale both ? A PRO 7  C ? ? ? 1_555 A HYP 8  N ? ? A PRO 7  A HYP 8  1_555 ? ? ? ? ? ? ? 1.347 ? ? 
covale6  covale both ? A HYP 8  C ? ? ? 1_555 A GLY 9  N ? ? A HYP 8  A GLY 9  1_555 ? ? ? ? ? ? ? 1.324 ? ? 
covale7  covale both ? A PRO 22 C ? ? ? 1_555 A HYP 23 N ? ? A PRO 22 A HYP 23 1_555 ? ? ? ? ? ? ? 1.351 ? ? 
covale8  covale both ? A HYP 23 C ? ? ? 1_555 A GLY 24 N ? ? A HYP 23 A GLY 24 1_555 ? ? ? ? ? ? ? 1.314 ? ? 
covale9  covale both ? A PRO 25 C ? ? ? 1_555 A HYP 26 N ? ? A PRO 25 A HYP 26 1_555 ? ? ? ? ? ? ? 1.343 ? ? 
covale10 covale both ? A HYP 26 C ? ? ? 1_555 A GLY 27 N ? ? A HYP 26 A GLY 27 1_555 ? ? ? ? ? ? ? 1.334 ? ? 
covale11 covale both ? A PRO 28 C ? ? ? 1_555 A HYP 29 N ? ? A PRO 28 A HYP 29 1_555 ? ? ? ? ? ? ? 1.345 ? ? 
covale12 covale both ? A HYP 29 C ? ? ? 1_555 A GLY 30 N ? ? A HYP 29 A GLY 30 1_555 ? ? ? ? ? ? ? 1.347 ? ? 
covale13 covale both ? B PRO 4  C ? ? ? 1_555 B HYP 5  N ? ? B PRO 4  B HYP 5  1_555 ? ? ? ? ? ? ? 1.348 ? ? 
covale14 covale both ? B HYP 5  C ? ? ? 1_555 B GLY 6  N ? ? B HYP 5  B GLY 6  1_555 ? ? ? ? ? ? ? 1.318 ? ? 
covale15 covale both ? B PRO 7  C ? ? ? 1_555 B HYP 8  N ? ? B PRO 7  B HYP 8  1_555 ? ? ? ? ? ? ? 1.344 ? ? 
covale16 covale both ? B HYP 8  C ? ? ? 1_555 B GLY 9  N ? ? B HYP 8  B GLY 9  1_555 ? ? ? ? ? ? ? 1.325 ? ? 
covale17 covale both ? B PRO 22 C ? ? ? 1_555 B HYP 23 N ? ? B PRO 22 B HYP 23 1_555 ? ? ? ? ? ? ? 1.339 ? ? 
covale18 covale both ? B HYP 23 C ? ? ? 1_555 B GLY 24 N ? ? B HYP 23 B GLY 24 1_555 ? ? ? ? ? ? ? 1.345 ? ? 
covale19 covale both ? B PRO 25 C ? ? ? 1_555 B HYP 26 N ? ? B PRO 25 B HYP 26 1_555 ? ? ? ? ? ? ? 1.335 ? ? 
covale20 covale both ? B HYP 26 C ? ? ? 1_555 B GLY 27 N ? ? B HYP 26 B GLY 27 1_555 ? ? ? ? ? ? ? 1.323 ? ? 
covale21 covale both ? B PRO 28 C ? ? ? 1_555 B HYP 29 N ? ? B PRO 28 B HYP 29 1_555 ? ? ? ? ? ? ? 1.346 ? ? 
covale22 covale both ? B HYP 29 C ? ? ? 1_555 B GLY 30 N ? ? B HYP 29 B GLY 30 1_555 ? ? ? ? ? ? ? 1.327 ? ? 
covale23 covale both ? C PRO 4  C ? ? ? 1_555 C HYP 5  N ? ? C PRO 4  C HYP 5  1_555 ? ? ? ? ? ? ? 1.346 ? ? 
covale24 covale both ? C HYP 5  C ? ? ? 1_555 C GLY 6  N ? ? C HYP 5  C GLY 6  1_555 ? ? ? ? ? ? ? 1.329 ? ? 
covale25 covale both ? C PRO 7  C ? ? ? 1_555 C HYP 8  N ? ? C PRO 7  C HYP 8  1_555 ? ? ? ? ? ? ? 1.338 ? ? 
covale26 covale both ? C HYP 8  C ? ? ? 1_555 C GLY 9  N ? ? C HYP 8  C GLY 9  1_555 ? ? ? ? ? ? ? 1.328 ? ? 
covale27 covale both ? C PRO 22 C ? ? ? 1_555 C HYP 23 N ? ? C PRO 22 C HYP 23 1_555 ? ? ? ? ? ? ? 1.333 ? ? 
covale28 covale both ? C HYP 23 C ? ? ? 1_555 C GLY 24 N ? ? C HYP 23 C GLY 24 1_555 ? ? ? ? ? ? ? 1.329 ? ? 
covale29 covale both ? C PRO 25 C ? ? ? 1_555 C HYP 26 N ? ? C PRO 25 C HYP 26 1_555 ? ? ? ? ? ? ? 1.345 ? ? 
covale30 covale both ? C HYP 26 C ? ? ? 1_555 C GLY 27 N ? ? C HYP 26 C GLY 27 1_555 ? ? ? ? ? ? ? 1.314 ? ? 
covale31 covale both ? C PRO 28 C ? ? ? 1_555 C HYP 29 N ? ? C PRO 28 C HYP 29 1_555 ? ? ? ? ? ? ? 1.353 ? ? 
covale32 covale both ? C HYP 29 C ? ? ? 1_555 C GLY 30 N ? ? C HYP 29 C GLY 30 1_555 ? ? ? ? ? ? ? 1.331 ? ? 
covale33 covale both ? D PRO 1  C ? ? ? 1_555 D HYP 2  N ? ? D PRO 1  D HYP 2  1_555 ? ? ? ? ? ? ? 1.351 ? ? 
covale34 covale both ? D HYP 2  C ? ? ? 1_555 D GLY 3  N ? ? D HYP 2  D GLY 3  1_555 ? ? ? ? ? ? ? 1.332 ? ? 
covale35 covale both ? D PRO 4  C ? ? ? 1_555 D HYP 5  N ? ? D PRO 4  D HYP 5  1_555 ? ? ? ? ? ? ? 1.350 ? ? 
covale36 covale both ? D HYP 5  C ? ? ? 1_555 D GLY 6  N ? ? D HYP 5  D GLY 6  1_555 ? ? ? ? ? ? ? 1.333 ? ? 
covale37 covale both ? D PRO 7  C ? ? ? 1_555 D HYP 8  N ? ? D PRO 7  D HYP 8  1_555 ? ? ? ? ? ? ? 1.342 ? ? 
covale38 covale both ? D HYP 8  C ? ? ? 1_555 D GLY 9  N ? ? D HYP 8  D GLY 9  1_555 ? ? ? ? ? ? ? 1.327 ? ? 
covale39 covale both ? D PRO 22 C ? ? ? 1_555 D HYP 23 N ? ? D PRO 22 D HYP 23 1_555 ? ? ? ? ? ? ? 1.340 ? ? 
covale40 covale both ? D HYP 23 C ? ? ? 1_555 D GLY 24 N ? ? D HYP 23 D GLY 24 1_555 ? ? ? ? ? ? ? 1.336 ? ? 
covale41 covale both ? D PRO 25 C ? ? ? 1_555 D HYP 26 N ? ? D PRO 25 D HYP 26 1_555 ? ? ? ? ? ? ? 1.353 ? ? 
covale42 covale both ? D HYP 26 C ? ? ? 1_555 D GLY 27 N ? ? D HYP 26 D GLY 27 1_555 ? ? ? ? ? ? ? 1.320 ? ? 
covale43 covale both ? E PRO 1  C ? ? ? 1_555 E HYP 2  N ? ? E PRO 1  E HYP 2  1_555 ? ? ? ? ? ? ? 1.353 ? ? 
covale44 covale both ? E HYP 2  C ? ? ? 1_555 E GLY 3  N ? ? E HYP 2  E GLY 3  1_555 ? ? ? ? ? ? ? 1.328 ? ? 
covale45 covale both ? E PRO 4  C ? ? ? 1_555 E HYP 5  N ? ? E PRO 4  E HYP 5  1_555 ? ? ? ? ? ? ? 1.350 ? ? 
covale46 covale both ? E HYP 5  C ? ? ? 1_555 E GLY 6  N ? ? E HYP 5  E GLY 6  1_555 ? ? ? ? ? ? ? 1.333 ? ? 
covale47 covale both ? E PRO 7  C ? ? ? 1_555 E HYP 8  N ? ? E PRO 7  E HYP 8  1_555 ? ? ? ? ? ? ? 1.337 ? ? 
covale48 covale both ? E HYP 8  C ? ? ? 1_555 E GLY 9  N ? ? E HYP 8  E GLY 9  1_555 ? ? ? ? ? ? ? 1.345 ? ? 
covale49 covale both ? E PRO 22 C ? ? ? 1_555 E HYP 23 N ? ? E PRO 22 E HYP 23 1_555 ? ? ? ? ? ? ? 1.333 ? ? 
covale50 covale both ? E HYP 23 C ? ? ? 1_555 E GLY 24 N ? ? E HYP 23 E GLY 24 1_555 ? ? ? ? ? ? ? 1.314 ? ? 
covale51 covale both ? E PRO 25 C ? ? ? 1_555 E HYP 26 N ? ? E PRO 25 E HYP 26 1_555 ? ? ? ? ? ? ? 1.342 ? ? 
covale52 covale both ? E HYP 26 C ? ? ? 1_555 E GLY 27 N ? ? E HYP 26 E GLY 27 1_555 ? ? ? ? ? ? ? 1.346 ? ? 
covale53 covale both ? E PRO 28 C ? ? ? 1_555 E HYP 29 N ? ? E PRO 28 E HYP 29 1_555 ? ? ? ? ? ? ? 1.346 ? ? 
covale54 covale both ? E HYP 29 C ? ? ? 1_555 E GLY 30 N ? ? E HYP 29 E GLY 30 1_555 ? ? ? ? ? ? ? 1.345 ? ? 
covale55 covale both ? F PRO 1  C ? ? ? 1_555 F HYP 2  N ? ? F PRO 1  F HYP 2  1_555 ? ? ? ? ? ? ? 1.356 ? ? 
covale56 covale both ? F HYP 2  C ? ? ? 1_555 F GLY 3  N ? ? F HYP 2  F GLY 3  1_555 ? ? ? ? ? ? ? 1.335 ? ? 
covale57 covale both ? F PRO 4  C ? ? ? 1_555 F HYP 5  N ? ? F PRO 4  F HYP 5  1_555 ? ? ? ? ? ? ? 1.353 ? ? 
covale58 covale both ? F HYP 5  C ? ? ? 1_555 F GLY 6  N ? ? F HYP 5  F GLY 6  1_555 ? ? ? ? ? ? ? 1.332 ? ? 
covale59 covale both ? F PRO 7  C ? ? ? 1_555 F HYP 8  N ? ? F PRO 7  F HYP 8  1_555 ? ? ? ? ? ? ? 1.344 ? ? 
covale60 covale both ? F HYP 8  C ? ? ? 1_555 F GLY 9  N ? ? F HYP 8  F GLY 9  1_555 ? ? ? ? ? ? ? 1.332 ? ? 
covale61 covale both ? F PRO 22 C ? ? ? 1_555 F HYP 23 N ? ? F PRO 22 F HYP 23 1_555 ? ? ? ? ? ? ? 1.342 ? ? 
covale62 covale both ? F HYP 23 C ? ? ? 1_555 F GLY 24 N ? ? F HYP 23 F GLY 24 1_555 ? ? ? ? ? ? ? 1.336 ? ? 
covale63 covale both ? F PRO 25 C ? ? ? 1_555 F HYP 26 N ? ? F PRO 25 F HYP 26 1_555 ? ? ? ? ? ? ? 1.343 ? ? 
covale64 covale both ? F HYP 26 C ? ? ? 1_555 F GLY 27 N ? ? F HYP 26 F GLY 27 1_555 ? ? ? ? ? ? ? 1.321 ? ? 
covale65 covale both ? F PRO 28 C ? ? ? 1_555 F HYP 29 N ? ? F PRO 28 F HYP 29 1_555 ? ? ? ? ? ? ? 1.354 ? ? 
covale66 covale both ? F HYP 29 C ? ? ? 1_555 F GLY 30 N ? ? F HYP 29 F GLY 30 1_555 ? ? ? ? ? ? ? 1.346 ? ? 
# 
_struct_conn_type.id          covale 
_struct_conn_type.criteria    ? 
_struct_conn_type.reference   ? 
# 
loop_
_pdbx_validate_symm_contact.id 
_pdbx_validate_symm_contact.PDB_model_num 
_pdbx_validate_symm_contact.auth_atom_id_1 
_pdbx_validate_symm_contact.auth_asym_id_1 
_pdbx_validate_symm_contact.auth_comp_id_1 
_pdbx_validate_symm_contact.auth_seq_id_1 
_pdbx_validate_symm_contact.PDB_ins_code_1 
_pdbx_validate_symm_contact.label_alt_id_1 
_pdbx_validate_symm_contact.site_symmetry_1 
_pdbx_validate_symm_contact.auth_atom_id_2 
_pdbx_validate_symm_contact.auth_asym_id_2 
_pdbx_validate_symm_contact.auth_comp_id_2 
_pdbx_validate_symm_contact.auth_seq_id_2 
_pdbx_validate_symm_contact.PDB_ins_code_2 
_pdbx_validate_symm_contact.label_alt_id_2 
_pdbx_validate_symm_contact.site_symmetry_2 
_pdbx_validate_symm_contact.dist 
1 1 O A HOH 108 ? ? 1_555 O D HOH 110 ? ? 1_565 1.89 
2 1 O C HOH 132 ? ? 1_555 O F HOH 140 ? ? 1_646 2.15 
3 1 O B HOH 129 ? ? 1_555 O F HOH 135 ? ? 1_565 2.19 
# 
_pdbx_entry_details.entry_id                 9J26 
_pdbx_entry_details.has_ligand_of_interest   Y 
_pdbx_entry_details.compound_details         ? 
_pdbx_entry_details.source_details           ? 
_pdbx_entry_details.nonpolymer_details       ? 
_pdbx_entry_details.sequence_details         ? 
# 
loop_
_pdbx_unobs_or_zero_occ_residues.id 
_pdbx_unobs_or_zero_occ_residues.PDB_model_num 
_pdbx_unobs_or_zero_occ_residues.polymer_flag 
_pdbx_unobs_or_zero_occ_residues.occupancy_flag 
_pdbx_unobs_or_zero_occ_residues.auth_asym_id 
_pdbx_unobs_or_zero_occ_residues.auth_comp_id 
_pdbx_unobs_or_zero_occ_residues.auth_seq_id 
_pdbx_unobs_or_zero_occ_residues.PDB_ins_code 
_pdbx_unobs_or_zero_occ_residues.label_asym_id 
_pdbx_unobs_or_zero_occ_residues.label_comp_id 
_pdbx_unobs_or_zero_occ_residues.label_seq_id 
1 1 Y 1 B PRO 1  ? B PRO 1  
2 1 Y 1 B HYP 2  ? B HYP 2  
3 1 Y 1 C PRO 1  ? C PRO 1  
4 1 Y 1 C HYP 2  ? C HYP 2  
5 1 Y 1 D HYP 29 ? D HYP 29 
6 1 Y 1 D GLY 30 ? D GLY 30 
# 
loop_
_chem_comp_atom.comp_id 
_chem_comp_atom.atom_id 
_chem_comp_atom.type_symbol 
_chem_comp_atom.pdbx_aromatic_flag 
_chem_comp_atom.pdbx_stereo_config 
_chem_comp_atom.pdbx_ordinal 
ARG N    N N N 1   
ARG CA   C N S 2   
ARG C    C N N 3   
ARG O    O N N 4   
ARG CB   C N N 5   
ARG CG   C N N 6   
ARG CD   C N N 7   
ARG NE   N N N 8   
ARG CZ   C N N 9   
ARG NH1  N N N 10  
ARG NH2  N N N 11  
ARG OXT  O N N 12  
ARG H    H N N 13  
ARG H2   H N N 14  
ARG HA   H N N 15  
ARG HB2  H N N 16  
ARG HB3  H N N 17  
ARG HG2  H N N 18  
ARG HG3  H N N 19  
ARG HD2  H N N 20  
ARG HD3  H N N 21  
ARG HE   H N N 22  
ARG HH11 H N N 23  
ARG HH12 H N N 24  
ARG HH21 H N N 25  
ARG HH22 H N N 26  
ARG HXT  H N N 27  
GLU N    N N N 28  
GLU CA   C N S 29  
GLU C    C N N 30  
GLU O    O N N 31  
GLU CB   C N N 32  
GLU CG   C N N 33  
GLU CD   C N N 34  
GLU OE1  O N N 35  
GLU OE2  O N N 36  
GLU OXT  O N N 37  
GLU H    H N N 38  
GLU H2   H N N 39  
GLU HA   H N N 40  
GLU HB2  H N N 41  
GLU HB3  H N N 42  
GLU HG2  H N N 43  
GLU HG3  H N N 44  
GLU HE2  H N N 45  
GLU HXT  H N N 46  
GLY N    N N N 47  
GLY CA   C N N 48  
GLY C    C N N 49  
GLY O    O N N 50  
GLY OXT  O N N 51  
GLY H    H N N 52  
GLY H2   H N N 53  
GLY HA2  H N N 54  
GLY HA3  H N N 55  
GLY HXT  H N N 56  
HOH O    O N N 57  
HOH H1   H N N 58  
HOH H2   H N N 59  
HYP N    N N N 60  
HYP CA   C N S 61  
HYP C    C N N 62  
HYP O    O N N 63  
HYP CB   C N N 64  
HYP CG   C N R 65  
HYP CD   C N N 66  
HYP OD1  O N N 67  
HYP OXT  O N N 68  
HYP H    H N N 69  
HYP HA   H N N 70  
HYP HB2  H N N 71  
HYP HB3  H N N 72  
HYP HG   H N N 73  
HYP HD22 H N N 74  
HYP HD23 H N N 75  
HYP HD1  H N N 76  
HYP HXT  H N N 77  
PHE N    N N N 78  
PHE CA   C N S 79  
PHE C    C N N 80  
PHE O    O N N 81  
PHE CB   C N N 82  
PHE CG   C Y N 83  
PHE CD1  C Y N 84  
PHE CD2  C Y N 85  
PHE CE1  C Y N 86  
PHE CE2  C Y N 87  
PHE CZ   C Y N 88  
PHE OXT  O N N 89  
PHE H    H N N 90  
PHE H2   H N N 91  
PHE HA   H N N 92  
PHE HB2  H N N 93  
PHE HB3  H N N 94  
PHE HD1  H N N 95  
PHE HD2  H N N 96  
PHE HE1  H N N 97  
PHE HE2  H N N 98  
PHE HZ   H N N 99  
PHE HXT  H N N 100 
PRO N    N N N 101 
PRO CA   C N S 102 
PRO C    C N N 103 
PRO O    O N N 104 
PRO CB   C N N 105 
PRO CG   C N N 106 
PRO CD   C N N 107 
PRO OXT  O N N 108 
PRO H    H N N 109 
PRO HA   H N N 110 
PRO HB2  H N N 111 
PRO HB3  H N N 112 
PRO HG2  H N N 113 
PRO HG3  H N N 114 
PRO HD2  H N N 115 
PRO HD3  H N N 116 
PRO HXT  H N N 117 
VAL N    N N N 118 
VAL CA   C N S 119 
VAL C    C N N 120 
VAL O    O N N 121 
VAL CB   C N N 122 
VAL CG1  C N N 123 
VAL CG2  C N N 124 
VAL OXT  O N N 125 
VAL H    H N N 126 
VAL H2   H N N 127 
VAL HA   H N N 128 
VAL HB   H N N 129 
VAL HG11 H N N 130 
VAL HG12 H N N 131 
VAL HG13 H N N 132 
VAL HG21 H N N 133 
VAL HG22 H N N 134 
VAL HG23 H N N 135 
VAL HXT  H N N 136 
# 
loop_
_chem_comp_bond.comp_id 
_chem_comp_bond.atom_id_1 
_chem_comp_bond.atom_id_2 
_chem_comp_bond.value_order 
_chem_comp_bond.pdbx_aromatic_flag 
_chem_comp_bond.pdbx_stereo_config 
_chem_comp_bond.pdbx_ordinal 
ARG N   CA   sing N N 1   
ARG N   H    sing N N 2   
ARG N   H2   sing N N 3   
ARG CA  C    sing N N 4   
ARG CA  CB   sing N N 5   
ARG CA  HA   sing N N 6   
ARG C   O    doub N N 7   
ARG C   OXT  sing N N 8   
ARG CB  CG   sing N N 9   
ARG CB  HB2  sing N N 10  
ARG CB  HB3  sing N N 11  
ARG CG  CD   sing N N 12  
ARG CG  HG2  sing N N 13  
ARG CG  HG3  sing N N 14  
ARG CD  NE   sing N N 15  
ARG CD  HD2  sing N N 16  
ARG CD  HD3  sing N N 17  
ARG NE  CZ   sing N N 18  
ARG NE  HE   sing N N 19  
ARG CZ  NH1  sing N N 20  
ARG CZ  NH2  doub N N 21  
ARG NH1 HH11 sing N N 22  
ARG NH1 HH12 sing N N 23  
ARG NH2 HH21 sing N N 24  
ARG NH2 HH22 sing N N 25  
ARG OXT HXT  sing N N 26  
GLU N   CA   sing N N 27  
GLU N   H    sing N N 28  
GLU N   H2   sing N N 29  
GLU CA  C    sing N N 30  
GLU CA  CB   sing N N 31  
GLU CA  HA   sing N N 32  
GLU C   O    doub N N 33  
GLU C   OXT  sing N N 34  
GLU CB  CG   sing N N 35  
GLU CB  HB2  sing N N 36  
GLU CB  HB3  sing N N 37  
GLU CG  CD   sing N N 38  
GLU CG  HG2  sing N N 39  
GLU CG  HG3  sing N N 40  
GLU CD  OE1  doub N N 41  
GLU CD  OE2  sing N N 42  
GLU OE2 HE2  sing N N 43  
GLU OXT HXT  sing N N 44  
GLY N   CA   sing N N 45  
GLY N   H    sing N N 46  
GLY N   H2   sing N N 47  
GLY CA  C    sing N N 48  
GLY CA  HA2  sing N N 49  
GLY CA  HA3  sing N N 50  
GLY C   O    doub N N 51  
GLY C   OXT  sing N N 52  
GLY OXT HXT  sing N N 53  
HOH O   H1   sing N N 54  
HOH O   H2   sing N N 55  
HYP N   CA   sing N N 56  
HYP N   CD   sing N N 57  
HYP N   H    sing N N 58  
HYP CA  C    sing N N 59  
HYP CA  CB   sing N N 60  
HYP CA  HA   sing N N 61  
HYP C   O    doub N N 62  
HYP C   OXT  sing N N 63  
HYP CB  CG   sing N N 64  
HYP CB  HB2  sing N N 65  
HYP CB  HB3  sing N N 66  
HYP CG  CD   sing N N 67  
HYP CG  OD1  sing N N 68  
HYP CG  HG   sing N N 69  
HYP CD  HD22 sing N N 70  
HYP CD  HD23 sing N N 71  
HYP OD1 HD1  sing N N 72  
HYP OXT HXT  sing N N 73  
PHE N   CA   sing N N 74  
PHE N   H    sing N N 75  
PHE N   H2   sing N N 76  
PHE CA  C    sing N N 77  
PHE CA  CB   sing N N 78  
PHE CA  HA   sing N N 79  
PHE C   O    doub N N 80  
PHE C   OXT  sing N N 81  
PHE CB  CG   sing N N 82  
PHE CB  HB2  sing N N 83  
PHE CB  HB3  sing N N 84  
PHE CG  CD1  doub Y N 85  
PHE CG  CD2  sing Y N 86  
PHE CD1 CE1  sing Y N 87  
PHE CD1 HD1  sing N N 88  
PHE CD2 CE2  doub Y N 89  
PHE CD2 HD2  sing N N 90  
PHE CE1 CZ   doub Y N 91  
PHE CE1 HE1  sing N N 92  
PHE CE2 CZ   sing Y N 93  
PHE CE2 HE2  sing N N 94  
PHE CZ  HZ   sing N N 95  
PHE OXT HXT  sing N N 96  
PRO N   CA   sing N N 97  
PRO N   CD   sing N N 98  
PRO N   H    sing N N 99  
PRO CA  C    sing N N 100 
PRO CA  CB   sing N N 101 
PRO CA  HA   sing N N 102 
PRO C   O    doub N N 103 
PRO C   OXT  sing N N 104 
PRO CB  CG   sing N N 105 
PRO CB  HB2  sing N N 106 
PRO CB  HB3  sing N N 107 
PRO CG  CD   sing N N 108 
PRO CG  HG2  sing N N 109 
PRO CG  HG3  sing N N 110 
PRO CD  HD2  sing N N 111 
PRO CD  HD3  sing N N 112 
PRO OXT HXT  sing N N 113 
VAL N   CA   sing N N 114 
VAL N   H    sing N N 115 
VAL N   H2   sing N N 116 
VAL CA  C    sing N N 117 
VAL CA  CB   sing N N 118 
VAL CA  HA   sing N N 119 
VAL C   O    doub N N 120 
VAL C   OXT  sing N N 121 
VAL CB  CG1  sing N N 122 
VAL CB  CG2  sing N N 123 
VAL CB  HB   sing N N 124 
VAL CG1 HG11 sing N N 125 
VAL CG1 HG12 sing N N 126 
VAL CG1 HG13 sing N N 127 
VAL CG2 HG21 sing N N 128 
VAL CG2 HG22 sing N N 129 
VAL CG2 HG23 sing N N 130 
VAL OXT HXT  sing N N 131 
# 
_pdbx_audit_support.funding_organization   'Jiangsu Trautec Medical Technology Co.,Ltd' 
_pdbx_audit_support.country                ? 
_pdbx_audit_support.grant_number           CQ20230004/CE20235002/CQ20230005 
_pdbx_audit_support.ordinal                1 
# 
_pdbx_entity_instance_feature.ordinal        1 
_pdbx_entity_instance_feature.comp_id        HYP 
_pdbx_entity_instance_feature.asym_id        ? 
_pdbx_entity_instance_feature.seq_num        ? 
_pdbx_entity_instance_feature.auth_comp_id   HYP 
_pdbx_entity_instance_feature.auth_asym_id   ? 
_pdbx_entity_instance_feature.auth_seq_num   ? 
_pdbx_entity_instance_feature.feature_type   'SUBJECT OF INVESTIGATION' 
_pdbx_entity_instance_feature.details        ? 
# 
_pdbx_initial_refinement_model.id               1 
_pdbx_initial_refinement_model.entity_id_list   ? 
_pdbx_initial_refinement_model.type             'experimental model' 
_pdbx_initial_refinement_model.source_name      PDB 
_pdbx_initial_refinement_model.accession_code   1K6F 
_pdbx_initial_refinement_model.details          ? 
# 
_atom_sites.entry_id                    9J26 
_atom_sites.Cartn_transf_matrix[1][1]   ? 
_atom_sites.Cartn_transf_matrix[1][2]   ? 
_atom_sites.Cartn_transf_matrix[1][3]   ? 
_atom_sites.Cartn_transf_matrix[2][1]   ? 
_atom_sites.Cartn_transf_matrix[2][2]   ? 
_atom_sites.Cartn_transf_matrix[2][3]   ? 
_atom_sites.Cartn_transf_matrix[3][1]   ? 
_atom_sites.Cartn_transf_matrix[3][2]   ? 
_atom_sites.Cartn_transf_matrix[3][3]   ? 
_atom_sites.Cartn_transf_vector[1]      ? 
_atom_sites.Cartn_transf_vector[2]      ? 
_atom_sites.Cartn_transf_vector[3]      ? 
_atom_sites.Cartn_transform_axes        ? 
_atom_sites.fract_transf_matrix[1][1]   -0.02433537 
_atom_sites.fract_transf_matrix[1][2]   0.00831413 
_atom_sites.fract_transf_matrix[1][3]   -0.06688619 
_atom_sites.fract_transf_matrix[2][1]   -0.02668567 
_atom_sites.fract_transf_matrix[2][2]   0.01516557 
_atom_sites.fract_transf_matrix[2][3]   0.01190826 
_atom_sites.fract_transf_matrix[3][1]   0.00794641 
_atom_sites.fract_transf_matrix[3][2]   0.01241811 
_atom_sites.fract_transf_matrix[3][3]   -0.00038532 
_atom_sites.fract_transf_vector[1]      0.443890 
_atom_sites.fract_transf_vector[2]      -0.654163 
_atom_sites.fract_transf_vector[3]      0.419930 
_atom_sites.solution_primary            ? 
_atom_sites.solution_secondary          ? 
_atom_sites.solution_hydrogens          ? 
_atom_sites.special_details             ? 
# 
loop_
_atom_type.symbol 
_atom_type.pdbx_scat_Z 
_atom_type.pdbx_N_electrons 
_atom_type.scat_Cromer_Mann_a1 
_atom_type.scat_Cromer_Mann_b1 
_atom_type.scat_Cromer_Mann_a2 
_atom_type.scat_Cromer_Mann_b2 
_atom_type.scat_Cromer_Mann_a3 
_atom_type.scat_Cromer_Mann_b3 
_atom_type.scat_Cromer_Mann_a4 
_atom_type.scat_Cromer_Mann_b4 
C 6 6 2.3103  20.8439 1.0201 10.2075 1.5888 0.5687  0.8651 51.6512 
H 1 1 0.4930  10.5109 0.3229 26.1257 0.1402 3.1424  0.0408 57.7997 
N 7 7 12.2220 0.0057  3.1346 9.8933  2.0141 28.9975 1.1672 0.5826  
O 8 8 3.0487  13.2771 2.2870 5.7011  1.5464 0.3239  0.8671 32.9089 
# 
loop_
_atom_site.group_PDB 
_atom_site.id 
_atom_site.type_symbol 
_atom_site.label_atom_id 
_atom_site.label_alt_id 
_atom_site.label_comp_id 
_atom_site.label_asym_id 
_atom_site.label_entity_id 
_atom_site.label_seq_id 
_atom_site.pdbx_PDB_ins_code 
_atom_site.Cartn_x 
_atom_site.Cartn_y 
_atom_site.Cartn_z 
_atom_site.occupancy 
_atom_site.B_iso_or_equiv 
_atom_site.pdbx_formal_charge 
_atom_site.auth_seq_id 
_atom_site.auth_comp_id 
_atom_site.auth_asym_id 
_atom_site.auth_atom_id 
_atom_site.pdbx_PDB_model_num 
_atom_site.calc_flag 
ATOM   1    N N   . PRO A 1 1  ? 37.335  24.354  -19.416 1.000 37.739 0 1   PRO A N   1 ? 
ATOM   2    C CA  . PRO A 1 1  ? 36.264  24.889  -18.592 1.000 39.226 0 1   PRO A CA  1 ? 
ATOM   3    C C   . PRO A 1 1  ? 35.976  23.942  -17.429 1.000 37.957 0 1   PRO A C   1 ? 
ATOM   4    O O   . PRO A 1 1  ? 36.519  22.836  -17.381 1.000 31.999 0 1   PRO A O   1 ? 
ATOM   5    C CB  . PRO A 1 1  ? 35.051  25.030  -19.541 1.000 39.350 0 1   PRO A CB  1 ? 
ATOM   6    C CG  . PRO A 1 1  ? 35.350  24.075  -20.666 1.000 40.879 0 1   PRO A CG  1 ? 
ATOM   7    C CD  . PRO A 1 1  ? 36.870  24.100  -20.766 1.000 41.045 0 1   PRO A CD  1 ? 
HETATM 8    N N   . HYP A 1 2  ? 35.067  24.310  -16.498 1.000 38.460 0 2   HYP A N   1 ? 
HETATM 9    C CA  . HYP A 1 2  ? 34.534  23.364  -15.518 1.000 36.584 0 2   HYP A CA  1 ? 
HETATM 10   C C   . HYP A 1 2  ? 34.019  22.091  -16.183 1.000 31.752 0 2   HYP A C   1 ? 
HETATM 11   O O   . HYP A 1 2  ? 33.534  22.103  -17.320 1.000 37.629 0 2   HYP A O   1 ? 
HETATM 12   C CB  . HYP A 1 2  ? 33.372  24.138  -14.883 1.000 37.688 0 2   HYP A CB  1 ? 
HETATM 13   C CG  . HYP A 1 2  ? 33.779  25.598  -15.021 1.000 34.957 0 2   HYP A CG  1 ? 
HETATM 14   C CD  . HYP A 1 2  ? 34.492  25.660  -16.349 1.000 39.939 0 2   HYP A CD  1 ? 
HETATM 15   O OD1 . HYP A 1 2  ? 34.711  25.953  -14.015 1.000 41.615 0 2   HYP A OD1 1 ? 
ATOM   16   N N   . GLY A 1 3  ? 34.109  20.969  -15.449 1.000 28.492 0 3   GLY A N   1 ? 
ATOM   17   C CA  . GLY A 1 3  ? 33.529  19.717  -15.903 1.000 24.082 0 3   GLY A CA  1 ? 
ATOM   18   C C   . GLY A 1 3  ? 32.006  19.781  -15.959 1.000 24.265 0 3   GLY A C   1 ? 
ATOM   19   O O   . GLY A 1 3  ? 31.401  20.773  -15.572 1.000 24.577 0 3   GLY A O   1 ? 
ATOM   20   N N   . PRO A 1 4  ? 31.353  18.717  -16.457 1.000 23.954 0 4   PRO A N   1 ? 
ATOM   21   C CA  . PRO A 1 4  ? 29.891  18.710  -16.537 1.000 26.450 0 4   PRO A CA  1 ? 
ATOM   22   C C   . PRO A 1 4  ? 29.314  18.511  -15.136 1.000 27.340 0 4   PRO A C   1 ? 
ATOM   23   O O   . PRO A 1 4  ? 30.015  18.053  -14.221 1.000 24.346 0 4   PRO A O   1 ? 
ATOM   24   C CB  . PRO A 1 4  ? 29.608  17.525  -17.467 1.000 29.882 0 4   PRO A CB  1 ? 
ATOM   25   C CG  . PRO A 1 4  ? 30.762  16.585  -17.241 1.000 31.109 0 4   PRO A CG  1 ? 
ATOM   26   C CD  . PRO A 1 4  ? 31.957  17.488  -16.981 1.000 26.768 0 4   PRO A CD  1 ? 
HETATM 27   N N   . HYP A 1 5  ? 28.019  18.825  -14.934 1.000 23.322 0 5   HYP A N   1 ? 
HETATM 28   C CA  . HYP A 1 5  ? 27.348  18.535  -13.676 1.000 22.070 0 5   HYP A CA  1 ? 
HETATM 29   C C   . HYP A 1 5  ? 27.477  17.054  -13.345 1.000 21.109 0 5   HYP A C   1 ? 
HETATM 30   O O   . HYP A 1 5  ? 27.581  16.172  -14.204 1.000 21.675 0 5   HYP A O   1 ? 
HETATM 31   C CB  . HYP A 1 5  ? 25.890  18.915  -13.951 1.000 22.618 0 5   HYP A CB  1 ? 
HETATM 32   C CG  . HYP A 1 5  ? 25.995  19.934  -15.094 1.000 23.401 0 5   HYP A CG  1 ? 
HETATM 33   C CD  . HYP A 1 5  ? 27.094  19.403  -15.932 1.000 25.027 0 5   HYP A CD  1 ? 
HETATM 34   O OD1 . HYP A 1 5  ? 26.362  21.208  -14.579 1.000 27.996 0 5   HYP A OD1 1 ? 
ATOM   35   N N   . GLY A 1 6  ? 27.473  16.778  -12.031 1.000 18.667 0 6   GLY A N   1 ? 
ATOM   36   C CA  . GLY A 1 6  ? 27.520  15.411  -11.574 1.000 19.544 0 6   GLY A CA  1 ? 
ATOM   37   C C   . GLY A 1 6  ? 26.204  14.690  -11.815 1.000 19.312 0 6   GLY A C   1 ? 
ATOM   38   O O   . GLY A 1 6  ? 25.225  15.258  -12.327 1.000 19.139 0 6   GLY A O   1 ? 
ATOM   39   N N   . PRO A 1 7  ? 26.172  13.399  -11.448 1.000 19.136 0 7   PRO A N   1 ? 
ATOM   40   C CA  . PRO A 1 7  ? 24.972  12.588  -11.611 1.000 21.366 0 7   PRO A CA  1 ? 
ATOM   41   C C   . PRO A 1 7  ? 23.844  13.058  -10.712 1.000 18.352 0 7   PRO A C   1 ? 
ATOM   42   O O   . PRO A 1 7  ? 24.070  13.731  -9.703  1.000 17.058 0 7   PRO A O   1 ? 
ATOM   43   C CB  . PRO A 1 7  ? 25.355  11.183  -11.258 1.000 23.121 0 7   PRO A CB  1 ? 
ATOM   44   C CG  . PRO A 1 7  ? 26.809  11.227  -10.862 1.000 21.566 0 7   PRO A CG  1 ? 
ATOM   45   C CD  . PRO A 1 7  ? 27.257  12.679  -10.771 1.000 19.699 0 7   PRO A CD  1 ? 
HETATM 46   N N   . HYP A 1 8  ? 22.580  12.712  -11.022 1.000 17.329 0 8   HYP A N   1 ? 
HETATM 47   C CA  . HYP A 1 8  ? 21.474  13.101  -10.154 1.000 16.474 0 8   HYP A CA  1 ? 
HETATM 48   C C   . HYP A 1 8  ? 21.649  12.502  -8.761  1.000 16.262 0 8   HYP A C   1 ? 
HETATM 49   O O   . HYP A 1 8  ? 22.256  11.449  -8.589  1.000 16.601 0 8   HYP A O   1 ? 
HETATM 50   C CB  . HYP A 1 8  ? 20.259  12.485  -10.864 1.000 19.823 0 8   HYP A CB  1 ? 
HETATM 51   C CG  . HYP A 1 8  ? 20.704  12.341  -12.312 1.000 19.892 0 8   HYP A CG  1 ? 
HETATM 52   C CD  . HYP A 1 8  ? 22.153  11.947  -12.198 1.000 19.124 0 8   HYP A CD  1 ? 
HETATM 53   O OD1 . HYP A 1 8  ? 20.564  13.593  -12.963 1.000 21.638 0 8   HYP A OD1 1 ? 
ATOM   54   N N   . GLY A 1 9  ? 21.047  13.172  -7.789  1.000 14.311 0 9   GLY A N   1 ? 
ATOM   55   C CA  . GLY A 1 9  ? 21.097  12.671  -6.425  1.000 13.696 0 9   GLY A CA  1 ? 
ATOM   56   C C   . GLY A 1 9  ? 20.330  11.361  -6.254  1.000 15.042 0 9   GLY A C   1 ? 
ATOM   57   O O   . GLY A 1 9  ? 19.600  10.910  -7.149  1.000 13.923 0 9   GLY A O   1 ? 
ATOM   58   N N   . GLU A 1 10 ? 20.467  10.808  -5.042  1.000 13.672 0 10  GLU A N   1 ? 
ATOM   59   C CA  . GLU A 1 10 ? 19.798  9.577   -4.663  1.000 15.847 0 10  GLU A CA  1 ? 
ATOM   60   C C   . GLU A 1 10 ? 18.291  9.793   -4.629  1.000 13.300 0 10  GLU A C   1 ? 
ATOM   61   O O   . GLU A 1 10 ? 17.812  10.848  -4.298  1.000 12.754 0 10  GLU A O   1 ? 
ATOM   62   C CB  . GLU A 1 10 ? 20.272  9.154   -3.268  1.000 18.699 0 10  GLU A CB  1 ? 
ATOM   63   C CG  . GLU A 1 10 ? 21.691  8.615   -3.307  1.000 26.333 0 10  GLU A CG  1 ? 
ATOM   64   C CD  . GLU A 1 10 ? 22.228  8.082   -1.994  1.000 33.658 0 10  GLU A CD  1 ? 
ATOM   65   O OE1 . GLU A 1 10 ? 21.558  8.183   -0.946  1.000 35.013 0 10  GLU A OE1 1 ? 
ATOM   66   O OE2 . GLU A 1 10 ? 23.348  7.555   -2.083  1.000 40.238 0 10  GLU A OE2 1 ? 
ATOM   67   N N   . ARG A 1 11 ? 17.558  8.713   -4.902  1.000 12.440 0 11  ARG A N   1 ? 
ATOM   68   C CA  . ARG A 1 11 ? 16.108  8.769   -4.812  1.000 11.770 0 11  ARG A CA  1 ? 
ATOM   69   C C   . ARG A 1 11 ? 15.698  9.071   -3.373  1.000 11.717 0 11  ARG A C   1 ? 
ATOM   70   O O   . ARG A 1 11 ? 16.348  8.606   -2.425  1.000 12.551 0 11  ARG A O   1 ? 
ATOM   71   C CB  . ARG A 1 11 ? 15.484  7.448   -5.271  1.000 12.781 0 11  ARG A CB  1 ? 
ATOM   72   C CG  . ARG A 1 11 ? 13.968  7.511   -5.327  1.000 13.546 0 11  ARG A CG  1 ? 
ATOM   73   C CD  . ARG A 1 11 ? 13.339  6.257   -5.958  1.000 14.548 0 11  ARG A CD  1 ? 
ATOM   74   N NE  . ARG A 1 11 ? 13.698  6.219   -7.379  1.000 15.071 0 11  ARG A NE  1 ? 
ATOM   75   C CZ  . ARG A 1 11 ? 13.040  6.806   -8.356  1.000 13.007 0 11  ARG A CZ  1 ? 
ATOM   76   N NH1 . ARG A 1 11 ? 11.890  7.401   -8.155  1.000 14.200 0 11  ARG A NH1 1 ? 
ATOM   77   N NH2 . ARG A 1 11 ? 13.491  6.696   -9.596  1.000 15.585 0 11  ARG A NH2 1 ? 
ATOM   78   N N   . GLY A 1 12 ? 14.660  9.882   -3.200  1.000 11.563 0 12  GLY A N   1 ? 
ATOM   79   C CA  . GLY A 1 12 ? 14.166  10.201  -1.876  1.000 12.596 0 12  GLY A CA  1 ? 
ATOM   80   C C   . GLY A 1 12 ? 13.574  8.971   -1.192  1.000 11.493 0 12  GLY A C   1 ? 
ATOM   81   O O   . GLY A 1 12 ? 13.381  7.885   -1.769  1.000 13.028 0 12  GLY A O   1 ? 
ATOM   82   N N   . PRO A 1 13 ? 13.275  9.126   0.110   1.000 13.560 0 13  PRO A N   1 ? 
ATOM   83   C CA  . PRO A 1 13 ? 12.689  8.033   0.861   1.000 14.114 0 13  PRO A CA  1 ? 
ATOM   84   C C   . PRO A 1 13 ? 11.250  7.798   0.449   1.000 12.802 0 13  PRO A C   1 ? 
ATOM   85   O O   . PRO A 1 13 ? 10.595  8.667   -0.105  1.000 13.668 0 13  PRO A O   1 ? 
ATOM   86   C CB  . PRO A 1 13 ? 12.785  8.553   2.299   1.000 15.023 0 13  PRO A CB  1 ? 
ATOM   87   C CG  . PRO A 1 13 ? 12.747  10.032  2.203   1.000 15.526 0 13  PRO A CG  1 ? 
ATOM   88   C CD  . PRO A 1 13 ? 13.434  10.369  0.871   1.000 13.807 0 13  PRO A CD  1 ? 
ATOM   89   N N   . PRO A 1 14 ? 10.720  6.587   0.718   1.000 14.826 0 14  PRO A N   1 ? 
ATOM   90   C CA  . PRO A 1 14 ? 9.305   6.336   0.517   1.000 14.077 0 14  PRO A CA  1 ? 
ATOM   91   C C   . PRO A 1 14 ? 8.416   7.303   1.275   1.000 13.002 0 14  PRO A C   1 ? 
ATOM   92   O O   . PRO A 1 14 ? 8.786   7.810   2.340   1.000 13.796 0 14  PRO A O   1 ? 
ATOM   93   C CB  . PRO A 1 14 ? 9.077   4.896   1.035   1.000 17.249 0 14  PRO A CB  1 ? 
ATOM   94   C CG  . PRO A 1 14 ? 10.425  4.384   1.393   1.000 18.611 0 14  PRO A CG  1 ? 
ATOM   95   C CD  . PRO A 1 14 ? 11.401  5.507   1.438   1.000 19.292 0 14  PRO A CD  1 ? 
ATOM   96   N N   . GLY A 1 15 ? 7.223   7.511   0.746   1.000 12.894 0 15  GLY A N   1 ? 
ATOM   97   C CA  . GLY A 1 15 ? 6.243   8.360   1.377   1.000 13.048 0 15  GLY A CA  1 ? 
ATOM   98   C C   . GLY A 1 15 ? 5.673   7.763   2.663   1.000 13.345 0 15  GLY A C   1 ? 
ATOM   99   O O   . GLY A 1 15 ? 6.057   6.678   3.094   1.000 13.664 0 15  GLY A O   1 ? 
ATOM   100  N N   . GLY A 1 16 ? 4.728   8.531   3.209   1.000 13.697 0 16  GLY A N   1 ? 
ATOM   101  C CA  . GLY A 1 16 ? 4.118   8.188   4.479   1.000 14.769 0 16  GLY A CA  1 ? 
ATOM   102  C C   . GLY A 1 16 ? 3.131   7.030   4.343   1.000 13.136 0 16  GLY A C   1 ? 
ATOM   103  O O   . GLY A 1 16 ? 2.690   6.647   3.239   1.000 14.146 0 16  GLY A O   1 ? 
ATOM   104  N N   . VAL A 1 17 ? 2.756   6.468   5.501   1.000 13.646 0 17  VAL A N   1 ? 
ATOM   105  C CA  . VAL A 1 17 ? 1.714   5.449   5.547   1.000 12.683 0 17  VAL A CA  1 ? 
ATOM   106  C C   . VAL A 1 17 ? 0.407   6.029   5.021   1.000 12.689 0 17  VAL A C   1 ? 
ATOM   107  O O   . VAL A 1 17 ? 0.096   7.199   5.222   1.000 14.147 0 17  VAL A O   1 ? 
ATOM   108  C CB  . VAL A 1 17 ? 1.532   4.892   6.984   1.000 14.095 0 17  VAL A CB  1 ? 
ATOM   109  C CG1 . VAL A 1 17 ? 0.363   3.954   7.220   1.000 15.075 0 17  VAL A CG1 1 ? 
ATOM   110  C CG2 . VAL A 1 17 ? 2.800   4.251   7.505   1.000 16.781 0 17  VAL A CG2 1 ? 
ATOM   111  N N   . GLY A 1 18 ? -0.341  5.187   4.299   1.000 10.736 0 18  GLY A N   1 ? 
ATOM   112  C CA  . GLY A 1 18 ? -1.617  5.605   3.736   1.000 10.315 0 18  GLY A CA  1 ? 
ATOM   113  C C   . GLY A 1 18 ? -2.687  5.907   4.794   1.000 10.290 0 18  GLY A C   1 ? 
ATOM   114  O O   . GLY A 1 18 ? -2.577  5.613   5.992   1.000 10.825 0 18  GLY A O   1 ? 
ATOM   115  N N   . PHE A 1 19 ? -3.732  6.555   4.319   1.000 9.756  0 19  PHE A N   1 ? 
ATOM   116  C CA  . PHE A 1 19 ? -4.809  6.966   5.182   1.000 9.585  0 19  PHE A CA  1 ? 
ATOM   117  C C   . PHE A 1 19 ? -5.666  5.784   5.519   1.000 9.232  0 19  PHE A C   1 ? 
ATOM   118  O O   . PHE A 1 19 ? -5.731  4.819   4.777   1.000 9.854  0 19  PHE A O   1 ? 
ATOM   119  C CB  . PHE A 1 19 ? -5.613  8.086   4.518   1.000 11.795 0 19  PHE A CB  1 ? 
ATOM   120  C CG  . PHE A 1 19 ? -4.877  9.420   4.606   1.000 12.994 0 19  PHE A CG  1 ? 
ATOM   121  C CD1 . PHE A 1 19 ? -3.478  9.520   4.701   1.000 15.016 0 19  PHE A CD1 1 ? 
ATOM   122  C CD2 . PHE A 1 19 ? -5.592  10.525  4.890   1.000 13.789 0 19  PHE A CD2 1 ? 
ATOM   123  C CE1 . PHE A 1 19 ? -2.855  10.741  4.763   1.000 17.961 0 19  PHE A CE1 1 ? 
ATOM   124  C CE2 . PHE A 1 19 ? -4.970  11.758  5.018   1.000 13.490 0 19  PHE A CE2 1 ? 
ATOM   125  C CZ  . PHE A 1 19 ? -3.637  11.876  4.859   1.000 14.888 0 19  PHE A CZ  1 ? 
ATOM   126  N N   . PRO A 1 20 ? -6.424  5.831   6.635   1.000 9.003  0 20  PRO A N   1 ? 
ATOM   127  C CA  . PRO A 1 20 ? -7.413  4.806   6.926   1.000 8.940  0 20  PRO A CA  1 ? 
ATOM   128  C C   . PRO A 1 20 ? -8.410  4.654   5.778   1.000 9.375  0 20  PRO A C   1 ? 
ATOM   129  O O   . PRO A 1 20 ? -8.728  5.604   5.050   1.000 9.437  0 20  PRO A O   1 ? 
ATOM   130  C CB  . PRO A 1 20 ? -8.121  5.321   8.169   1.000 10.967 0 20  PRO A CB  1 ? 
ATOM   131  C CG  . PRO A 1 20 ? -7.099  6.219   8.794   1.000 11.094 0 20  PRO A CG  1 ? 
ATOM   132  C CD  . PRO A 1 20 ? -6.330  6.847   7.703   1.000 9.631  0 20  PRO A CD  1 ? 
ATOM   133  N N   . GLY A 1 21 ? -8.872  3.424   5.603   1.000 8.909  0 21  GLY A N   1 ? 
ATOM   134  C CA  . GLY A 1 21 ? -9.876  3.180   4.593   1.000 8.455  0 21  GLY A CA  1 ? 
ATOM   135  C C   . GLY A 1 21 ? -11.234 3.782   4.915   1.000 9.533  0 21  GLY A C   1 ? 
ATOM   136  O O   . GLY A 1 21 ? -11.454 4.438   5.929   1.000 9.485  0 21  GLY A O   1 ? 
ATOM   137  N N   . PRO A 1 22 ? -12.193 3.562   4.000   1.000 9.437  0 22  PRO A N   1 ? 
ATOM   138  C CA  . PRO A 1 22 ? -13.561 4.016   4.212   1.000 9.823  0 22  PRO A CA  1 ? 
ATOM   139  C C   . PRO A 1 22 ? -14.328 3.119   5.165   1.000 9.826  0 22  PRO A C   1 ? 
ATOM   140  O O   . PRO A 1 22 ? -13.823 2.115   5.636   1.000 9.822  0 22  PRO A O   1 ? 
ATOM   141  C CB  . PRO A 1 22 ? -14.105 3.916   2.805   1.000 12.660 0 22  PRO A CB  1 ? 
ATOM   142  C CG  . PRO A 1 22 ? -13.423 2.731   2.230   1.000 12.559 0 22  PRO A CG  1 ? 
ATOM   143  C CD  . PRO A 1 22 ? -12.061 2.729   2.778   1.000 10.496 0 22  PRO A CD  1 ? 
HETATM 144  N N   . HYP A 1 23 ? -15.527 3.565   5.601   1.000 10.414 0 23  HYP A N   1 ? 
HETATM 145  C CA  . HYP A 1 23 ? -16.234 2.821   6.629   1.000 10.506 0 23  HYP A CA  1 ? 
HETATM 146  C C   . HYP A 1 23 ? -16.752 1.482   6.183   1.000 10.201 0 23  HYP A C   1 ? 
HETATM 147  O O   . HYP A 1 23 ? -17.051 1.292   5.005   1.000 12.257 0 23  HYP A O   1 ? 
HETATM 148  C CB  . HYP A 1 23 ? -17.411 3.747   6.983   1.000 11.751 0 23  HYP A CB  1 ? 
HETATM 149  C CG  . HYP A 1 23 ? -16.913 5.123   6.593   1.000 11.989 0 23  HYP A CG  1 ? 
HETATM 150  C CD  . HYP A 1 23 ? -16.167 4.860   5.277   1.000 11.708 0 23  HYP A CD  1 ? 
HETATM 151  O OD1 . HYP A 1 23 ? -16.017 5.604   7.587   1.000 13.421 0 23  HYP A OD1 1 ? 
ATOM   152  N N   . GLY A 1 24 ? -16.989 0.615   7.141   1.000 11.107 0 24  GLY A N   1 ? 
ATOM   153  C CA  . GLY A 1 24 ? -17.655 -0.641  6.900   1.000 12.200 0 24  GLY A CA  1 ? 
ATOM   154  C C   . GLY A 1 24 ? -19.155 -0.404  6.685   1.000 11.708 0 24  GLY A C   1 ? 
ATOM   155  O O   . GLY A 1 24 ? -19.685 0.659   6.922   1.000 11.844 0 24  GLY A O   1 ? 
ATOM   156  N N   . PRO A 1 25 ? -19.862 -1.454  6.232   1.000 12.572 0 25  PRO A N   1 ? 
ATOM   157  C CA  . PRO A 1 25 ? -21.299 -1.388  6.020   1.000 13.574 0 25  PRO A CA  1 ? 
ATOM   158  C C   . PRO A 1 25 ? -22.047 -1.441  7.337   1.000 11.258 0 25  PRO A C   1 ? 
ATOM   159  O O   . PRO A 1 25 ? -21.478 -1.749  8.379   1.000 10.101 0 25  PRO A O   1 ? 
ATOM   160  C CB  . PRO A 1 25 ? -21.562 -2.654  5.165   1.000 16.123 0 25  PRO A CB  1 ? 
ATOM   161  C CG  . PRO A 1 25 ? -20.486 -3.578  5.570   1.000 17.765 0 25  PRO A CG  1 ? 
ATOM   162  C CD  . PRO A 1 25 ? -19.271 -2.750  5.845   1.000 14.372 0 25  PRO A CD  1 ? 
HETATM 163  N N   . HYP A 1 26 ? -23.361 -1.164  7.353   1.000 11.195 0 26  HYP A N   1 ? 
HETATM 164  C CA  . HYP A 1 26 ? -24.142 -1.315  8.566   1.000 11.834 0 26  HYP A CA  1 ? 
HETATM 165  C C   . HYP A 1 26 ? -24.078 -2.757  9.057   1.000 13.629 0 26  HYP A C   1 ? 
HETATM 166  O O   . HYP A 1 26 ? -23.908 -3.693  8.275   1.000 13.549 0 26  HYP A O   1 ? 
HETATM 167  C CB  . HYP A 1 26 ? -25.578 -0.979  8.128   1.000 12.679 0 26  HYP A CB  1 ? 
HETATM 168  C CG  . HYP A 1 26 ? -25.416 -0.171  6.844   1.000 13.549 0 26  HYP A CG  1 ? 
HETATM 169  C CD  . HYP A 1 26 ? -24.196 -0.743  6.199   1.000 12.332 0 26  HYP A CD  1 ? 
HETATM 170  O OD1 . HYP A 1 26 ? -25.170 1.166   7.216   1.000 15.479 0 26  HYP A OD1 1 ? 
ATOM   171  N N   . GLY A 1 27 ? -24.220 -2.894  10.377  1.000 12.654 0 27  GLY A N   1 ? 
ATOM   172  C CA  . GLY A 1 27 ? -24.368 -4.202  10.963  1.000 14.225 0 27  GLY A CA  1 ? 
ATOM   173  C C   . GLY A 1 27 ? -25.663 -4.863  10.514  1.000 15.665 0 27  GLY A C   1 ? 
ATOM   174  O O   . GLY A 1 27 ? -26.522 -4.253  9.869   1.000 14.449 0 27  GLY A O   1 ? 
ATOM   175  N N   . PRO A 1 28 ? -25.782 -6.185  10.780  1.000 16.697 0 28  PRO A N   1 ? 
ATOM   176  C CA  . PRO A 1 28 ? -26.975 -6.902  10.365  1.000 18.976 0 28  PRO A CA  1 ? 
ATOM   177  C C   . PRO A 1 28 ? -28.167 -6.544  11.240  1.000 20.221 0 28  PRO A C   1 ? 
ATOM   178  O O   . PRO A 1 28 ? -28.020 -6.035  12.354  1.000 18.580 0 28  PRO A O   1 ? 
ATOM   179  C CB  . PRO A 1 28 ? -26.489 -8.356  10.571  1.000 19.699 0 28  PRO A CB  1 ? 
ATOM   180  C CG  . PRO A 1 28 ? -25.650 -8.266  11.779  1.000 16.721 0 28  PRO A CG  1 ? 
ATOM   181  C CD  . PRO A 1 28 ? -24.809 -7.000  11.529  1.000 16.816 0 28  PRO A CD  1 ? 
HETATM 182  N N   . HYP A 1 29 ? -29.386 -6.905  10.801  1.000 25.790 0 29  HYP A N   1 ? 
HETATM 183  C CA  . HYP A 1 29 ? -30.569 -6.791  11.665  1.000 30.043 0 29  HYP A CA  1 ? 
HETATM 184  C C   . HYP A 1 29 ? -30.422 -7.552  12.979  1.000 33.429 0 29  HYP A C   1 ? 
HETATM 185  O O   . HYP A 1 29 ? -31.166 -7.276  13.911  1.000 38.579 0 29  HYP A O   1 ? 
HETATM 186  C CB  . HYP A 1 29 ? -31.664 -7.412  10.802  1.000 32.253 0 29  HYP A CB  1 ? 
HETATM 187  C CG  . HYP A 1 29 ? -31.177 -7.151  9.385   1.000 33.790 0 29  HYP A CG  1 ? 
HETATM 188  C CD  . HYP A 1 29 ? -29.699 -7.453  9.481   1.000 29.421 0 29  HYP A CD  1 ? 
HETATM 189  O OD1 . HYP A 1 29 ? -31.353 -5.782  9.024   1.000 36.535 0 29  HYP A OD1 1 ? 
ATOM   190  N N   . GLY A 1 30 ? -29.438 -8.468  13.047  1.000 34.731 0 30  GLY A N   1 ? 
ATOM   191  C CA  . GLY A 1 30 ? -28.822 -8.936  14.287  1.000 33.902 0 30  GLY A CA  1 ? 
ATOM   192  C C   . GLY A 1 30 ? -27.649 -9.886  14.005  1.000 35.231 0 30  GLY A C   1 ? 
ATOM   193  O O   . GLY A 1 30 ? -27.229 -10.702 14.896  1.000 28.586 0 30  GLY A O   1 ? 
ATOM   194  N N   . GLY B 1 3  ? 37.032  19.971  -17.109 1.000 28.054 0 3   GLY B N   1 ? 
ATOM   195  C CA  . GLY B 1 3  ? 37.251  19.384  -15.771 1.000 28.695 0 3   GLY B CA  1 ? 
ATOM   196  C C   . GLY B 1 3  ? 36.508  18.061  -15.592 1.000 29.492 0 3   GLY B C   1 ? 
ATOM   197  O O   . GLY B 1 3  ? 35.716  17.654  -16.438 1.000 30.084 0 3   GLY B O   1 ? 
ATOM   198  N N   . PRO B 1 4  ? 36.752  17.353  -14.472 1.000 29.325 0 4   PRO B N   1 ? 
ATOM   199  C CA  . PRO B 1 4  ? 36.054  16.102  -14.185 1.000 30.615 0 4   PRO B CA  1 ? 
ATOM   200  C C   . PRO B 1 4  ? 34.614  16.369  -13.765 1.000 27.152 0 4   PRO B C   1 ? 
ATOM   201  O O   . PRO B 1 4  ? 34.268  17.485  -13.402 1.000 26.523 0 4   PRO B O   1 ? 
ATOM   202  C CB  . PRO B 1 4  ? 36.882  15.494  -13.067 1.000 32.355 0 4   PRO B CB  1 ? 
ATOM   203  C CG  . PRO B 1 4  ? 37.456  16.682  -12.332 1.000 32.401 0 4   PRO B CG  1 ? 
ATOM   204  C CD  . PRO B 1 4  ? 37.694  17.732  -13.412 1.000 30.522 0 4   PRO B CD  1 ? 
HETATM 205  N N   . HYP B 1 5  ? 33.719  15.366  -13.867 1.000 26.510 0 5   HYP B N   1 ? 
HETATM 206  C CA  . HYP B 1 5  ? 32.315  15.583  -13.522 1.000 23.393 0 5   HYP B CA  1 ? 
HETATM 207  C C   . HYP B 1 5  ? 32.180  16.031  -12.067 1.000 18.335 0 5   HYP B C   1 ? 
HETATM 208  O O   . HYP B 1 5  ? 32.988  15.703  -11.209 1.000 21.962 0 5   HYP B O   1 ? 
HETATM 209  C CB  . HYP B 1 5  ? 31.671  14.202  -13.749 1.000 27.359 0 5   HYP B CB  1 ? 
HETATM 210  C CG  . HYP B 1 5  ? 32.605  13.537  -14.755 1.000 30.049 0 5   HYP B CG  1 ? 
HETATM 211  C CD  . HYP B 1 5  ? 33.983  13.988  -14.322 1.000 28.545 0 5   HYP B CD  1 ? 
HETATM 212  O OD1 . HYP B 1 5  ? 32.275  14.020  -16.044 1.000 36.107 0 5   HYP B OD1 1 ? 
ATOM   213  N N   . GLY B 1 6  ? 31.116  16.769  -11.818 1.000 17.339 0 6   GLY B N   1 ? 
ATOM   214  C CA  . GLY B 1 6  ? 30.803  17.224  -10.482 1.000 16.617 0 6   GLY B CA  1 ? 
ATOM   215  C C   . GLY B 1 6  ? 30.281  16.076  -9.620  1.000 16.949 0 6   GLY B C   1 ? 
ATOM   216  O O   . GLY B 1 6  ? 30.115  14.940  -10.059 1.000 18.330 0 6   GLY B O   1 ? 
ATOM   217  N N   . PRO B 1 7  ? 30.067  16.367  -8.331  1.000 17.377 0 7   PRO B N   1 ? 
ATOM   218  C CA  . PRO B 1 7  ? 29.541  15.353  -7.425  1.000 17.893 0 7   PRO B CA  1 ? 
ATOM   219  C C   . PRO B 1 7  ? 28.067  15.076  -7.658  1.000 17.437 0 7   PRO B C   1 ? 
ATOM   220  O O   . PRO B 1 7  ? 27.374  15.811  -8.332  1.000 15.813 0 7   PRO B O   1 ? 
ATOM   221  C CB  . PRO B 1 7  ? 29.798  15.956  -6.035  1.000 18.067 0 7   PRO B CB  1 ? 
ATOM   222  C CG  . PRO B 1 7  ? 30.127  17.418  -6.217  1.000 19.159 0 7   PRO B CG  1 ? 
ATOM   223  C CD  . PRO B 1 7  ? 30.289  17.671  -7.689  1.000 17.018 0 7   PRO B CD  1 ? 
HETATM 224  N N   . HYP B 1 8  ? 27.527  14.003  -7.054  1.000 16.250 0 8   HYP B N   1 ? 
HETATM 225  C CA  . HYP B 1 8  ? 26.096  13.754  -7.129  1.000 15.571 0 8   HYP B CA  1 ? 
HETATM 226  C C   . HYP B 1 8  ? 25.273  14.870  -6.529  1.000 15.375 0 8   HYP B C   1 ? 
HETATM 227  O O   . HYP B 1 8  ? 25.708  15.565  -5.614  1.000 15.694 0 8   HYP B O   1 ? 
HETATM 228  C CB  . HYP B 1 8  ? 25.944  12.470  -6.298  1.000 16.483 0 8   HYP B CB  1 ? 
HETATM 229  C CG  . HYP B 1 8  ? 27.308  11.820  -6.343  1.000 17.386 0 8   HYP B CG  1 ? 
HETATM 230  C CD  . HYP B 1 8  ? 28.241  12.996  -6.257  1.000 19.101 0 8   HYP B CD  1 ? 
HETATM 231  O OD1 . HYP B 1 8  ? 27.417  11.118  -7.582  1.000 19.740 0 8   HYP B OD1 1 ? 
ATOM   232  N N   . GLY B 1 9  ? 24.065  15.040  -7.045  1.000 16.723 0 9   GLY B N   1 ? 
ATOM   233  C CA  . GLY B 1 9  ? 23.096  15.957  -6.491  1.000 14.819 0 9   GLY B CA  1 ? 
ATOM   234  C C   . GLY B 1 9  ? 22.535  15.503  -5.139  1.000 15.093 0 9   GLY B C   1 ? 
ATOM   235  O O   . GLY B 1 9  ? 22.953  14.503  -4.572  1.000 15.644 0 9   GLY B O   1 ? 
ATOM   236  N N   . GLU B 1 10 ? 21.652  16.339  -4.611  1.000 15.489 0 10  GLU B N   1 ? 
ATOM   237  C CA  A GLU B 1 10 ? 21.066  16.119  -3.293  0.500 16.846 0 10  GLU B CA  1 ? 
ATOM   238  C CA  B GLU B 1 10 ? 21.045  16.141  -3.307  0.500 16.957 0 10  GLU B CA  1 ? 
ATOM   239  C C   . GLU B 1 10 ? 19.994  15.034  -3.370  1.000 14.632 0 10  GLU B C   1 ? 
ATOM   240  O O   . GLU B 1 10 ? 19.387  14.783  -4.410  1.000 14.638 0 10  GLU B O   1 ? 
ATOM   241  C CB  A GLU B 1 10 ? 20.497  17.407  -2.684  0.500 21.288 0 10  GLU B CB  1 ? 
ATOM   242  C CB  B GLU B 1 10 ? 20.449  17.486  -2.857  0.500 21.268 0 10  GLU B CB  1 ? 
ATOM   243  C CG  A GLU B 1 10 ? 19.452  18.094  -3.557  0.500 23.270 0 10  GLU B CG  1 ? 
ATOM   244  C CG  B GLU B 1 10 ? 19.444  18.111  -3.830  0.500 24.451 0 10  GLU B CG  1 ? 
ATOM   245  C CD  A GLU B 1 10 ? 18.529  19.145  -2.976  0.500 25.207 0 10  GLU B CD  1 ? 
ATOM   246  C CD  B GLU B 1 10 ? 19.904  18.958  -5.043  0.500 24.211 0 10  GLU B CD  1 ? 
ATOM   247  O OE1 A GLU B 1 10 ? 18.027  19.855  -3.854  0.500 23.519 0 10  GLU B OE1 1 ? 
ATOM   248  O OE1 B GLU B 1 10 ? 20.884  18.724  -5.836  0.500 21.676 0 10  GLU B OE1 1 ? 
ATOM   249  O OE2 A GLU B 1 10 ? 18.275  19.258  -1.755  0.500 26.228 0 10  GLU B OE2 1 ? 
ATOM   250  O OE2 B GLU B 1 10 ? 19.147  19.949  -5.268  0.500 31.047 0 10  GLU B OE2 1 ? 
ATOM   251  N N   . ARG B 1 11 ? 19.705  14.445  -2.209  1.000 13.133 0 11  ARG B N   1 ? 
ATOM   252  C CA  . ARG B 1 11 ? 18.683  13.429  -2.101  1.000 12.150 0 11  ARG B CA  1 ? 
ATOM   253  C C   . ARG B 1 11 ? 17.319  13.999  -2.521  1.000 11.430 0 11  ARG B C   1 ? 
ATOM   254  O O   . ARG B 1 11 ? 16.984  15.161  -2.270  1.000 11.930 0 11  ARG B O   1 ? 
ATOM   255  C CB  . ARG B 1 11 ? 18.583  13.033  -0.623  1.000 13.065 0 11  ARG B CB  1 ? 
ATOM   256  C CG  . ARG B 1 11 ? 17.622  11.889  -0.327  1.000 13.260 0 11  ARG B CG  1 ? 
ATOM   257  C CD  . ARG B 1 11 ? 17.559  11.627  1.201   1.000 13.608 0 11  ARG B CD  1 ? 
ATOM   258  N NE  . ARG B 1 11 ? 18.859  11.488  1.889   1.000 14.380 0 11  ARG B NE  1 ? 
ATOM   259  C CZ  . ARG B 1 11 ? 19.698  10.520  1.728   1.000 14.972 0 11  ARG B CZ  1 ? 
ATOM   260  N NH1 . ARG B 1 11 ? 19.298  9.420   1.060   1.000 14.824 0 11  ARG B NH1 1 ? 
ATOM   261  N NH2 . ARG B 1 11 ? 20.894  10.616  2.293   1.000 13.264 0 11  ARG B NH2 1 ? 
ATOM   262  N N   . GLY B 1 12 ? 16.541  13.155  -3.214  1.000 11.000 0 12  GLY B N   1 ? 
ATOM   263  C CA  . GLY B 1 12 ? 15.214  13.526  -3.641  1.000 10.692 0 12  GLY B CA  1 ? 
ATOM   264  C C   . GLY B 1 12 ? 14.257  13.737  -2.493  1.000 10.795 0 12  GLY B C   1 ? 
ATOM   265  O O   . GLY B 1 12 ? 14.520  13.373  -1.360  1.000 11.678 0 12  GLY B O   1 ? 
ATOM   266  N N   . PRO B 1 13 ? 13.070  14.250  -2.797  1.000 11.829 0 13  PRO B N   1 ? 
ATOM   267  C CA  . PRO B 1 13 ? 12.009  14.417  -1.804  1.000 13.485 0 13  PRO B CA  1 ? 
ATOM   268  C C   . PRO B 1 13 ? 11.384  13.077  -1.449  1.000 13.909 0 13  PRO B C   1 ? 
ATOM   269  O O   . PRO B 1 13 ? 11.464  12.123  -2.215  1.000 12.186 0 13  PRO B O   1 ? 
ATOM   270  C CB  . PRO B 1 13 ? 11.055  15.353  -2.518  1.000 14.276 0 13  PRO B CB  1 ? 
ATOM   271  C CG  . PRO B 1 13 ? 11.197  15.025  -3.975  1.000 13.268 0 13  PRO B CG  1 ? 
ATOM   272  C CD  . PRO B 1 13 ? 12.650  14.714  -4.134  1.000 11.695 0 13  PRO B CD  1 ? 
ATOM   273  N N   . PRO B 1 14 ? 10.644  13.009  -0.345  1.000 12.977 0 14  PRO B N   1 ? 
ATOM   274  C CA  . PRO B 1 14 ? 9.878   11.812  -0.020  1.000 13.329 0 14  PRO B CA  1 ? 
ATOM   275  C C   . PRO B 1 14 ? 8.788   11.569  -1.049  1.000 11.472 0 14  PRO B C   1 ? 
ATOM   276  O O   . PRO B 1 14 ? 8.283   12.470  -1.697  1.000 14.624 0 14  PRO B O   1 ? 
ATOM   277  C CB  . PRO B 1 14 ? 9.268   12.058  1.358   1.000 16.227 0 14  PRO B CB  1 ? 
ATOM   278  C CG  . PRO B 1 14 ? 9.845   13.337  1.825   1.000 17.220 0 14  PRO B CG  1 ? 
ATOM   279  C CD  . PRO B 1 14 ? 10.472  14.084  0.642   1.000 15.837 0 14  PRO B CD  1 ? 
ATOM   280  N N   . GLY B 1 15 ? 8.426   10.292  -1.176  1.000 12.719 0 15  GLY B N   1 ? 
ATOM   281  C CA  . GLY B 1 15 ? 7.365   9.890   -2.068  1.000 13.509 0 15  GLY B CA  1 ? 
ATOM   282  C C   . GLY B 1 15 ? 5.989   10.250  -1.523  1.000 13.259 0 15  GLY B C   1 ? 
ATOM   283  O O   . GLY B 1 15 ? 5.842   10.852  -0.457  1.000 14.245 0 15  GLY B O   1 ? 
ATOM   284  N N   . GLY B 1 16 ? 4.985   9.874   -2.303  1.000 13.131 0 16  GLY B N   1 ? 
ATOM   285  C CA  . GLY B 1 16 ? 3.606   10.121  -1.934  1.000 13.475 0 16  GLY B CA  1 ? 
ATOM   286  C C   . GLY B 1 16 ? 3.137   9.139   -0.857  1.000 13.252 0 16  GLY B C   1 ? 
ATOM   287  O O   . GLY B 1 16 ? 3.767   8.093   -0.612  1.000 14.468 0 16  GLY B O   1 ? 
ATOM   288  N N   . VAL B 1 17 ? 1.980   9.455   -0.256  1.000 13.395 0 17  VAL B N   1 ? 
ATOM   289  C CA  . VAL B 1 17 ? 1.426   8.582   0.766   1.000 15.195 0 17  VAL B CA  1 ? 
ATOM   290  C C   . VAL B 1 17 ? 1.038   7.254   0.111   1.000 13.212 0 17  VAL B C   1 ? 
ATOM   291  O O   . VAL B 1 17 ? 0.701   7.173   -1.070  1.000 13.998 0 17  VAL B O   1 ? 
ATOM   292  C CB  . VAL B 1 17 ? 0.272   9.196   1.589   1.000 18.751 0 17  VAL B CB  1 ? 
ATOM   293  C CG1 . VAL B 1 17 ? 0.761   10.455  2.319   1.000 19.143 0 17  VAL B CG1 1 ? 
ATOM   294  C CG2 . VAL B 1 17 ? -0.961  9.455   0.743   1.000 21.463 0 17  VAL B CG2 1 ? 
ATOM   295  N N   . GLY B 1 18 ? 1.062   6.211   0.935   1.000 10.427 0 18  GLY B N   1 ? 
ATOM   296  C CA  . GLY B 1 18 ? 0.663   4.882   0.486   1.000 10.572 0 18  GLY B CA  1 ? 
ATOM   297  C C   . GLY B 1 18 ? -0.822  4.819   0.124   1.000 9.745  0 18  GLY B C   1 ? 
ATOM   298  O O   . GLY B 1 18 ? -1.608  5.764   0.339   1.000 10.157 0 18  GLY B O   1 ? 
ATOM   299  N N   . PHE B 1 19 ? -1.243  3.678   -0.436  1.000 9.350  0 19  PHE B N   1 ? 
ATOM   300  C CA  . PHE B 1 19 ? -2.635  3.455   -0.787  1.000 9.559  0 19  PHE B CA  1 ? 
ATOM   301  C C   . PHE B 1 19 ? -3.513  3.493   0.463   1.000 8.869  0 19  PHE B C   1 ? 
ATOM   302  O O   . PHE B 1 19 ? -3.047  3.136   1.558   1.000 9.528  0 19  PHE B O   1 ? 
ATOM   303  C CB  . PHE B 1 19 ? -2.811  2.084   -1.429  1.000 9.815  0 19  PHE B CB  1 ? 
ATOM   304  C CG  . PHE B 1 19 ? -3.996  2.003   -2.366  1.000 9.651  0 19  PHE B CG  1 ? 
ATOM   305  C CD1 . PHE B 1 19 ? -3.956  2.756   -3.518  1.000 10.457 0 19  PHE B CD1 1 ? 
ATOM   306  C CD2 . PHE B 1 19 ? -5.058  1.124   -2.164  1.000 11.091 0 19  PHE B CD2 1 ? 
ATOM   307  C CE1 . PHE B 1 19 ? -5.039  2.746   -4.385  1.000 10.898 0 19  PHE B CE1 1 ? 
ATOM   308  C CE2 . PHE B 1 19 ? -6.094  1.064   -3.089  1.000 11.896 0 19  PHE B CE2 1 ? 
ATOM   309  C CZ  . PHE B 1 19 ? -6.042  1.819   -4.209  1.000 10.513 0 19  PHE B CZ  1 ? 
ATOM   310  N N   . PRO B 1 20 ? -4.781  3.907   0.370   1.000 9.018  0 20  PRO B N   1 ? 
ATOM   311  C CA  . PRO B 1 20 ? -5.640  3.853   1.533   1.000 9.820  0 20  PRO B CA  1 ? 
ATOM   312  C C   . PRO B 1 20 ? -5.788  2.426   2.037   1.000 9.565  0 20  PRO B C   1 ? 
ATOM   313  O O   . PRO B 1 20 ? -5.663  1.458   1.316   1.000 10.953 0 20  PRO B O   1 ? 
ATOM   314  C CB  . PRO B 1 20 ? -6.998  4.386   1.066   1.000 11.491 0 20  PRO B CB  1 ? 
ATOM   315  C CG  . PRO B 1 20 ? -6.798  4.787   -0.375  1.000 12.121 0 20  PRO B CG  1 ? 
ATOM   316  C CD  . PRO B 1 20 ? -5.419  4.493   -0.806  1.000 9.546  0 20  PRO B CD  1 ? 
ATOM   317  N N   . GLY B 1 21 ? -6.073  2.326   3.338   1.000 9.673  0 21  GLY B N   1 ? 
ATOM   318  C CA  . GLY B 1 21 ? -6.437  1.067   3.933   1.000 8.967  0 21  GLY B CA  1 ? 
ATOM   319  C C   . GLY B 1 21 ? -7.743  0.498   3.445   1.000 9.244  0 21  GLY B C   1 ? 
ATOM   320  O O   . GLY B 1 21 ? -8.501  1.136   2.703   1.000 9.385  0 21  GLY B O   1 ? 
ATOM   321  N N   . PRO B 1 22 ? -8.030  -0.754  3.858   1.000 10.297 0 22  PRO B N   1 ? 
ATOM   322  C CA  . PRO B 1 22 ? -9.239  -1.416  3.450   1.000 10.830 0 22  PRO B CA  1 ? 
ATOM   323  C C   . PRO B 1 22 ? -10.446 -0.878  4.208   1.000 9.895  0 22  PRO B C   1 ? 
ATOM   324  O O   . PRO B 1 22 ? -10.320 -0.174  5.212   1.000 10.158 0 22  PRO B O   1 ? 
ATOM   325  C CB  . PRO B 1 22 ? -8.920  -2.850  3.737   1.000 9.958  0 22  PRO B CB  1 ? 
ATOM   326  C CG  . PRO B 1 22 ? -8.072  -2.804  4.967   1.000 9.288  0 22  PRO B CG  1 ? 
ATOM   327  C CD  . PRO B 1 22 ? -7.206  -1.610  4.711   1.000 9.378  0 22  PRO B CD  1 ? 
HETATM 328  N N   . HYP B 1 23 ? -11.662 -1.221  3.766   1.000 10.366 0 23  HYP B N   1 ? 
HETATM 329  C CA  . HYP B 1 23 ? -12.856 -0.817  4.475   1.000 10.459 0 23  HYP B CA  1 ? 
HETATM 330  C C   . HYP B 1 23 ? -12.847 -1.299  5.927   1.000 11.355 0 23  HYP B C   1 ? 
HETATM 331  O O   . HYP B 1 23 ? -12.314 -2.374  6.268   1.000 12.147 0 23  HYP B O   1 ? 
HETATM 332  C CB  . HYP B 1 23 ? -13.960 -1.590  3.715   1.000 12.519 0 23  HYP B CB  1 ? 
HETATM 333  C CG  . HYP B 1 23 ? -13.408 -1.763  2.325   1.000 12.789 0 23  HYP B CG  1 ? 
HETATM 334  C CD  . HYP B 1 23 ? -11.944 -2.101  2.596   1.000 11.855 0 23  HYP B CD  1 ? 
HETATM 335  O OD1 . HYP B 1 23 ? -13.485 -0.550  1.575   1.000 14.741 0 23  HYP B OD1 1 ? 
ATOM   336  N N   . GLY B 1 24 ? -13.540 -0.550  6.803   1.000 9.871  0 24  GLY B N   1 ? 
ATOM   337  C CA  . GLY B 1 24 ? -13.802 -0.996  8.148   1.000 9.830  0 24  GLY B CA  1 ? 
ATOM   338  C C   . GLY B 1 24 ? -14.690 -2.237  8.176   1.000 10.234 0 24  GLY B C   1 ? 
ATOM   339  O O   . GLY B 1 24 ? -15.294 -2.622  7.175   1.000 12.671 0 24  GLY B O   1 ? 
ATOM   340  N N   . PRO B 1 25 ? -14.789 -2.862  9.372   1.000 12.880 0 25  PRO B N   1 ? 
ATOM   341  C CA  . PRO B 1 25 ? -15.660 -4.012  9.562   1.000 12.676 0 25  PRO B CA  1 ? 
ATOM   342  C C   . PRO B 1 25 ? -17.122 -3.560  9.612   1.000 11.876 0 25  PRO B C   1 ? 
ATOM   343  O O   . PRO B 1 25 ? -17.436 -2.350  9.758   1.000 13.319 0 25  PRO B O   1 ? 
ATOM   344  C CB  . PRO B 1 25 ? -15.184 -4.566  10.887  1.000 12.596 0 25  PRO B CB  1 ? 
ATOM   345  C CG  . PRO B 1 25 ? -14.706 -3.378  11.637  1.000 13.017 0 25  PRO B CG  1 ? 
ATOM   346  C CD  . PRO B 1 25 ? -14.129 -2.418  10.597  1.000 13.075 0 25  PRO B CD  1 ? 
HETATM 347  N N   . HYP B 1 26 ? -18.078 -4.490  9.563   1.000 13.971 0 26  HYP B N   1 ? 
HETATM 348  C CA  . HYP B 1 26 ? -19.478 -4.137  9.763   1.000 13.549 0 26  HYP B CA  1 ? 
HETATM 349  C C   . HYP B 1 26 ? -19.709 -3.522  11.111  1.000 13.198 0 26  HYP B C   1 ? 
HETATM 350  O O   . HYP B 1 26 ? -18.985 -3.786  12.081  1.000 14.439 0 26  HYP B O   1 ? 
HETATM 351  C CB  . HYP B 1 26 ? -20.228 -5.482  9.714   1.000 15.510 0 26  HYP B CB  1 ? 
HETATM 352  C CG  . HYP B 1 26 ? -19.315 -6.311  8.836   1.000 18.031 0 26  HYP B CG  1 ? 
HETATM 353  C CD  . HYP B 1 26 ? -17.923 -5.918  9.273   1.000 16.475 0 26  HYP B CD  1 ? 
HETATM 354  O OD1 . HYP B 1 26 ? -19.537 -6.009  7.473   1.000 20.047 0 26  HYP B OD1 1 ? 
ATOM   355  N N   . GLY B 1 27 ? -20.761 -2.721  11.154  1.000 13.777 0 27  GLY B N   1 ? 
ATOM   356  C CA  . GLY B 1 27 ? -21.160 -2.109  12.383  1.000 13.338 0 27  GLY B CA  1 ? 
ATOM   357  C C   . GLY B 1 27 ? -21.783 -3.122  13.314  1.000 15.048 0 27  GLY B C   1 ? 
ATOM   358  O O   . GLY B 1 27 ? -21.960 -4.304  12.968  1.000 14.962 0 27  GLY B O   1 ? 
ATOM   359  N N   . PRO B 1 28 ? -22.181 -2.648  14.512  1.000 14.505 0 28  PRO B N   1 ? 
ATOM   360  C CA  . PRO B 1 28 ? -22.776 -3.560  15.495  1.000 17.896 0 28  PRO B CA  1 ? 
ATOM   361  C C   . PRO B 1 28 ? -24.094 -4.157  15.055  1.000 17.997 0 28  PRO B C   1 ? 
ATOM   362  O O   . PRO B 1 28 ? -24.878 -3.519  14.352  1.000 17.080 0 28  PRO B O   1 ? 
ATOM   363  C CB  . PRO B 1 28 ? -22.984 -2.698  16.724  1.000 17.270 0 28  PRO B CB  1 ? 
ATOM   364  C CG  . PRO B 1 28 ? -22.032 -1.535  16.571  1.000 17.271 0 28  PRO B CG  1 ? 
ATOM   365  C CD  . PRO B 1 28 ? -21.908 -1.311  15.055  1.000 16.457 0 28  PRO B CD  1 ? 
HETATM 366  N N   . HYP B 1 29 ? -24.418 -5.395  15.473  1.000 20.136 0 29  HYP B N   1 ? 
HETATM 367  C CA  . HYP B 1 29 ? -25.706 -5.991  15.166  1.000 22.764 0 29  HYP B CA  1 ? 
HETATM 368  C C   . HYP B 1 29 ? -26.864 -5.159  15.718  1.000 23.968 0 29  HYP B C   1 ? 
HETATM 369  O O   . HYP B 1 29 ? -26.750 -4.576  16.794  1.000 24.853 0 29  HYP B O   1 ? 
HETATM 370  C CB  . HYP B 1 29 ? -25.635 -7.350  15.892  1.000 22.643 0 29  HYP B CB  1 ? 
HETATM 371  C CG  . HYP B 1 29 ? -24.147 -7.628  15.975  1.000 24.958 0 29  HYP B CG  1 ? 
HETATM 372  C CD  . HYP B 1 29 ? -23.544 -6.281  16.265  1.000 23.036 0 29  HYP B CD  1 ? 
HETATM 373  O OD1 . HYP B 1 29 ? -23.678 -8.063  14.710  1.000 22.959 0 29  HYP B OD1 1 ? 
ATOM   374  N N   . GLY B 1 30 ? -27.952 -5.121  14.958  1.000 28.247 0 30  GLY B N   1 ? 
ATOM   375  C CA  . GLY B 1 30 ? -29.204 -4.552  15.430  1.000 32.195 0 30  GLY B CA  1 ? 
ATOM   376  C C   . GLY B 1 30 ? -29.877 -5.471  16.443  1.000 37.874 0 30  GLY B C   1 ? 
ATOM   377  O O   . GLY B 1 30 ? -29.452 -6.653  16.501  1.000 39.790 0 30  GLY B O   1 ? 
ATOM   378  N N   . GLY C 1 3  ? 40.965  22.202  -15.605 1.000 43.482 0 3   GLY C N   1 ? 
ATOM   379  C CA  . GLY C 1 3  ? 39.591  22.695  -15.346 1.000 41.362 0 3   GLY C CA  1 ? 
ATOM   380  C C   . GLY C 1 3  ? 39.069  22.184  -14.008 1.000 39.372 0 3   GLY C C   1 ? 
ATOM   381  O O   . GLY C 1 3  ? 39.411  21.079  -13.607 1.000 41.479 0 3   GLY C O   1 ? 
ATOM   382  N N   . PRO C 1 4  ? 38.262  22.978  -13.272 1.000 40.566 0 4   PRO C N   1 ? 
ATOM   383  C CA  . PRO C 1 4  ? 37.781  22.558  -11.963 1.000 39.700 0 4   PRO C CA  1 ? 
ATOM   384  C C   . PRO C 1 4  ? 36.676  21.517  -12.106 1.000 32.209 0 4   PRO C C   1 ? 
ATOM   385  O O   . PRO C 1 4  ? 36.091  21.371  -13.175 1.000 29.602 0 4   PRO C O   1 ? 
ATOM   386  C CB  . PRO C 1 4  ? 37.278  23.870  -11.351 1.000 45.418 0 4   PRO C CB  1 ? 
ATOM   387  C CG  . PRO C 1 4  ? 36.825  24.676  -12.553 1.000 45.059 0 4   PRO C CG  1 ? 
ATOM   388  C CD  . PRO C 1 4  ? 37.784  24.306  -13.676 1.000 41.630 0 4   PRO C CD  1 ? 
HETATM 389  N N   . HYP C 1 5  ? 36.354  20.771  -11.032 1.000 33.287 0 5   HYP C N   1 ? 
HETATM 390  C CA  . HYP C 1 5  ? 35.208  19.864  -11.050 1.000 30.995 0 5   HYP C CA  1 ? 
HETATM 391  C C   . HYP C 1 5  ? 33.938  20.606  -11.429 1.000 26.693 0 5   HYP C C   1 ? 
HETATM 392  O O   . HYP C 1 5  ? 33.779  21.791  -11.137 1.000 27.590 0 5   HYP C O   1 ? 
HETATM 393  C CB  . HYP C 1 5  ? 35.135  19.343  -9.603  1.000 35.153 0 5   HYP C CB  1 ? 
HETATM 394  C CG  . HYP C 1 5  ? 36.583  19.438  -9.143  1.000 36.802 0 5   HYP C CG  1 ? 
HETATM 395  C CD  . HYP C 1 5  ? 37.052  20.752  -9.742  1.000 37.666 0 5   HYP C CD  1 ? 
HETATM 396  O OD1 . HYP C 1 5  ? 37.318  18.347  -9.679  1.000 36.512 0 5   HYP C OD1 1 ? 
ATOM   397  N N   . GLY C 1 6  ? 33.034  19.887  -12.086 1.000 21.441 0 6   GLY C N   1 ? 
ATOM   398  C CA  . GLY C 1 6  ? 31.753  20.444  -12.459 1.000 23.711 0 6   GLY C CA  1 ? 
ATOM   399  C C   . GLY C 1 6  ? 30.861  20.626  -11.241 1.000 21.627 0 6   GLY C C   1 ? 
ATOM   400  O O   . GLY C 1 6  ? 31.200  20.231  -10.116 1.000 19.505 0 6   GLY C O   1 ? 
ATOM   401  N N   . PRO C 1 7  ? 29.706  21.285  -11.420 1.000 22.071 0 7   PRO C N   1 ? 
ATOM   402  C CA  . PRO C 1 7  ? 28.800  21.524  -10.309 1.000 21.731 0 7   PRO C CA  1 ? 
ATOM   403  C C   . PRO C 1 7  ? 28.102  20.230  -9.892  1.000 19.187 0 7   PRO C C   1 ? 
ATOM   404  O O   . PRO C 1 7  ? 28.106  19.240  -10.599 1.000 17.041 0 7   PRO C O   1 ? 
ATOM   405  C CB  . PRO C 1 7  ? 27.816  22.566  -10.828 1.000 22.657 0 7   PRO C CB  1 ? 
ATOM   406  C CG  . PRO C 1 7  ? 28.007  22.616  -12.337 1.000 23.841 0 7   PRO C CG  1 ? 
ATOM   407  C CD  . PRO C 1 7  ? 29.226  21.829  -12.696 1.000 23.062 0 7   PRO C CD  1 ? 
HETATM 408  N N   . HYP C 1 8  ? 27.416  20.245  -8.743  1.000 17.604 0 8   HYP C N   1 ? 
HETATM 409  C CA  . HYP C 1 8  ? 26.631  19.078  -8.348  1.000 17.010 0 8   HYP C CA  1 ? 
HETATM 410  C C   . HYP C 1 8  ? 25.530  18.784  -9.353  1.000 17.421 0 8   HYP C C   1 ? 
HETATM 411  O O   . HYP C 1 8  ? 25.031  19.677  -10.013 1.000 19.074 0 8   HYP C O   1 ? 
HETATM 412  C CB  . HYP C 1 8  ? 26.040  19.505  -7.003  1.000 18.868 0 8   HYP C CB  1 ? 
HETATM 413  C CG  . HYP C 1 8  ? 27.002  20.553  -6.483  1.000 20.083 0 8   HYP C CG  1 ? 
HETATM 414  C CD  . HYP C 1 8  ? 27.380  21.305  -7.737  1.000 19.441 0 8   HYP C CD  1 ? 
HETATM 415  O OD1 . HYP C 1 8  ? 28.137  19.928  -5.909  1.000 21.213 0 8   HYP C OD1 1 ? 
ATOM   416  N N   . GLY C 1 9  ? 25.132  17.518  -9.398  1.000 15.957 0 9   GLY C N   1 ? 
ATOM   417  C CA  . GLY C 1 9  ? 24.010  17.106  -10.223 1.000 15.658 0 9   GLY C CA  1 ? 
ATOM   418  C C   . GLY C 1 9  ? 22.683  17.619  -9.688  1.000 14.524 0 9   GLY C C   1 ? 
ATOM   419  O O   . GLY C 1 9  ? 22.603  18.320  -8.667  1.000 15.228 0 9   GLY C O   1 ? 
ATOM   420  N N   . GLU C 1 10 ? 21.612  17.317  -10.439 1.000 14.644 0 10  GLU C N   1 ? 
ATOM   421  C CA  . GLU C 1 10 ? 20.273  17.730  -10.068 1.000 13.500 0 10  GLU C CA  1 ? 
ATOM   422  C C   . GLU C 1 10 ? 19.815  16.911  -8.855  1.000 13.768 0 10  GLU C C   1 ? 
ATOM   423  O O   . GLU C 1 10 ? 20.323  15.826  -8.573  1.000 15.131 0 10  GLU C O   1 ? 
ATOM   424  C CB  . GLU C 1 10 ? 19.347  17.619  -11.286 1.000 14.823 0 10  GLU C CB  1 ? 
ATOM   425  C CG  . GLU C 1 10 ? 19.025  16.190  -11.665 1.000 16.145 0 10  GLU C CG  1 ? 
ATOM   426  C CD  . GLU C 1 10 ? 18.106  16.033  -12.855 1.000 18.411 0 10  GLU C CD  1 ? 
ATOM   427  O OE1 . GLU C 1 10 ? 17.318  16.954  -13.121 1.000 22.399 0 10  GLU C OE1 1 ? 
ATOM   428  O OE2 . GLU C 1 10 ? 18.176  14.951  -13.435 1.000 20.402 0 10  GLU C OE2 1 ? 
ATOM   429  N N   . ARG C 1 11 ? 18.781  17.416  -8.216  1.000 14.977 0 11  ARG C N   1 ? 
ATOM   430  C CA  . ARG C 1 11 ? 18.143  16.697  -7.115  1.000 13.356 0 11  ARG C CA  1 ? 
ATOM   431  C C   . ARG C 1 11 ? 17.675  15.316  -7.596  1.000 12.557 0 11  ARG C C   1 ? 
ATOM   432  O O   . ARG C 1 11 ? 17.193  15.167  -8.725  1.000 13.973 0 11  ARG C O   1 ? 
ATOM   433  C CB  . ARG C 1 11 ? 16.978  17.508  -6.564  1.000 13.691 0 11  ARG C CB  1 ? 
ATOM   434  C CG  . ARG C 1 11 ? 16.391  16.876  -5.302  1.000 15.861 0 11  ARG C CG  1 ? 
ATOM   435  C CD  . ARG C 1 11 ? 15.363  17.691  -4.534  1.000 17.351 0 11  ARG C CD  1 ? 
ATOM   436  N NE  . ARG C 1 11 ? 15.177  17.141  -3.181  1.000 18.521 0 11  ARG C NE  1 ? 
ATOM   437  C CZ  . ARG C 1 11 ? 14.267  17.557  -2.317  1.000 21.101 0 11  ARG C CZ  1 ? 
ATOM   438  N NH1 . ARG C 1 11 ? 13.402  18.496  -2.647  1.000 25.277 0 11  ARG C NH1 1 ? 
ATOM   439  N NH2 . ARG C 1 11 ? 14.254  17.043  -1.110  1.000 21.158 0 11  ARG C NH2 1 ? 
ATOM   440  N N   . GLY C 1 12 ? 17.767  14.329  -6.701  1.000 11.917 0 12  GLY C N   1 ? 
ATOM   441  C CA  . GLY C 1 12 ? 17.274  12.999  -7.015  1.000 11.554 0 12  GLY C CA  1 ? 
ATOM   442  C C   . GLY C 1 12 ? 15.752  12.994  -7.222  1.000 11.410 0 12  GLY C C   1 ? 
ATOM   443  O O   . GLY C 1 12 ? 15.022  13.930  -6.874  1.000 12.013 0 12  GLY C O   1 ? 
ATOM   444  N N   . PRO C 1 13 ? 15.236  11.865  -7.762  1.000 12.186 0 13  PRO C N   1 ? 
ATOM   445  C CA  . PRO C 1 13 ? 13.797  11.756  -7.986  1.000 12.186 0 13  PRO C CA  1 ? 
ATOM   446  C C   . PRO C 1 13 ? 13.082  11.501  -6.656  1.000 10.318 0 13  PRO C C   1 ? 
ATOM   447  O O   . PRO C 1 13 ? 13.708  11.107  -5.659  1.000 10.472 0 13  PRO C O   1 ? 
ATOM   448  C CB  . PRO C 1 13 ? 13.715  10.491  -8.856  1.000 12.777 0 13  PRO C CB  1 ? 
ATOM   449  C CG  . PRO C 1 13 ? 14.941  9.700   -8.552  1.000 12.630 0 13  PRO C CG  1 ? 
ATOM   450  C CD  . PRO C 1 13 ? 16.008  10.689  -8.176  1.000 12.352 0 13  PRO C CD  1 ? 
ATOM   451  N N   . PRO C 1 14 ? 11.765  11.726  -6.614  1.000 12.276 0 14  PRO C N   1 ? 
ATOM   452  C CA  . PRO C 1 14 ? 10.989  11.428  -5.416  1.000 12.262 0 14  PRO C CA  1 ? 
ATOM   453  C C   . PRO C 1 14 ? 11.040  9.937   -5.093  1.000 13.199 0 14  PRO C C   1 ? 
ATOM   454  O O   . PRO C 1 14 ? 11.133  9.076   -5.948  1.000 12.093 0 14  PRO C O   1 ? 
ATOM   455  C CB  . PRO C 1 14 ? 9.550   11.816  -5.751  1.000 12.947 0 14  PRO C CB  1 ? 
ATOM   456  C CG  . PRO C 1 14 ? 9.618   12.537  -7.068  1.000 16.397 0 14  PRO C CG  1 ? 
ATOM   457  C CD  . PRO C 1 14 ? 10.905  12.127  -7.744  1.000 14.410 0 14  PRO C CD  1 ? 
ATOM   458  N N   . GLY C 1 15 ? 10.909  9.609   -3.803  1.000 11.325 0 15  GLY C N   1 ? 
ATOM   459  C CA  . GLY C 1 15 ? 10.698  8.246   -3.377  1.000 12.346 0 15  GLY C CA  1 ? 
ATOM   460  C C   . GLY C 1 15 ? 9.439   7.645   -3.974  1.000 12.975 0 15  GLY C C   1 ? 
ATOM   461  O O   . GLY C 1 15 ? 8.563   8.324   -4.509  1.000 12.639 0 15  GLY C O   1 ? 
ATOM   462  N N   . GLY C 1 16 ? 9.371   6.328   -3.788  1.000 13.469 0 16  GLY C N   1 ? 
ATOM   463  C CA  . GLY C 1 16 ? 8.163   5.578   -4.074  1.000 13.543 0 16  GLY C CA  1 ? 
ATOM   464  C C   . GLY C 1 16 ? 7.055   5.846   -3.049  1.000 14.147 0 16  GLY C C   1 ? 
ATOM   465  O O   . GLY C 1 16 ? 7.264   6.456   -2.004  1.000 13.448 0 16  GLY C O   1 ? 
ATOM   466  N N   . VAL C 1 17 ? 5.867   5.345   -3.347  1.000 13.612 0 17  VAL C N   1 ? 
ATOM   467  C CA  . VAL C 1 17 ? 4.745   5.531   -2.441  1.000 14.216 0 17  VAL C CA  1 ? 
ATOM   468  C C   . VAL C 1 17 ? 4.990   4.686   -1.174  1.000 12.371 0 17  VAL C C   1 ? 
ATOM   469  O O   . VAL C 1 17 ? 5.717   3.690   -1.159  1.000 10.708 0 17  VAL C O   1 ? 
ATOM   470  C CB  . VAL C 1 17 ? 3.332   5.302   -3.015  1.000 17.059 0 17  VAL C CB  1 ? 
ATOM   471  C CG1 . VAL C 1 17 ? 3.076   6.223   -4.199  1.000 18.194 0 17  VAL C CG1 1 ? 
ATOM   472  C CG2 . VAL C 1 17 ? 3.119   3.862   -3.402  1.000 18.595 0 17  VAL C CG2 1 ? 
ATOM   473  N N   . GLY C 1 18 ? 4.378   5.169   -0.116  1.000 11.294 0 18  GLY C N   1 ? 
ATOM   474  C CA  . GLY C 1 18 ? 4.480   4.560   1.198   1.000 10.632 0 18  GLY C CA  1 ? 
ATOM   475  C C   . GLY C 1 18 ? 3.639   3.298   1.358   1.000 9.552  0 18  GLY C C   1 ? 
ATOM   476  O O   . GLY C 1 18 ? 3.021   2.763   0.444   1.000 10.072 0 18  GLY C O   1 ? 
ATOM   477  N N   . PHE C 1 19 ? 3.644   2.820   2.597   1.000 9.858  0 19  PHE C N   1 ? 
ATOM   478  C CA  . PHE C 1 19 ? 2.906   1.635   2.977   1.000 9.369  0 19  PHE C CA  1 ? 
ATOM   479  C C   . PHE C 1 19 ? 1.399   1.901   2.944   1.000 10.157 0 19  PHE C C   1 ? 
ATOM   480  O O   . PHE C 1 19 ? 0.979   2.981   3.258   1.000 10.413 0 19  PHE C O   1 ? 
ATOM   481  C CB  . PHE C 1 19 ? 3.344   1.194   4.377   1.000 9.826  0 19  PHE C CB  1 ? 
ATOM   482  C CG  . PHE C 1 19 ? 4.802   0.787   4.470   1.000 10.959 0 19  PHE C CG  1 ? 
ATOM   483  C CD1 . PHE C 1 19 ? 5.364   -0.089  3.548   1.000 12.215 0 19  PHE C CD1 1 ? 
ATOM   484  C CD2 . PHE C 1 19 ? 5.574   1.222   5.517   1.000 11.648 0 19  PHE C CD2 1 ? 
ATOM   485  C CE1 . PHE C 1 19 ? 6.688   -0.479  3.642   1.000 13.003 0 19  PHE C CE1 1 ? 
ATOM   486  C CE2 . PHE C 1 19 ? 6.897   0.807   5.639   1.000 13.018 0 19  PHE C CE2 1 ? 
ATOM   487  C CZ  . PHE C 1 19 ? 7.454   -0.004  4.678   1.000 13.600 0 19  PHE C CZ  1 ? 
ATOM   488  N N   . PRO C 1 20 ? 0.577   0.880   2.724   1.000 9.662  0 20  PRO C N   1 ? 
ATOM   489  C CA  . PRO C 1 20 ? -0.866  1.069   2.779   1.000 10.200 0 20  PRO C CA  1 ? 
ATOM   490  C C   . PRO C 1 20 ? -1.396  1.330   4.179   1.000 10.258 0 20  PRO C C   1 ? 
ATOM   491  O O   . PRO C 1 20 ? -0.808  0.881   5.175   1.000 11.305 0 20  PRO C O   1 ? 
ATOM   492  C CB  . PRO C 1 20 ? -1.431  -0.262  2.227   1.000 11.627 0 20  PRO C CB  1 ? 
ATOM   493  C CG  . PRO C 1 20 ? -0.283  -1.088  1.839   1.000 11.682 0 20  PRO C CG  1 ? 
ATOM   494  C CD  . PRO C 1 20 ? 0.988   -0.460  2.247   1.000 11.464 0 20  PRO C CD  1 ? 
ATOM   495  N N   . GLY C 1 21 ? -2.474  2.078   4.229   1.000 10.136 0 21  GLY C N   1 ? 
ATOM   496  C CA  . GLY C 1 21 ? -3.035  2.465   5.499   1.000 10.051 0 21  GLY C CA  1 ? 
ATOM   497  C C   . GLY C 1 21 ? -3.813  1.392   6.243   1.000 9.314  0 21  GLY C C   1 ? 
ATOM   498  O O   . GLY C 1 21 ? -4.042  0.265   5.804   1.000 9.612  0 21  GLY C O   1 ? 
ATOM   499  N N   . PRO C 1 22 ? -4.267  1.762   7.468   1.000 9.529  0 22  PRO C N   1 ? 
ATOM   500  C CA  . PRO C 1 22 ? -5.035  0.838   8.284   1.000 9.864  0 22  PRO C CA  1 ? 
ATOM   501  C C   . PRO C 1 22 ? -6.504  0.806   7.927   1.000 9.403  0 22  PRO C C   1 ? 
ATOM   502  O O   . PRO C 1 22 ? -6.972  1.582   7.103   1.000 9.736  0 22  PRO C O   1 ? 
ATOM   503  C CB  . PRO C 1 22 ? -4.815  1.497   9.670   1.000 10.538 0 22  PRO C CB  1 ? 
ATOM   504  C CG  . PRO C 1 22 ? -4.806  2.937   9.394   1.000 10.471 0 22  PRO C CG  1 ? 
ATOM   505  C CD  . PRO C 1 22 ? -4.012  3.045   8.132   1.000 10.588 0 22  PRO C CD  1 ? 
HETATM 506  N N   . HYP C 1 23 ? -7.260  -0.157  8.454   1.000 10.377 0 23  HYP C N   1 ? 
HETATM 507  C CA  . HYP C 1 23 ? -8.696  -0.224  8.191   1.000 11.829 0 23  HYP C CA  1 ? 
HETATM 508  C C   . HYP C 1 23 ? -9.459  1.031   8.570   1.000 11.329 0 23  HYP C C   1 ? 
HETATM 509  O O   . HYP C 1 23 ? -9.091  1.745   9.483   1.000 12.171 0 23  HYP C O   1 ? 
HETATM 510  C CB  . HYP C 1 23 ? -9.150  -1.407  9.058   1.000 13.076 0 23  HYP C CB  1 ? 
HETATM 511  C CG  . HYP C 1 23 ? -7.896  -2.232  9.254   1.000 13.778 0 23  HYP C CG  1 ? 
HETATM 512  C CD  . HYP C 1 23 ? -6.811  -1.205  9.380   1.000 11.992 0 23  HYP C CD  1 ? 
HETATM 513  O OD1 . HYP C 1 23 ? -7.725  -3.069  8.102   1.000 17.801 0 23  HYP C OD1 1 ? 
ATOM   514  N N   . GLY C 1 24 ? -10.563 1.245   7.863   1.000 11.452 0 24  GLY C N   1 ? 
ATOM   515  C CA  . GLY C 1 24 ? -11.442 2.330   8.168   1.000 10.807 0 24  GLY C CA  1 ? 
ATOM   516  C C   . GLY C 1 24 ? -12.300 2.089   9.394   1.000 11.128 0 24  GLY C C   1 ? 
ATOM   517  O O   . GLY C 1 24 ? -12.251 1.017   10.014  1.000 10.626 0 24  GLY C O   1 ? 
ATOM   518  N N   . PRO C 1 25 ? -13.194 3.054   9.686   1.000 10.862 0 25  PRO C N   1 ? 
ATOM   519  C CA  . PRO C 1 25 ? -14.102 2.968   10.806  1.000 10.480 0 25  PRO C CA  1 ? 
ATOM   520  C C   . PRO C 1 25 ? -15.126 1.857   10.653  1.000 11.218 0 25  PRO C C   1 ? 
ATOM   521  O O   . PRO C 1 25 ? -15.498 1.513   9.531   1.000 10.035 0 25  PRO C O   1 ? 
ATOM   522  C CB  . PRO C 1 25 ? -14.847 4.297   10.799  1.000 12.389 0 25  PRO C CB  1 ? 
ATOM   523  C CG  . PRO C 1 25 ? -14.022 5.246   10.014  1.000 11.807 0 25  PRO C CG  1 ? 
ATOM   524  C CD  . PRO C 1 25 ? -13.264 4.360   9.034   1.000 11.081 0 25  PRO C CD  1 ? 
HETATM 525  N N   . HYP C 1 26 ? -15.687 1.314   11.748  1.000 10.496 0 26  HYP C N   1 ? 
HETATM 526  C CA  . HYP C 1 26 ? -16.770 0.355   11.615  1.000 10.639 0 26  HYP C CA  1 ? 
HETATM 527  C C   . HYP C 1 26 ? -17.986 1.068   11.014  1.000 10.210 0 26  HYP C C   1 ? 
HETATM 528  O O   . HYP C 1 26 ? -18.138 2.281   11.130  1.000 10.554 0 26  HYP C O   1 ? 
HETATM 529  C CB  . HYP C 1 26 ? -17.071 -0.085  13.060  1.000 12.012 0 26  HYP C CB  1 ? 
HETATM 530  C CG  . HYP C 1 26 ? -15.814 0.292   13.833  1.000 13.211 0 26  HYP C CG  1 ? 
HETATM 531  C CD  . HYP C 1 26 ? -15.277 1.560   13.147  1.000 11.085 0 26  HYP C CD  1 ? 
HETATM 532  O OD1 . HYP C 1 26 ? -14.832 -0.726  13.684  1.000 14.929 0 26  HYP C OD1 1 ? 
ATOM   533  N N   . GLY C 1 27 ? -18.844 0.282   10.405  1.000 10.287 0 27  GLY C N   1 ? 
ATOM   534  C CA  . GLY C 1 27 ? -20.145 0.750   9.985   1.000 9.612  0 27  GLY C CA  1 ? 
ATOM   535  C C   . GLY C 1 27 ? -20.989 1.130   11.184  1.000 10.640 0 27  GLY C C   1 ? 
ATOM   536  O O   . GLY C 1 27 ? -20.664 0.879   12.363  1.000 11.264 0 27  GLY C O   1 ? 
ATOM   537  N N   . PRO C 1 28 ? -22.171 1.717   10.916  1.000 10.456 0 28  PRO C N   1 ? 
ATOM   538  C CA  . PRO C 1 28 ? -23.121 2.012   11.971  1.000 11.835 0 28  PRO C CA  1 ? 
ATOM   539  C C   . PRO C 1 28 ? -23.884 0.766   12.393  1.000 11.464 0 28  PRO C C   1 ? 
ATOM   540  O O   . PRO C 1 28 ? -23.833 -0.266  11.736  1.000 12.065 0 28  PRO C O   1 ? 
ATOM   541  C CB  . PRO C 1 28 ? -23.986 3.056   11.212  1.000 10.974 0 28  PRO C CB  1 ? 
ATOM   542  C CG  . PRO C 1 28 ? -24.079 2.464   9.846   1.000 10.702 0 28  PRO C CG  1 ? 
ATOM   543  C CD  . PRO C 1 28 ? -22.674 2.054   9.583   1.000 9.713  0 28  PRO C CD  1 ? 
HETATM 544  N N   . HYP C 1 29 ? -24.675 0.869   13.486  1.000 12.585 0 29  HYP C N   1 ? 
HETATM 545  C CA  . HYP C 1 29 ? -25.477 -0.262  13.931  1.000 13.191 0 29  HYP C CA  1 ? 
HETATM 546  C C   . HYP C 1 29 ? -26.516 -0.630  12.893  1.000 14.094 0 29  HYP C C   1 ? 
HETATM 547  O O   . HYP C 1 29 ? -27.057 0.215   12.168  1.000 13.890 0 29  HYP C O   1 ? 
HETATM 548  C CB  . HYP C 1 29 ? -26.176 0.361   15.160  1.000 13.490 0 29  HYP C CB  1 ? 
HETATM 549  C CG  . HYP C 1 29 ? -25.273 1.485   15.619  1.000 15.807 0 29  HYP C CG  1 ? 
HETATM 550  C CD  . HYP C 1 29 ? -24.824 2.078   14.329  1.000 14.036 0 29  HYP C CD  1 ? 
HETATM 551  O OD1 . HYP C 1 29 ? -24.196 0.923   16.328  1.000 19.073 0 29  HYP C OD1 1 ? 
ATOM   552  N N   . GLY C 1 30 ? -26.833 -1.923  12.886  1.000 15.654 0 30  GLY C N   1 ? 
ATOM   553  C CA  . GLY C 1 30 ? -27.942 -2.406  12.082  1.000 20.501 0 30  GLY C CA  1 ? 
ATOM   554  C C   . GLY C 1 30 ? -29.286 -2.121  12.741  1.000 23.543 0 30  GLY C C   1 ? 
ATOM   555  O O   . GLY C 1 30 ? -29.300 -1.585  13.879  1.000 27.727 0 30  GLY C O   1 ? 
ATOM   556  O OXT . GLY C 1 30 ? -30.286 -2.470  12.079  1.000 33.426 0 30  GLY C OXT 1 ? 
ATOM   557  N N   . PRO D 1 1  ? -39.612 -18.461 15.624  1.000 36.353 0 1   PRO D N   1 ? 
ATOM   558  C CA  . PRO D 1 1  ? -39.175 -17.847 14.376  1.000 33.781 0 1   PRO D CA  1 ? 
ATOM   559  C C   . PRO D 1 1  ? -37.658 -17.966 14.231  1.000 29.245 0 1   PRO D C   1 ? 
ATOM   560  O O   . PRO D 1 1  ? -36.994 -18.423 15.154  1.000 29.273 0 1   PRO D O   1 ? 
ATOM   561  C CB  . PRO D 1 1  ? -39.640 -16.384 14.447  1.000 39.364 0 1   PRO D CB  1 ? 
ATOM   562  C CG  . PRO D 1 1  ? -40.713 -16.410 15.512  1.000 39.070 0 1   PRO D CG  1 ? 
ATOM   563  C CD  . PRO D 1 1  ? -40.206 -17.450 16.498  1.000 36.209 0 1   PRO D CD  1 ? 
HETATM 564  N N   . HYP D 1 2  ? -37.090 -17.607 13.059  1.000 29.465 0 2   HYP D N   1 ? 
HETATM 565  C CA  . HYP D 1 2  ? -35.645 -17.706 12.858  1.000 27.270 0 2   HYP D CA  1 ? 
HETATM 566  C C   . HYP D 1 2  ? -34.858 -16.928 13.910  1.000 24.671 0 2   HYP D C   1 ? 
HETATM 567  O O   . HYP D 1 2  ? -35.289 -15.889 14.398  1.000 22.847 0 2   HYP D O   1 ? 
HETATM 568  C CB  . HYP D 1 2  ? -35.458 -17.086 11.471  1.000 27.383 0 2   HYP D CB  1 ? 
HETATM 569  C CG  . HYP D 1 2  ? -36.773 -17.338 10.756  1.000 32.565 0 2   HYP D CG  1 ? 
HETATM 570  C CD  . HYP D 1 2  ? -37.794 -17.157 11.850  1.000 31.145 0 2   HYP D CD  1 ? 
HETATM 571  O OD1 . HYP D 1 2  ? -36.777 -18.667 10.269  1.000 36.074 0 2   HYP D OD1 1 ? 
ATOM   572  N N   . GLY D 1 3  ? -33.657 -17.419 14.212  1.000 21.243 0 3   GLY D N   1 ? 
ATOM   573  C CA  . GLY D 1 3  ? -32.707 -16.678 15.013  1.000 19.595 0 3   GLY D CA  1 ? 
ATOM   574  C C   . GLY D 1 3  ? -32.182 -15.436 14.284  1.000 18.641 0 3   GLY D C   1 ? 
ATOM   575  O O   . GLY D 1 3  ? -32.463 -15.187 13.117  1.000 18.420 0 3   GLY D O   1 ? 
ATOM   576  N N   . PRO D 1 4  ? -31.354 -14.636 14.984  1.000 22.629 0 4   PRO D N   1 ? 
ATOM   577  C CA  . PRO D 1 4  ? -30.745 -13.451 14.390  1.000 23.643 0 4   PRO D CA  1 ? 
ATOM   578  C C   . PRO D 1 4  ? -29.638 -13.843 13.421  1.000 21.895 0 4   PRO D C   1 ? 
ATOM   579  O O   . PRO D 1 4  ? -29.129 -14.968 13.468  1.000 18.279 0 4   PRO D O   1 ? 
ATOM   580  C CB  . PRO D 1 4  ? -30.238 -12.687 15.612  1.000 26.457 0 4   PRO D CB  1 ? 
ATOM   581  C CG  . PRO D 1 4  ? -29.916 -13.733 16.603  1.000 28.761 0 4   PRO D CG  1 ? 
ATOM   582  C CD  . PRO D 1 4  ? -30.957 -14.814 16.382  1.000 25.627 0 4   PRO D CD  1 ? 
HETATM 583  N N   . HYP D 1 5  ? -29.215 -12.916 12.535  1.000 21.161 0 5   HYP D N   1 ? 
HETATM 584  C CA  . HYP D 1 5  ? -28.065 -13.147 11.675  1.000 19.023 0 5   HYP D CA  1 ? 
HETATM 585  C C   . HYP D 1 5  ? -26.836 -13.499 12.510  1.000 18.196 0 5   HYP D C   1 ? 
HETATM 586  O O   . HYP D 1 5  ? -26.670 -13.081 13.656  1.000 18.677 0 5   HYP D O   1 ? 
HETATM 587  C CB  . HYP D 1 5  ? -27.887 -11.822 10.930  1.000 21.334 0 5   HYP D CB  1 ? 
HETATM 588  C CG  . HYP D 1 5  ? -29.251 -11.152 11.030  1.000 21.986 0 5   HYP D CG  1 ? 
HETATM 589  C CD  . HYP D 1 5  ? -29.763 -11.548 12.376  1.000 23.728 0 5   HYP D CD  1 ? 
HETATM 590  O OD1 . HYP D 1 5  ? -30.120 -11.678 10.051  1.000 25.945 0 5   HYP D OD1 1 ? 
ATOM   591  N N   . GLY D 1 6  ? -25.958 -14.289 11.892  1.000 17.819 0 6   GLY D N   1 ? 
ATOM   592  C CA  . GLY D 1 6  ? -24.719 -14.648 12.535  1.000 17.713 0 6   GLY D CA  1 ? 
ATOM   593  C C   . GLY D 1 6  ? -23.755 -13.465 12.561  1.000 17.232 0 6   GLY D C   1 ? 
ATOM   594  O O   . GLY D 1 6  ? -24.015 -12.384 12.005  1.000 19.124 0 6   GLY D O   1 ? 
ATOM   595  N N   . PRO D 1 7  ? -22.599 -13.678 13.207  1.000 16.552 0 7   PRO D N   1 ? 
ATOM   596  C CA  . PRO D 1 7  ? -21.584 -12.635 13.288  1.000 16.918 0 7   PRO D CA  1 ? 
ATOM   597  C C   . PRO D 1 7  ? -20.900 -12.444 11.945  1.000 17.789 0 7   PRO D C   1 ? 
ATOM   598  O O   . PRO D 1 7  ? -20.983 -13.273 11.055  1.000 16.503 0 7   PRO D O   1 ? 
ATOM   599  C CB  . PRO D 1 7  ? -20.572 -13.117 14.314  1.000 21.011 0 7   PRO D CB  1 ? 
ATOM   600  C CG  . PRO D 1 7  ? -21.025 -14.456 14.767  1.000 20.965 0 7   PRO D CG  1 ? 
ATOM   601  C CD  . PRO D 1 7  ? -22.237 -14.871 13.965  1.000 18.596 0 7   PRO D CD  1 ? 
HETATM 602  N N   . HYP D 1 8  ? -20.191 -11.320 11.760  1.000 16.913 0 8   HYP D N   1 ? 
HETATM 603  C CA  . HYP D 1 8  ? -19.525 -11.097 10.488  1.000 16.691 0 8   HYP D CA  1 ? 
HETATM 604  C C   . HYP D 1 8  ? -18.417 -12.124 10.264  1.000 16.946 0 8   HYP D C   1 ? 
HETATM 605  O O   . HYP D 1 8  ? -17.831 -12.646 11.223  1.000 18.208 0 8   HYP D O   1 ? 
HETATM 606  C CB  . HYP D 1 8  ? -18.901 -9.701  10.696  1.000 18.163 0 8   HYP D CB  1 ? 
HETATM 607  C CG  . HYP D 1 8  ? -19.739 -9.043  11.769  1.000 19.357 0 8   HYP D CG  1 ? 
HETATM 608  C CD  . HYP D 1 8  ? -20.024 -10.200 12.704  1.000 17.469 0 8   HYP D CD  1 ? 
HETATM 609  O OD1 . HYP D 1 8  ? -20.920 -8.533  11.164  1.000 16.681 0 8   HYP D OD1 1 ? 
ATOM   610  N N   . GLY D 1 9  ? -18.105 -12.339 8.991   1.000 16.086 0 9   GLY D N   1 ? 
ATOM   611  C CA  . GLY D 1 9  ? -16.873 -13.029 8.633   1.000 16.760 0 9   GLY D CA  1 ? 
ATOM   612  C C   . GLY D 1 9  ? -15.623 -12.228 9.011   1.000 17.039 0 9   GLY D C   1 ? 
ATOM   613  O O   . GLY D 1 9  ? -15.648 -11.022 9.238   1.000 16.367 0 9   GLY D O   1 ? 
ATOM   614  N N   . GLU D 1 10 ? -14.516 -12.952 9.076   1.000 17.306 0 10  GLU D N   1 ? 
ATOM   615  C CA  . GLU D 1 10 ? -13.210 -12.356 9.311   1.000 19.997 0 10  GLU D CA  1 ? 
ATOM   616  C C   . GLU D 1 10 ? -12.761 -11.594 8.068   1.000 15.297 0 10  GLU D C   1 ? 
ATOM   617  O O   . GLU D 1 10 ? -13.138 -11.889 6.941   1.000 16.105 0 10  GLU D O   1 ? 
ATOM   618  C CB  . GLU D 1 10 ? -12.171 -13.397 9.748   1.000 26.059 0 10  GLU D CB  1 ? 
ATOM   619  C CG  . GLU D 1 10 ? -12.045 -14.557 8.770   1.000 32.341 0 10  GLU D CG  1 ? 
ATOM   620  C CD  . GLU D 1 10 ? -10.870 -15.476 8.996   1.000 40.441 0 10  GLU D CD  1 ? 
ATOM   621  O OE1 . GLU D 1 10 ? -9.901  -15.098 9.692   1.000 47.105 0 10  GLU D OE1 1 ? 
ATOM   622  O OE2 . GLU D 1 10 ? -10.982 -16.595 8.465   1.000 45.635 0 10  GLU D OE2 1 ? 
ATOM   623  N N   . ARG D 1 11 ? -11.902 -10.618 8.281   1.000 14.481 0 11  ARG D N   1 ? 
ATOM   624  C CA  . ARG D 1 11 ? -11.277 -9.877  7.198   1.000 14.000 0 11  ARG D CA  1 ? 
ATOM   625  C C   . ARG D 1 11 ? -10.497 -10.850 6.304   1.000 14.718 0 11  ARG D C   1 ? 
ATOM   626  O O   . ARG D 1 11 ? -9.841  -11.770 6.817   1.000 14.693 0 11  ARG D O   1 ? 
ATOM   627  C CB  . ARG D 1 11 ? -10.360 -8.804  7.796   1.000 14.190 0 11  ARG D CB  1 ? 
ATOM   628  C CG  . ARG D 1 11 ? -9.742  -7.897  6.756   1.000 13.624 0 11  ARG D CG  1 ? 
ATOM   629  C CD  . ARG D 1 11 ? -8.988  -6.731  7.343   1.000 13.574 0 11  ARG D CD  1 ? 
ATOM   630  N NE  . ARG D 1 11 ? -9.857  -5.853  8.126   1.000 14.164 0 11  ARG D NE  1 ? 
ATOM   631  C CZ  . ARG D 1 11 ? -10.593 -4.864  7.636   1.000 12.398 0 11  ARG D CZ  1 ? 
ATOM   632  N NH1 . ARG D 1 11 ? -10.610 -4.637  6.335   1.000 11.154 0 11  ARG D NH1 1 ? 
ATOM   633  N NH2 . ARG D 1 11 ? -11.341 -4.150  8.450   1.000 11.781 0 11  ARG D NH2 1 ? 
ATOM   634  N N   . GLY D 1 12 ? -10.519 -10.592 4.993   1.000 14.400 0 12  GLY D N   1 ? 
ATOM   635  C CA  . GLY D 1 12 ? -9.690  -11.324 4.045   1.000 15.967 0 12  GLY D CA  1 ? 
ATOM   636  C C   . GLY D 1 12 ? -8.204  -11.094 4.324   1.000 16.706 0 12  GLY D C   1 ? 
ATOM   637  O O   . GLY D 1 12 ? -7.799  -10.163 5.032   1.000 15.011 0 12  GLY D O   1 ? 
ATOM   638  N N   . PRO D 1 13 ? -7.330  -11.925 3.729   1.000 17.943 0 13  PRO D N   1 ? 
ATOM   639  C CA  . PRO D 1 13 ? -5.903  -11.742 3.956   1.000 17.245 0 13  PRO D CA  1 ? 
ATOM   640  C C   . PRO D 1 13 ? -5.395  -10.532 3.160   1.000 15.443 0 13  PRO D C   1 ? 
ATOM   641  O O   . PRO D 1 13 ? -5.964  -10.172 2.147   1.000 16.498 0 13  PRO D O   1 ? 
ATOM   642  C CB  . PRO D 1 13 ? -5.292  -13.056 3.490   1.000 19.354 0 13  PRO D CB  1 ? 
ATOM   643  C CG  . PRO D 1 13 ? -6.234  -13.539 2.465   1.000 18.525 0 13  PRO D CG  1 ? 
ATOM   644  C CD  . PRO D 1 13 ? -7.676  -13.069 2.873   1.000 17.907 0 13  PRO D CD  1 ? 
ATOM   645  N N   . PRO D 1 14 ? -4.261  -9.987  3.616   1.000 19.188 0 14  PRO D N   1 ? 
ATOM   646  C CA  . PRO D 1 14 ? -3.644  -8.880  2.891   1.000 18.151 0 14  PRO D CA  1 ? 
ATOM   647  C C   . PRO D 1 14 ? -3.055  -9.383  1.573   1.000 17.300 0 14  PRO D C   1 ? 
ATOM   648  O O   . PRO D 1 14 ? -2.727  -10.570 1.412   1.000 18.838 0 14  PRO D O   1 ? 
ATOM   649  C CB  . PRO D 1 14 ? -2.596  -8.341  3.841   1.000 21.077 0 14  PRO D CB  1 ? 
ATOM   650  C CG  . PRO D 1 14 ? -2.445  -9.364  4.987   1.000 23.718 0 14  PRO D CG  1 ? 
ATOM   651  C CD  . PRO D 1 14 ? -3.573  -10.336 4.864   1.000 21.910 0 14  PRO D CD  1 ? 
ATOM   652  N N   . GLY D 1 15 ? -2.884  -8.470  0.635   1.000 14.927 0 15  GLY D N   1 ? 
ATOM   653  C CA  . GLY D 1 15 ? -2.190  -8.752  -0.597  1.000 12.901 0 15  GLY D CA  1 ? 
ATOM   654  C C   . GLY D 1 15 ? -0.673  -8.961  -0.425  1.000 10.936 0 15  GLY D C   1 ? 
ATOM   655  O O   . GLY D 1 15 ? -0.097  -8.656  0.614   1.000 13.202 0 15  GLY D O   1 ? 
ATOM   656  N N   . GLY D 1 16 ? -0.116  -9.461  -1.499  1.000 12.410 0 16  GLY D N   1 ? 
ATOM   657  C CA  . GLY D 1 16 ? 1.284   -9.805  -1.541  1.000 12.735 0 16  GLY D CA  1 ? 
ATOM   658  C C   . GLY D 1 16 ? 2.144   -8.558  -1.726  1.000 12.409 0 16  GLY D C   1 ? 
ATOM   659  O O   . GLY D 1 16 ? 1.700   -7.495  -2.186  1.000 11.739 0 16  GLY D O   1 ? 
ATOM   660  N N   . VAL D 1 17 ? 3.433   -8.726  -1.436  1.000 10.539 0 17  VAL D N   1 ? 
ATOM   661  C CA  . VAL D 1 17 ? 4.408   -7.665  -1.641  1.000 10.095 0 17  VAL D CA  1 ? 
ATOM   662  C C   . VAL D 1 17 ? 4.497   -7.390  -3.135  1.000 10.415 0 17  VAL D C   1 ? 
ATOM   663  O O   . VAL D 1 17 ? 4.396   -8.297  -3.960  1.000 10.762 0 17  VAL D O   1 ? 
ATOM   664  C CB  . VAL D 1 17 ? 5.798   -8.050  -1.060  1.000 10.423 0 17  VAL D CB  1 ? 
ATOM   665  C CG1 . VAL D 1 17 ? 6.874   -7.003  -1.290  1.000 9.636  0 17  VAL D CG1 1 ? 
ATOM   666  C CG2 . VAL D 1 17 ? 5.694   -8.414  0.411   1.000 12.050 0 17  VAL D CG2 1 ? 
ATOM   667  N N   . GLY D 1 18 ? 4.704   -6.128  -3.476  1.000 8.816  0 18  GLY D N   1 ? 
ATOM   668  C CA  . GLY D 1 18 ? 4.757   -5.757  -4.886  1.000 8.739  0 18  GLY D CA  1 ? 
ATOM   669  C C   . GLY D 1 18 ? 6.038   -6.214  -5.540  1.000 7.964  0 18  GLY D C   1 ? 
ATOM   670  O O   . GLY D 1 18 ? 7.015   -6.583  -4.896  1.000 9.654  0 18  GLY D O   1 ? 
ATOM   671  N N   . PHE D 1 19 ? 6.041   -6.126  -6.857  1.000 8.603  0 19  PHE D N   1 ? 
ATOM   672  C CA  . PHE D 1 19 ? 7.153   -6.622  -7.645  1.000 8.460  0 19  PHE D CA  1 ? 
ATOM   673  C C   . PHE D 1 19 ? 8.349   -5.710  -7.467  1.000 8.954  0 19  PHE D C   1 ? 
ATOM   674  O O   . PHE D 1 19 ? 8.207   -4.499  -7.233  1.000 9.277  0 19  PHE D O   1 ? 
ATOM   675  C CB  . PHE D 1 19 ? 6.722   -6.590  -9.107  1.000 9.900  0 19  PHE D CB  1 ? 
ATOM   676  C CG  . PHE D 1 19 ? 7.479   -7.530  -10.021 1.000 10.600 0 19  PHE D CG  1 ? 
ATOM   677  C CD1 . PHE D 1 19 ? 7.365   -8.879  -9.798  1.000 10.855 0 19  PHE D CD1 1 ? 
ATOM   678  C CD2 . PHE D 1 19 ? 8.241   -7.087  -11.100 1.000 11.652 0 19  PHE D CD2 1 ? 
ATOM   679  C CE1 . PHE D 1 19 ? 8.044   -9.793  -10.575 1.000 12.072 0 19  PHE D CE1 1 ? 
ATOM   680  C CE2 . PHE D 1 19 ? 8.910   -8.006  -11.877 1.000 12.212 0 19  PHE D CE2 1 ? 
ATOM   681  C CZ  . PHE D 1 19 ? 8.789   -9.360  -11.607 1.000 12.774 0 19  PHE D CZ  1 ? 
ATOM   682  N N   . PRO D 1 20 ? 9.589   -6.208  -7.654  1.000 9.244  0 20  PRO D N   1 ? 
ATOM   683  C CA  . PRO D 1 20 ? 10.743  -5.318  -7.653  1.000 10.808 0 20  PRO D CA  1 ? 
ATOM   684  C C   . PRO D 1 20 ? 10.592  -4.210  -8.661  1.000 9.392  0 20  PRO D C   1 ? 
ATOM   685  O O   . PRO D 1 20 ? 9.973   -4.386  -9.738  1.000 10.433 0 20  PRO D O   1 ? 
ATOM   686  C CB  . PRO D 1 20 ? 11.881  -6.258  -8.052  1.000 10.714 0 20  PRO D CB  1 ? 
ATOM   687  C CG  . PRO D 1 20 ? 11.414  -7.598  -7.562  1.000 11.451 0 20  PRO D CG  1 ? 
ATOM   688  C CD  . PRO D 1 20 ? 9.936   -7.623  -7.856  1.000 9.818  0 20  PRO D CD  1 ? 
ATOM   689  N N   . GLY D 1 21 ? 11.156  -3.047  -8.325  1.000 9.423  0 21  GLY D N   1 ? 
ATOM   690  C CA  . GLY D 1 21 ? 11.082  -1.885  -9.185  1.000 9.269  0 21  GLY D CA  1 ? 
ATOM   691  C C   . GLY D 1 21 ? 11.812  -2.104  -10.505 1.000 9.307  0 21  GLY D C   1 ? 
ATOM   692  O O   . GLY D 1 21 ? 12.644  -3.002  -10.627 1.000 9.788  0 21  GLY D O   1 ? 
ATOM   693  N N   . PRO D 1 22 ? 11.552  -1.202  -11.494 1.000 10.775 0 22  PRO D N   1 ? 
ATOM   694  C CA  . PRO D 1 22 ? 12.248  -1.296  -12.759 1.000 11.166 0 22  PRO D CA  1 ? 
ATOM   695  C C   . PRO D 1 22 ? 13.741  -1.077  -12.650 1.000 11.244 0 22  PRO D C   1 ? 
ATOM   696  O O   . PRO D 1 22 ? 14.234  -0.405  -11.720 1.000 10.356 0 22  PRO D O   1 ? 
ATOM   697  C CB  . PRO D 1 22 ? 11.620  -0.235  -13.584 1.000 11.082 0 22  PRO D CB  1 ? 
ATOM   698  C CG  . PRO D 1 22 ? 10.317  0.094   -12.957 1.000 12.459 0 22  PRO D CG  1 ? 
ATOM   699  C CD  . PRO D 1 22 ? 10.529  -0.149  -11.439 1.000 11.165 0 22  PRO D CD  1 ? 
HETATM 700  N N   . HYP D 1 23 ? 14.517  -1.582  -13.618 1.000 11.301 0 23  HYP D N   1 ? 
HETATM 701  C CA  . HYP D 1 23 ? 15.940  -1.224  -13.673 1.000 11.641 0 23  HYP D CA  1 ? 
HETATM 702  C C   . HYP D 1 23 ? 16.156  0.273   -13.765 1.000 13.161 0 23  HYP D C   1 ? 
HETATM 703  O O   . HYP D 1 23 ? 15.353  1.001   -14.337 1.000 13.364 0 23  HYP D O   1 ? 
HETATM 704  C CB  . HYP D 1 23 ? 16.389  -1.922  -14.956 1.000 12.726 0 23  HYP D CB  1 ? 
HETATM 705  C CG  . HYP D 1 23 ? 15.394  -3.044  -15.167 1.000 12.688 0 23  HYP D CG  1 ? 
HETATM 706  C CD  . HYP D 1 23 ? 14.069  -2.435  -14.743 1.000 11.581 0 23  HYP D CD  1 ? 
HETATM 707  O OD1 . HYP D 1 23 ? 15.653  -4.137  -14.293 1.000 13.657 0 23  HYP D OD1 1 ? 
ATOM   708  N N   . GLY D 1 24 ? 17.286  0.734   -13.222 1.000 13.458 0 24  GLY D N   1 ? 
ATOM   709  C CA  . GLY D 1 24 ? 17.582  2.159   -13.326 1.000 15.239 0 24  GLY D CA  1 ? 
ATOM   710  C C   . GLY D 1 24 ? 17.981  2.502   -14.763 1.000 21.875 0 24  GLY D C   1 ? 
ATOM   711  O O   . GLY D 1 24 ? 18.285  1.594   -15.527 1.000 22.175 0 24  GLY D O   1 ? 
ATOM   712  N N   . PRO D 1 25 ? 18.079  3.795   -15.083 1.000 23.535 0 25  PRO D N   1 ? 
ATOM   713  C CA  . PRO D 1 25 ? 18.535  4.208   -16.417 1.000 27.577 0 25  PRO D CA  1 ? 
ATOM   714  C C   . PRO D 1 25 ? 20.037  3.952   -16.557 1.000 27.093 0 25  PRO D C   1 ? 
ATOM   715  O O   . PRO D 1 25 ? 20.761  3.863   -15.565 1.000 21.400 0 25  PRO D O   1 ? 
ATOM   716  C CB  . PRO D 1 25 ? 18.208  5.664   -16.517 1.000 28.713 0 25  PRO D CB  1 ? 
ATOM   717  C CG  . PRO D 1 25 ? 18.167  6.116   -15.077 1.000 29.129 0 25  PRO D CG  1 ? 
ATOM   718  C CD  . PRO D 1 25 ? 17.770  4.907   -14.188 1.000 25.990 0 25  PRO D CD  1 ? 
HETATM 719  N N   . HYP D 1 26 ? 20.558  3.791   -17.795 1.000 25.248 0 26  HYP D N   1 ? 
HETATM 720  C CA  . HYP D 1 26 ? 21.998  3.638   -17.975 1.000 23.172 0 26  HYP D CA  1 ? 
HETATM 721  C C   . HYP D 1 26 ? 22.719  4.874   -17.463 1.000 24.660 0 26  HYP D C   1 ? 
HETATM 722  O O   . HYP D 1 26 ? 22.155  5.947   -17.381 1.000 22.270 0 26  HYP D O   1 ? 
HETATM 723  C CB  . HYP D 1 26 ? 22.177  3.511   -19.495 1.000 23.670 0 26  HYP D CB  1 ? 
HETATM 724  C CG  . HYP D 1 26 ? 20.820  3.028   -19.979 1.000 23.184 0 26  HYP D CG  1 ? 
HETATM 725  C CD  . HYP D 1 26 ? 19.818  3.728   -19.066 1.000 27.370 0 26  HYP D CD  1 ? 
HETATM 726  O OD1 . HYP D 1 26 ? 20.735  1.615   -19.795 1.000 26.054 0 26  HYP D OD1 1 ? 
ATOM   727  N N   . GLY D 1 27 ? 23.978  4.686   -17.112 1.000 22.571 0 27  GLY D N   1 ? 
ATOM   728  C CA  . GLY D 1 27 ? 24.857  5.807   -16.813 1.000 26.760 0 27  GLY D CA  1 ? 
ATOM   729  C C   . GLY D 1 27 ? 25.007  6.739   -18.020 1.000 35.034 0 27  GLY D C   1 ? 
ATOM   730  O O   . GLY D 1 27 ? 24.762  6.316   -19.147 1.000 32.508 0 27  GLY D O   1 ? 
ATOM   731  N N   . PRO D 1 28 ? 25.230  8.059   -17.813 1.000 41.920 0 28  PRO D N   1 ? 
ATOM   732  C CA  . PRO D 1 28 ? 25.455  8.996   -18.923 1.000 45.987 0 28  PRO D CA  1 ? 
ATOM   733  C C   . PRO D 1 28 ? 26.891  8.988   -19.453 1.000 48.062 0 28  PRO D C   1 ? 
ATOM   734  O O   . PRO D 1 28 ? 27.485  7.900   -19.615 1.000 41.896 0 28  PRO D O   1 ? 
ATOM   735  C CB  . PRO D 1 28 ? 25.112  10.327  -18.232 1.000 43.333 0 28  PRO D CB  1 ? 
ATOM   736  C CG  . PRO D 1 28 ? 25.719  10.151  -16.864 1.000 40.714 0 28  PRO D CG  1 ? 
ATOM   737  C CD  . PRO D 1 28 ? 25.290  8.724   -16.501 1.000 40.133 0 28  PRO D CD  1 ? 
ATOM   738  N N   . PRO E 1 1  ? -39.909 -20.440 20.326  1.000 43.691 0 1   PRO E N   1 ? 
ATOM   739  C CA  . PRO E 1 1  ? -39.206 -19.170 20.503  1.000 42.035 0 1   PRO E CA  1 ? 
ATOM   740  C C   . PRO E 1 1  ? -38.126 -19.010 19.439  1.000 40.765 0 1   PRO E C   1 ? 
ATOM   741  O O   . PRO E 1 1  ? -37.908 -19.929 18.665  1.000 39.396 0 1   PRO E O   1 ? 
ATOM   742  C CB  . PRO E 1 1  ? -38.621 -19.233 21.912  1.000 44.367 0 1   PRO E CB  1 ? 
ATOM   743  C CG  . PRO E 1 1  ? -39.426 -20.318 22.580  1.000 45.557 0 1   PRO E CG  1 ? 
ATOM   744  C CD  . PRO E 1 1  ? -39.710 -21.315 21.472  1.000 44.453 0 1   PRO E CD  1 ? 
HETATM 745  N N   . HYP E 1 2  ? -37.493 -17.821 19.316  1.000 36.837 0 2   HYP E N   1 ? 
HETATM 746  C CA  . HYP E 1 2  ? -36.499 -17.595 18.262  1.000 37.004 0 2   HYP E CA  1 ? 
HETATM 747  C C   . HYP E 1 2  ? -35.367 -18.613 18.286  1.000 31.414 0 2   HYP E C   1 ? 
HETATM 748  O O   . HYP E 1 2  ? -34.969 -19.087 19.347  1.000 33.523 0 2   HYP E O   1 ? 
HETATM 749  C CB  . HYP E 1 2  ? -35.959 -16.193 18.587  1.000 38.538 0 2   HYP E CB  1 ? 
HETATM 750  C CG  . HYP E 1 2  ? -37.151 -15.507 19.243  1.000 36.200 0 2   HYP E CG  1 ? 
HETATM 751  C CD  . HYP E 1 2  ? -37.741 -16.609 20.116  1.000 38.374 0 2   HYP E CD  1 ? 
HETATM 752  O OD1 . HYP E 1 2  ? -38.047 -15.081 18.226  1.000 36.936 0 2   HYP E OD1 1 ? 
ATOM   753  N N   . GLY E 1 3  ? -34.856 -18.925 17.101  1.000 31.569 0 3   GLY E N   1 ? 
ATOM   754  C CA  . GLY E 1 3  ? -33.737 -19.837 16.998  1.000 31.123 0 3   GLY E CA  1 ? 
ATOM   755  C C   . GLY E 1 3  ? -32.438 -19.191 17.465  1.000 26.487 0 3   GLY E C   1 ? 
ATOM   756  O O   . GLY E 1 3  ? -32.377 -18.021 17.854  1.000 31.245 0 3   GLY E O   1 ? 
ATOM   757  N N   . PRO E 1 4  ? -31.321 -19.949 17.402  1.000 26.997 0 4   PRO E N   1 ? 
ATOM   758  C CA  . PRO E 1 4  ? -30.005 -19.409 17.730  1.000 26.465 0 4   PRO E CA  1 ? 
ATOM   759  C C   . PRO E 1 4  ? -29.514 -18.521 16.590  1.000 23.739 0 4   PRO E C   1 ? 
ATOM   760  O O   . PRO E 1 4  ? -30.034 -18.578 15.477  1.000 22.780 0 4   PRO E O   1 ? 
ATOM   761  C CB  . PRO E 1 4  ? -29.155 -20.662 17.917  1.000 29.741 0 4   PRO E CB  1 ? 
ATOM   762  C CG  . PRO E 1 4  ? -29.797 -21.674 17.024  1.000 27.927 0 4   PRO E CG  1 ? 
ATOM   763  C CD  . PRO E 1 4  ? -31.281 -21.369 17.012  1.000 27.857 0 4   PRO E CD  1 ? 
HETATM 764  N N   . HYP E 1 5  ? -28.487 -17.680 16.831  1.000 25.256 0 5   HYP E N   1 ? 
HETATM 765  C CA  . HYP E 1 5  ? -27.892 -16.912 15.744  1.000 24.142 0 5   HYP E CA  1 ? 
HETATM 766  C C   . HYP E 1 5  ? -27.386 -17.837 14.640  1.000 21.814 0 5   HYP E C   1 ? 
HETATM 767  O O   . HYP E 1 5  ? -27.031 -18.987 14.855  1.000 23.125 0 5   HYP E O   1 ? 
HETATM 768  C CB  . HYP E 1 5  ? -26.746 -16.152 16.424  1.000 23.435 0 5   HYP E CB  1 ? 
HETATM 769  C CG  . HYP E 1 5  ? -27.140 -16.124 17.892  1.000 24.843 0 5   HYP E CG  1 ? 
HETATM 770  C CD  . HYP E 1 5  ? -27.797 -17.455 18.117  1.000 22.821 0 5   HYP E CD  1 ? 
HETATM 771  O OD1 . HYP E 1 5  ? -28.054 -15.063 18.086  1.000 29.613 0 5   HYP E OD1 1 ? 
ATOM   772  N N   . GLY E 1 6  ? -27.338 -17.289 13.425  1.000 17.980 0 6   GLY E N   1 ? 
ATOM   773  C CA  . GLY E 1 6  ? -26.791 -17.986 12.295  1.000 19.253 0 6   GLY E CA  1 ? 
ATOM   774  C C   . GLY E 1 6  ? -25.280 -18.125 12.391  1.000 18.007 0 6   GLY E C   1 ? 
ATOM   775  O O   . GLY E 1 6  ? -24.628 -17.647 13.314  1.000 17.672 0 6   GLY E O   1 ? 
ATOM   776  N N   . PRO E 1 7  ? -24.691 -18.851 11.423  1.000 18.230 0 7   PRO E N   1 ? 
ATOM   777  C CA  . PRO E 1 7  ? -23.233 -19.019 11.401  1.000 16.995 0 7   PRO E CA  1 ? 
ATOM   778  C C   . PRO E 1 7  ? -22.530 -17.709 11.062  1.000 16.424 0 7   PRO E C   1 ? 
ATOM   779  O O   . PRO E 1 7  ? -23.123 -16.813 10.480  1.000 15.426 0 7   PRO E O   1 ? 
ATOM   780  C CB  . PRO E 1 7  ? -23.033 -20.082 10.324  1.000 18.248 0 7   PRO E CB  1 ? 
ATOM   781  C CG  . PRO E 1 7  ? -24.160 -19.817 9.372   1.000 19.070 0 7   PRO E CG  1 ? 
ATOM   782  C CD  . PRO E 1 7  ? -25.353 -19.456 10.255  1.000 18.872 0 7   PRO E CD  1 ? 
HETATM 783  N N   . HYP E 1 8  ? -21.215 -17.648 11.295  1.000 16.433 0 8   HYP E N   1 ? 
HETATM 784  C CA  . HYP E 1 8  ? -20.469 -16.466 10.857  1.000 16.909 0 8   HYP E CA  1 ? 
HETATM 785  C C   . HYP E 1 8  ? -20.516 -16.334 9.342   1.000 16.990 0 8   HYP E C   1 ? 
HETATM 786  O O   . HYP E 1 8  ? -20.587 -17.340 8.617   1.000 18.985 0 8   HYP E O   1 ? 
HETATM 787  C CB  . HYP E 1 8  ? -19.040 -16.774 11.328  1.000 18.650 0 8   HYP E CB  1 ? 
HETATM 788  C CG  . HYP E 1 8  ? -19.209 -17.800 12.442  1.000 20.429 0 8   HYP E CG  1 ? 
HETATM 789  C CD  . HYP E 1 8  ? -20.392 -18.634 12.001  1.000 21.222 0 8   HYP E CD  1 ? 
HETATM 790  O OD1 . HYP E 1 8  ? -19.507 -17.071 13.628  1.000 21.406 0 8   HYP E OD1 1 ? 
ATOM   791  N N   . GLY E 1 9  ? -20.393 -15.080 8.871   1.000 15.652 0 9   GLY E N   1 ? 
ATOM   792  C CA  . GLY E 1 9  ? -20.285 -14.857 7.438   1.000 16.553 0 9   GLY E CA  1 ? 
ATOM   793  C C   . GLY E 1 9  ? -18.987 -15.412 6.856   1.000 15.766 0 9   GLY E C   1 ? 
ATOM   794  O O   . GLY E 1 9  ? -18.074 -15.794 7.601   1.000 17.435 0 9   GLY E O   1 ? 
ATOM   795  N N   . GLU E 1 10 ? -18.914 -15.408 5.528   1.000 17.529 0 10  GLU E N   1 ? 
ATOM   796  C CA  . GLU E 1 10 ? -17.712 -15.902 4.870   1.000 18.563 0 10  GLU E CA  1 ? 
ATOM   797  C C   . GLU E 1 10 ? -16.582 -14.893 5.023   1.000 17.980 0 10  GLU E C   1 ? 
ATOM   798  O O   . GLU E 1 10 ? -16.813 -13.698 5.170   1.000 19.484 0 10  GLU E O   1 ? 
ATOM   799  C CB  . GLU E 1 10 ? -17.936 -16.249 3.411   1.000 21.672 0 10  GLU E CB  1 ? 
ATOM   800  C CG  . GLU E 1 10 ? -18.492 -15.132 2.548   1.000 25.677 0 10  GLU E CG  1 ? 
ATOM   801  C CD  . GLU E 1 10 ? -18.851 -15.638 1.150   1.000 26.338 0 10  GLU E CD  1 ? 
ATOM   802  O OE1 . GLU E 1 10 ? -17.929 -16.320 0.606   1.000 27.792 0 10  GLU E OE1 1 ? 
ATOM   803  O OE2 . GLU E 1 10 ? -19.976 -15.351 0.588   1.000 29.720 0 10  GLU E OE2 1 ? 
ATOM   804  N N   . ARG E 1 11 ? -15.348 -15.406 5.007   1.000 18.411 0 11  ARG E N   1 ? 
ATOM   805  C CA  . ARG E 1 11 ? -14.178 -14.544 5.024   1.000 18.511 0 11  ARG E CA  1 ? 
ATOM   806  C C   . ARG E 1 11 ? -14.203 -13.568 3.853   1.000 16.930 0 11  ARG E C   1 ? 
ATOM   807  O O   . ARG E 1 11 ? -14.609 -13.884 2.758   1.000 17.521 0 11  ARG E O   1 ? 
ATOM   808  C CB  . ARG E 1 11 ? -12.919 -15.424 4.951   1.000 22.414 0 11  ARG E CB  1 ? 
ATOM   809  C CG  . ARG E 1 11 ? -11.640 -14.634 5.159   1.000 24.592 0 11  ARG E CG  1 ? 
ATOM   810  C CD  . ARG E 1 11 ? -10.427 -15.532 5.212   1.000 26.156 0 11  ARG E CD  1 ? 
ATOM   811  N NE  . ARG E 1 11 ? -10.126 -15.851 3.813   1.000 26.763 0 11  ARG E NE  1 ? 
ATOM   812  C CZ  . ARG E 1 11 ? -8.944  -16.351 3.403   1.000 27.302 0 11  ARG E CZ  1 ? 
ATOM   813  N NH1 . ARG E 1 11 ? -8.026  -16.689 4.295   1.000 30.866 0 11  ARG E NH1 1 ? 
ATOM   814  N NH2 . ARG E 1 11 ? -8.701  -16.445 2.112   1.000 25.326 0 11  ARG E NH2 1 ? 
ATOM   815  N N   . GLY E 1 12 ? -13.750 -12.333 4.110   1.000 17.109 0 12  GLY E N   1 ? 
ATOM   816  C CA  . GLY E 1 12 ? -13.637 -11.334 3.071   1.000 17.392 0 12  GLY E CA  1 ? 
ATOM   817  C C   . GLY E 1 12 ? -12.611 -11.729 1.997   1.000 14.790 0 12  GLY E C   1 ? 
ATOM   818  O O   . GLY E 1 12 ? -11.777 -12.617 2.195   1.000 18.335 0 12  GLY E O   1 ? 
ATOM   819  N N   . PRO E 1 13 ? -12.624 -10.983 0.879   1.000 16.631 0 13  PRO E N   1 ? 
ATOM   820  C CA  . PRO E 1 13 ? -11.731 -11.280 -0.226  1.000 17.224 0 13  PRO E CA  1 ? 
ATOM   821  C C   . PRO E 1 13 ? -10.307 -10.869 0.104   1.000 19.373 0 13  PRO E C   1 ? 
ATOM   822  O O   . PRO E 1 13 ? -10.061 -9.997  0.938   1.000 16.294 0 13  PRO E O   1 ? 
ATOM   823  C CB  . PRO E 1 13 ? -12.298 -10.457 -1.355  1.000 20.116 0 13  PRO E CB  1 ? 
ATOM   824  C CG  . PRO E 1 13 ? -13.012 -9.313  -0.692  1.000 20.419 0 13  PRO E CG  1 ? 
ATOM   825  C CD  . PRO E 1 13 ? -13.508 -9.844  0.619   1.000 18.097 0 13  PRO E CD  1 ? 
ATOM   826  N N   . PRO E 1 14 ? -9.326  -11.488 -0.570  1.000 20.984 0 14  PRO E N   1 ? 
ATOM   827  C CA  . PRO E 1 14 ? -7.935  -11.087 -0.396  1.000 20.644 0 14  PRO E CA  1 ? 
ATOM   828  C C   . PRO E 1 14 ? -7.711  -9.665  -0.886  1.000 16.760 0 14  PRO E C   1 ? 
ATOM   829  O O   . PRO E 1 14 ? -8.373  -9.184  -1.811  1.000 18.564 0 14  PRO E O   1 ? 
ATOM   830  C CB  . PRO E 1 14 ? -7.123  -12.080 -1.245  1.000 23.539 0 14  PRO E CB  1 ? 
ATOM   831  C CG  . PRO E 1 14 ? -8.129  -13.062 -1.804  1.000 25.857 0 14  PRO E CG  1 ? 
ATOM   832  C CD  . PRO E 1 14 ? -9.532  -12.551 -1.576  1.000 22.178 0 14  PRO E CD  1 ? 
ATOM   833  N N   . GLY E 1 15 ? -6.762  -8.989  -0.211  1.000 15.297 0 15  GLY E N   1 ? 
ATOM   834  C CA  . GLY E 1 15 ? -6.316  -7.693  -0.698  1.000 16.162 0 15  GLY E CA  1 ? 
ATOM   835  C C   . GLY E 1 15 ? -5.522  -7.821  -1.992  1.000 15.009 0 15  GLY E C   1 ? 
ATOM   836  O O   . GLY E 1 15 ? -4.981  -8.878  -2.266  1.000 15.579 0 15  GLY E O   1 ? 
ATOM   837  N N   . GLY E 1 16 ? -5.480  -6.730  -2.749  1.000 13.422 0 16  GLY E N   1 ? 
ATOM   838  C CA  . GLY E 1 16 ? -4.730  -6.685  -3.989  1.000 11.852 0 16  GLY E CA  1 ? 
ATOM   839  C C   . GLY E 1 16 ? -3.216  -6.656  -3.743  1.000 11.423 0 16  GLY E C   1 ? 
ATOM   840  O O   . GLY E 1 16 ? -2.744  -6.289  -2.672  1.000 10.636 0 16  GLY E O   1 ? 
ATOM   841  N N   . VAL E 1 17 ? -2.465  -7.016  -4.766  1.000 10.352 0 17  VAL E N   1 ? 
ATOM   842  C CA  . VAL E 1 17 ? -1.011  -7.047  -4.671  1.000 9.760  0 17  VAL E CA  1 ? 
ATOM   843  C C   . VAL E 1 17 ? -0.507  -5.611  -4.483  1.000 9.408  0 17  VAL E C   1 ? 
ATOM   844  O O   . VAL E 1 17 ? -1.104  -4.648  -4.904  1.000 10.243 0 17  VAL E O   1 ? 
ATOM   845  C CB  . VAL E 1 17 ? -0.414  -7.722  -5.916  1.000 10.527 0 17  VAL E CB  1 ? 
ATOM   846  C CG1 . VAL E 1 17 ? -0.563  -6.893  -7.176  1.000 11.216 0 17  VAL E CG1 1 ? 
ATOM   847  C CG2 . VAL E 1 17 ? 1.045   -8.091  -5.623  1.000 11.216 0 17  VAL E CG2 1 ? 
ATOM   848  N N   . GLY E 1 18 ? 0.627   -5.498  -3.821  1.000 7.810  0 18  GLY E N   1 ? 
ATOM   849  C CA  . GLY E 1 18 ? 1.282   -4.210  -3.661  1.000 7.882  0 18  GLY E CA  1 ? 
ATOM   850  C C   . GLY E 1 18 ? 1.795   -3.637  -4.966  1.000 8.413  0 18  GLY E C   1 ? 
ATOM   851  O O   . GLY E 1 18 ? 2.001   -4.353  -5.946  1.000 8.877  0 18  GLY E O   1 ? 
ATOM   852  N N   . PHE E 1 19 ? 2.021   -2.342  -4.938  1.000 8.439  0 19  PHE E N   1 ? 
ATOM   853  C CA  . PHE E 1 19 ? 2.553   -1.638  -6.087  1.000 7.551  0 19  PHE E CA  1 ? 
ATOM   854  C C   . PHE E 1 19 ? 3.980   -2.097  -6.379  1.000 7.925  0 19  PHE E C   1 ? 
ATOM   855  O O   . PHE E 1 19 ? 4.722   -2.470  -5.482  1.000 8.516  0 19  PHE E O   1 ? 
ATOM   856  C CB  . PHE E 1 19 ? 2.577   -0.125  -5.785  1.000 7.576  0 19  PHE E CB  1 ? 
ATOM   857  C CG  . PHE E 1 19 ? 1.189   0.449   -5.690  1.000 8.148  0 19  PHE E CG  1 ? 
ATOM   858  C CD1 . PHE E 1 19 ? 0.244   0.217   -6.661  1.000 9.132  0 19  PHE E CD1 1 ? 
ATOM   859  C CD2 . PHE E 1 19 ? 0.889   1.354   -4.670  1.000 9.380  0 19  PHE E CD2 1 ? 
ATOM   860  C CE1 . PHE E 1 19 ? -1.015  0.800   -6.568  1.000 9.427  0 19  PHE E CE1 1 ? 
ATOM   861  C CE2 . PHE E 1 19 ? -0.383  1.933   -4.602  1.000 10.025 0 19  PHE E CE2 1 ? 
ATOM   862  C CZ  . PHE E 1 19 ? -1.313  1.656   -5.545  1.000 10.632 0 19  PHE E CZ  1 ? 
ATOM   863  N N   . PRO E 1 20 ? 4.444   -1.961  -7.628  1.000 9.234  0 20  PRO E N   1 ? 
ATOM   864  C CA  . PRO E 1 20 ? 5.862   -2.189  -7.903  1.000 9.788  0 20  PRO E CA  1 ? 
ATOM   865  C C   . PRO E 1 20 ? 6.694   -1.147  -7.164  1.000 9.531  0 20  PRO E C   1 ? 
ATOM   866  O O   . PRO E 1 20 ? 6.251   -0.036  -6.887  1.000 10.072 0 20  PRO E O   1 ? 
ATOM   867  C CB  . PRO E 1 20 ? 5.971   -2.005  -9.419  1.000 11.671 0 20  PRO E CB  1 ? 
ATOM   868  C CG  . PRO E 1 20 ? 4.831   -1.047  -9.712  1.000 11.712 0 20  PRO E CG  1 ? 
ATOM   869  C CD  . PRO E 1 20 ? 3.675   -1.559  -8.819  1.000 10.209 0 20  PRO E CD  1 ? 
ATOM   870  N N   . GLY E 1 21 ? 7.941   -1.528  -6.861  1.000 9.406  0 21  GLY E N   1 ? 
ATOM   871  C CA  . GLY E 1 21 ? 8.890   -0.572  -6.353  1.000 10.318 0 21  GLY E CA  1 ? 
ATOM   872  C C   . GLY E 1 21 ? 9.297   0.489   -7.351  1.000 9.534  0 21  GLY E C   1 ? 
ATOM   873  O O   . GLY E 1 21 ? 8.962   0.424   -8.545  1.000 10.568 0 21  GLY E O   1 ? 
ATOM   874  N N   . PRO E 1 22 ? 10.029  1.508   -6.876  1.000 10.520 0 22  PRO E N   1 ? 
ATOM   875  C CA  . PRO E 1 22 ? 10.525  2.551   -7.762  1.000 10.281 0 22  PRO E CA  1 ? 
ATOM   876  C C   . PRO E 1 22 ? 11.700  2.062   -8.585  1.000 9.924  0 22  PRO E C   1 ? 
ATOM   877  O O   . PRO E 1 22 ? 12.338  1.062   -8.235  1.000 10.503 0 22  PRO E O   1 ? 
ATOM   878  C CB  . PRO E 1 22 ? 10.883  3.669   -6.823  1.000 11.693 0 22  PRO E CB  1 ? 
ATOM   879  C CG  . PRO E 1 22 ? 11.283  2.951   -5.584  1.000 11.450 0 22  PRO E CG  1 ? 
ATOM   880  C CD  . PRO E 1 22 ? 10.417  1.700   -5.466  1.000 10.671 0 22  PRO E CD  1 ? 
HETATM 881  N N   . HYP E 1 23 ? 12.064  2.785   -9.645  1.000 10.564 0 23  HYP E N   1 ? 
HETATM 882  C CA  . HYP E 1 23 ? 13.231  2.418   -10.430 1.000 10.541 0 23  HYP E CA  1 ? 
HETATM 883  C C   . HYP E 1 23 ? 14.498  2.424   -9.593  1.000 10.770 0 23  HYP E C   1 ? 
HETATM 884  O O   . HYP E 1 23 ? 14.641  3.249   -8.659  1.000 11.322 0 23  HYP E O   1 ? 
HETATM 885  C CB  . HYP E 1 23 ? 13.298  3.533   -11.500 1.000 11.558 0 23  HYP E CB  1 ? 
HETATM 886  C CG  . HYP E 1 23 ? 11.900  4.101   -11.580 1.000 12.716 0 23  HYP E CG  1 ? 
HETATM 887  C CD  . HYP E 1 23 ? 11.328  3.929   -10.194 1.000 12.816 0 23  HYP E CD  1 ? 
HETATM 888  O OD1 . HYP E 1 23 ? 11.190  3.277   -12.478 1.000 14.991 0 23  HYP E OD1 1 ? 
ATOM   889  N N   . GLY E 1 24 ? 15.449  1.634   -10.038 1.000 11.088 0 24  GLY E N   1 ? 
ATOM   890  C CA  . GLY E 1 24 ? 16.759  1.604   -9.413  1.000 10.754 0 24  GLY E CA  1 ? 
ATOM   891  C C   . GLY E 1 24 ? 17.523  2.877   -9.774  1.000 10.996 0 24  GLY E C   1 ? 
ATOM   892  O O   . GLY E 1 24 ? 17.098  3.658   -10.617 1.000 11.542 0 24  GLY E O   1 ? 
ATOM   893  N N   . PRO E 1 25 ? 18.727  3.006   -9.220  1.000 11.392 0 25  PRO E N   1 ? 
ATOM   894  C CA  . PRO E 1 25 ? 19.582  4.165   -9.476  1.000 13.017 0 25  PRO E CA  1 ? 
ATOM   895  C C   . PRO E 1 25 ? 20.187  4.112   -10.861 1.000 15.859 0 25  PRO E C   1 ? 
ATOM   896  O O   . PRO E 1 25 ? 20.247  3.049   -11.470 1.000 13.265 0 25  PRO E O   1 ? 
ATOM   897  C CB  . PRO E 1 25 ? 20.640  4.140   -8.415  1.000 14.753 0 25  PRO E CB  1 ? 
ATOM   898  C CG  . PRO E 1 25 ? 20.606  2.771   -7.935  1.000 15.940 0 25  PRO E CG  1 ? 
ATOM   899  C CD  . PRO E 1 25 ? 19.285  2.115   -8.208  1.000 12.356 0 25  PRO E CD  1 ? 
HETATM 900  N N   . HYP E 1 26 ? 20.625  5.245   -11.432 1.000 17.390 0 26  HYP E N   1 ? 
HETATM 901  C CA  . HYP E 1 26 ? 21.317  5.205   -12.714 1.000 18.761 0 26  HYP E CA  1 ? 
HETATM 902  C C   . HYP E 1 26 ? 22.580  4.371   -12.607 1.000 16.785 0 26  HYP E C   1 ? 
HETATM 903  O O   . HYP E 1 26 ? 23.173  4.227   -11.544 1.000 19.132 0 26  HYP E O   1 ? 
HETATM 904  C CB  . HYP E 1 26 ? 21.684  6.664   -12.995 1.000 20.406 0 26  HYP E CB  1 ? 
HETATM 905  C CG  . HYP E 1 26 ? 20.708  7.467   -12.126 1.000 19.708 0 26  HYP E CG  1 ? 
HETATM 906  C CD  . HYP E 1 26 ? 20.538  6.611   -10.869 1.000 22.386 0 26  HYP E CD  1 ? 
HETATM 907  O OD1 . HYP E 1 26 ? 19.477  7.598   -12.793 1.000 26.718 0 26  HYP E OD1 1 ? 
ATOM   908  N N   . GLY E 1 27 ? 22.965  3.780   -13.753 1.000 16.314 0 27  GLY E N   1 ? 
ATOM   909  C CA  . GLY E 1 27 ? 24.222  3.087   -13.838 1.000 17.434 0 27  GLY E CA  1 ? 
ATOM   910  C C   . GLY E 1 27 ? 25.409  4.034   -13.699 1.000 19.198 0 27  GLY E C   1 ? 
ATOM   911  O O   . GLY E 1 27 ? 25.258  5.253   -13.677 1.000 21.740 0 27  GLY E O   1 ? 
ATOM   912  N N   . PRO E 1 28 ? 26.622  3.440   -13.621 1.000 24.866 0 28  PRO E N   1 ? 
ATOM   913  C CA  . PRO E 1 28 ? 27.857  4.214   -13.640 1.000 27.322 0 28  PRO E CA  1 ? 
ATOM   914  C C   . PRO E 1 28 ? 28.105  5.017   -14.911 1.000 28.710 0 28  PRO E C   1 ? 
ATOM   915  O O   . PRO E 1 28 ? 27.610  4.698   -15.984 1.000 26.557 0 28  PRO E O   1 ? 
ATOM   916  C CB  . PRO E 1 28 ? 28.952  3.186   -13.413 1.000 26.988 0 28  PRO E CB  1 ? 
ATOM   917  C CG  . PRO E 1 28 ? 28.252  1.958   -12.881 1.000 27.443 0 28  PRO E CG  1 ? 
ATOM   918  C CD  . PRO E 1 28 ? 26.856  1.993   -13.496 1.000 25.921 0 28  PRO E CD  1 ? 
HETATM 919  N N   . HYP E 1 29 ? 28.836  6.142   -14.801 1.000 30.634 0 29  HYP E N   1 ? 
HETATM 920  C CA  . HYP E 1 29 ? 29.042  7.030   -15.948 1.000 31.963 0 29  HYP E CA  1 ? 
HETATM 921  C C   . HYP E 1 29 ? 29.791  6.350   -17.091 1.000 31.598 0 29  HYP E C   1 ? 
HETATM 922  O O   . HYP E 1 29 ? 30.648  5.500   -16.840 1.000 27.727 0 29  HYP E O   1 ? 
HETATM 923  C CB  . HYP E 1 29 ? 29.909  8.150   -15.350 1.000 34.688 0 29  HYP E CB  1 ? 
HETATM 924  C CG  . HYP E 1 29 ? 29.636  8.083   -13.853 1.000 35.119 0 29  HYP E CG  1 ? 
HETATM 925  C CD  . HYP E 1 29 ? 29.512  6.614   -13.576 1.000 35.415 0 29  HYP E CD  1 ? 
HETATM 926  O OD1 . HYP E 1 29 ? 28.397  8.723   -13.605 1.000 35.852 0 29  HYP E OD1 1 ? 
ATOM   927  N N   . GLY E 1 30 ? 29.488  6.774   -18.332 1.000 31.689 0 30  GLY E N   1 ? 
ATOM   928  C CA  . GLY E 1 30 ? 30.242  6.382   -19.516 1.000 35.701 0 30  GLY E CA  1 ? 
ATOM   929  C C   . GLY E 1 30 ? 31.629  7.014   -19.574 1.000 40.001 0 30  GLY E C   1 ? 
ATOM   930  O O   . GLY E 1 30 ? 32.468  6.463   -20.337 1.000 39.629 0 30  GLY E O   1 ? 
ATOM   931  N N   . PRO F 1 1  ? -40.715 -26.487 19.419  1.000 52.310 0 1   PRO F N   1 ? 
ATOM   932  C CA  . PRO F 1 1  ? -39.318 -26.401 19.832  1.000 52.957 0 1   PRO F CA  1 ? 
ATOM   933  C C   . PRO F 1 1  ? -38.772 -25.012 19.523  1.000 54.369 0 1   PRO F C   1 ? 
ATOM   934  O O   . PRO F 1 1  ? -39.458 -24.207 18.890  1.000 52.965 0 1   PRO F O   1 ? 
ATOM   935  C CB  . PRO F 1 1  ? -38.588 -27.502 19.039  1.000 51.750 0 1   PRO F CB  1 ? 
ATOM   936  C CG  . PRO F 1 1  ? -39.508 -27.806 17.884  1.000 50.215 0 1   PRO F CG  1 ? 
ATOM   937  C CD  . PRO F 1 1  ? -40.905 -27.479 18.373  1.000 50.262 0 1   PRO F CD  1 ? 
HETATM 938  N N   . HYP F 1 2  ? -37.511 -24.699 19.910  1.000 52.269 0 2   HYP F N   1 ? 
HETATM 939  C CA  . HYP F 1 2  ? -36.840 -23.488 19.432  1.000 50.909 0 2   HYP F CA  1 ? 
HETATM 940  C C   . HYP F 1 2  ? -36.883 -23.353 17.918  1.000 42.777 0 2   HYP F C   1 ? 
HETATM 941  O O   . HYP F 1 2  ? -36.886 -24.348 17.196  1.000 41.990 0 2   HYP F O   1 ? 
HETATM 942  C CB  . HYP F 1 2  ? -35.396 -23.689 19.904  1.000 54.484 0 2   HYP F CB  1 ? 
HETATM 943  C CG  . HYP F 1 2  ? -35.549 -24.522 21.167  1.000 53.500 0 2   HYP F CG  1 ? 
HETATM 944  C CD  . HYP F 1 2  ? -36.665 -25.491 20.818  1.000 52.443 0 2   HYP F CD  1 ? 
HETATM 945  O OD1 . HYP F 1 2  ? -35.924 -23.658 22.228  1.000 56.684 0 2   HYP F OD1 1 ? 
ATOM   946  N N   . GLY F 1 3  ? -36.924 -22.100 17.457  1.000 38.155 0 3   GLY F N   1 ? 
ATOM   947  C CA  . GLY F 1 3  ? -36.897 -21.818 16.036  1.000 33.888 0 3   GLY F CA  1 ? 
ATOM   948  C C   . GLY F 1 3  ? -35.550 -22.175 15.399  1.000 31.933 0 3   GLY F C   1 ? 
ATOM   949  O O   . GLY F 1 3  ? -34.587 -22.520 16.091  1.000 35.740 0 3   GLY F O   1 ? 
ATOM   950  N N   . PRO F 1 4  ? -35.471 -22.132 14.059  1.000 29.435 0 4   PRO F N   1 ? 
ATOM   951  C CA  . PRO F 1 4  ? -34.262 -22.504 13.337  1.000 28.177 0 4   PRO F CA  1 ? 
ATOM   952  C C   . PRO F 1 4  ? -33.184 -21.443 13.477  1.000 28.193 0 4   PRO F C   1 ? 
ATOM   953  O O   . PRO F 1 4  ? -33.484 -20.299 13.817  1.000 24.135 0 4   PRO F O   1 ? 
ATOM   954  C CB  . PRO F 1 4  ? -34.741 -22.639 11.890  1.000 29.879 0 4   PRO F CB  1 ? 
ATOM   955  C CG  . PRO F 1 4  ? -35.908 -21.682 11.799  1.000 29.053 0 4   PRO F CG  1 ? 
ATOM   956  C CD  . PRO F 1 4  ? -36.542 -21.692 13.160  1.000 29.767 0 4   PRO F CD  1 ? 
HETATM 957  N N   . HYP F 1 5  ? -31.904 -21.795 13.220  1.000 23.927 0 5   HYP F N   1 ? 
HETATM 958  C CA  . HYP F 1 5  ? -30.832 -20.805 13.247  1.000 24.647 0 5   HYP F CA  1 ? 
HETATM 959  C C   . HYP F 1 5  ? -31.118 -19.682 12.262  1.000 23.850 0 5   HYP F C   1 ? 
HETATM 960  O O   . HYP F 1 5  ? -31.784 -19.849 11.244  1.000 21.872 0 5   HYP F O   1 ? 
HETATM 961  C CB  . HYP F 1 5  ? -29.586 -21.596 12.846  1.000 25.457 0 5   HYP F CB  1 ? 
HETATM 962  C CG  . HYP F 1 5  ? -29.941 -23.031 13.234  1.000 27.581 0 5   HYP F CG  1 ? 
HETATM 963  C CD  . HYP F 1 5  ? -31.411 -23.140 12.876  1.000 27.435 0 5   HYP F CD  1 ? 
HETATM 964  O OD1 . HYP F 1 5  ? -29.759 -23.207 14.633  1.000 30.560 0 5   HYP F OD1 1 ? 
ATOM   965  N N   . GLY F 1 6  ? -30.597 -18.507 12.612  1.000 20.510 0 6   GLY F N   1 ? 
ATOM   966  C CA  . GLY F 1 6  ? -30.741 -17.337 11.787  1.000 18.460 0 6   GLY F CA  1 ? 
ATOM   967  C C   . GLY F 1 6  ? -29.901 -17.415 10.524  1.000 19.388 0 6   GLY F C   1 ? 
ATOM   968  O O   . GLY F 1 6  ? -29.159 -18.377 10.301  1.000 21.350 0 6   GLY F O   1 ? 
ATOM   969  N N   . PRO F 1 7  ? -29.975 -16.342 9.708   1.000 20.077 0 7   PRO F N   1 ? 
ATOM   970  C CA  . PRO F 1 7  ? -29.234 -16.281 8.462   1.000 20.436 0 7   PRO F CA  1 ? 
ATOM   971  C C   . PRO F 1 7  ? -27.740 -16.145 8.697   1.000 19.119 0 7   PRO F C   1 ? 
ATOM   972  O O   . PRO F 1 7  ? -27.290 -15.734 9.774   1.000 15.795 0 7   PRO F O   1 ? 
ATOM   973  C CB  . PRO F 1 7  ? -29.738 -15.040 7.743   1.000 23.760 0 7   PRO F CB  1 ? 
ATOM   974  C CG  . PRO F 1 7  ? -30.808 -14.454 8.607   1.000 23.789 0 7   PRO F CG  1 ? 
ATOM   975  C CD  . PRO F 1 7  ? -30.775 -15.141 9.958   1.000 23.569 0 7   PRO F CD  1 ? 
HETATM 976  N N   . HYP F 1 8  ? -26.910 -16.469 7.691   1.000 19.072 0 8   HYP F N   1 ? 
HETATM 977  C CA  . HYP F 1 8  ? -25.467 -16.313 7.837   1.000 18.941 0 8   HYP F CA  1 ? 
HETATM 978  C C   . HYP F 1 8  ? -25.116 -14.841 8.056   1.000 17.803 0 8   HYP F C   1 ? 
HETATM 979  O O   . HYP F 1 8  ? -25.804 -13.952 7.562   1.000 17.469 0 8   HYP F O   1 ? 
HETATM 980  C CB  . HYP F 1 8  ? -24.937 -16.815 6.497   1.000 22.219 0 8   HYP F CB  1 ? 
HETATM 981  C CG  . HYP F 1 8  ? -26.049 -17.701 5.936   1.000 23.210 0 8   HYP F CG  1 ? 
HETATM 982  C CD  . HYP F 1 8  ? -27.317 -16.994 6.365   1.000 21.590 0 8   HYP F CD  1 ? 
HETATM 983  O OD1 . HYP F 1 8  ? -26.006 -18.997 6.524   1.000 26.014 0 8   HYP F OD1 1 ? 
ATOM   984  N N   . GLY F 1 9  ? -24.004 -14.618 8.756   1.000 15.960 0 9   GLY F N   1 ? 
ATOM   985  C CA  . GLY F 1 9  ? -23.510 -13.263 8.960   1.000 14.333 0 9   GLY F CA  1 ? 
ATOM   986  C C   . GLY F 1 9  ? -23.031 -12.620 7.667   1.000 15.003 0 9   GLY F C   1 ? 
ATOM   987  O O   . GLY F 1 9  ? -22.976 -13.228 6.608   1.000 16.406 0 9   GLY F O   1 ? 
ATOM   988  N N   . GLU F 1 10 ? -22.735 -11.327 7.774   1.000 15.079 0 10  GLU F N   1 ? 
ATOM   989  C CA  . GLU F 1 10 ? -22.221 -10.542 6.657   1.000 14.302 0 10  GLU F CA  1 ? 
ATOM   990  C C   . GLU F 1 10 ? -20.843 -11.049 6.244   1.000 14.377 0 10  GLU F C   1 ? 
ATOM   991  O O   . GLU F 1 10 ? -20.063 -11.465 7.107   1.000 15.539 0 10  GLU F O   1 ? 
ATOM   992  C CB  . GLU F 1 10 ? -22.062 -9.076  7.071   1.000 15.495 0 10  GLU F CB  1 ? 
ATOM   993  C CG  . GLU F 1 10 ? -23.370 -8.384  7.411   1.000 16.781 0 10  GLU F CG  1 ? 
ATOM   994  C CD  . GLU F 1 10 ? -23.215 -6.901  7.666   1.000 17.342 0 10  GLU F CD  1 ? 
ATOM   995  O OE1 . GLU F 1 10 ? -22.218 -6.287  7.242   1.000 20.778 0 10  GLU F OE1 1 ? 
ATOM   996  O OE2 . GLU F 1 10 ? -24.154 -6.367  8.269   1.000 20.346 0 10  GLU F OE2 1 ? 
ATOM   997  N N   . ARG F 1 11 ? -20.543 -10.913 4.954   1.000 13.681 0 11  ARG F N   1 ? 
ATOM   998  C CA  . ARG F 1 11 ? -19.204 -11.185 4.449   1.000 14.123 0 11  ARG F CA  1 ? 
ATOM   999  C C   . ARG F 1 11 ? -18.195 -10.326 5.181   1.000 14.151 0 11  ARG F C   1 ? 
ATOM   1000 O O   . ARG F 1 11 ? -18.463 -9.131  5.448   1.000 16.247 0 11  ARG F O   1 ? 
ATOM   1001 C CB  . ARG F 1 11 ? -19.172 -10.896 2.949   1.000 15.453 0 11  ARG F CB  1 ? 
ATOM   1002 C CG  . ARG F 1 11 ? -17.849 -11.183 2.248   1.000 15.377 0 11  ARG F CG  1 ? 
ATOM   1003 C CD  . ARG F 1 11 ? -17.867 -10.595 0.836   1.000 16.534 0 11  ARG F CD  1 ? 
ATOM   1004 N NE  . ARG F 1 11 ? -19.012 -11.019 0.015   1.000 18.598 0 11  ARG F NE  1 ? 
ATOM   1005 C CZ  . ARG F 1 11 ? -19.111 -12.173 -0.607  1.000 19.529 0 11  ARG F CZ  1 ? 
ATOM   1006 N NH1 . ARG F 1 11 ? -18.077 -12.988 -0.640  1.000 20.185 0 11  ARG F NH1 1 ? 
ATOM   1007 N NH2 . ARG F 1 11 ? -20.224 -12.479 -1.231  1.000 18.993 0 11  ARG F NH2 1 ? 
ATOM   1008 N N   . GLY F 1 12 ? -17.029 -10.914 5.487   1.000 13.892 0 12  GLY F N   1 ? 
ATOM   1009 C CA  . GLY F 1 12 ? -15.965 -10.119 6.100   1.000 14.530 0 12  GLY F CA  1 ? 
ATOM   1010 C C   . GLY F 1 12 ? -15.445 -9.033  5.176   1.000 13.836 0 12  GLY F C   1 ? 
ATOM   1011 O O   . GLY F 1 12 ? -15.640 -9.066  3.972   1.000 14.277 0 12  GLY F O   1 ? 
ATOM   1012 N N   . PRO F 1 13 ? -14.725 -8.044  5.730   1.000 13.476 0 13  PRO F N   1 ? 
ATOM   1013 C CA  . PRO F 1 13 ? -14.174 -6.977  4.912   1.000 12.645 0 13  PRO F CA  1 ? 
ATOM   1014 C C   . PRO F 1 13 ? -13.007 -7.471  4.086   1.000 12.658 0 13  PRO F C   1 ? 
ATOM   1015 O O   . PRO F 1 13 ? -12.352 -8.447  4.466   1.000 13.751 0 13  PRO F O   1 ? 
ATOM   1016 C CB  . PRO F 1 13 ? -13.770 -5.904  5.895   1.000 14.281 0 13  PRO F CB  1 ? 
ATOM   1017 C CG  . PRO F 1 13 ? -13.558 -6.646  7.145   1.000 14.407 0 13  PRO F CG  1 ? 
ATOM   1018 C CD  . PRO F 1 13 ? -14.416 -7.908  7.158   1.000 14.201 0 13  PRO F CD  1 ? 
ATOM   1019 N N   . PRO F 1 14 ? -12.694 -6.768  2.991   1.000 14.159 0 14  PRO F N   1 ? 
ATOM   1020 C CA  . PRO F 1 14 ? -11.509 -7.092  2.214   1.000 13.998 0 14  PRO F CA  1 ? 
ATOM   1021 C C   . PRO F 1 14 ? -10.246 -6.903  3.027   1.000 12.863 0 14  PRO F C   1 ? 
ATOM   1022 O O   . PRO F 1 14 ? -10.155 -6.021  3.867   1.000 12.093 0 14  PRO F O   1 ? 
ATOM   1023 C CB  . PRO F 1 14 ? -11.523 -6.113  1.012   1.000 16.446 0 14  PRO F CB  1 ? 
ATOM   1024 C CG  . PRO F 1 14 ? -12.861 -5.474  1.054   1.000 17.201 0 14  PRO F CG  1 ? 
ATOM   1025 C CD  . PRO F 1 14 ? -13.427 -5.622  2.449   1.000 15.702 0 14  PRO F CD  1 ? 
ATOM   1026 N N   . GLY F 1 15 ? -9.227  -7.692  2.692   1.000 12.298 0 15  GLY F N   1 ? 
ATOM   1027 C CA  . GLY F 1 15 ? -7.884  -7.461  3.194   1.000 13.058 0 15  GLY F CA  1 ? 
ATOM   1028 C C   . GLY F 1 15 ? -7.291  -6.194  2.554   1.000 12.994 0 15  GLY F C   1 ? 
ATOM   1029 O O   . GLY F 1 15 ? -7.739  -5.766  1.516   1.000 13.442 0 15  GLY F O   1 ? 
ATOM   1030 N N   . GLY F 1 16 ? -6.303  -5.627  3.227   1.000 11.901 0 16  GLY F N   1 ? 
ATOM   1031 C CA  . GLY F 1 16 ? -5.582  -4.488  2.694   1.000 11.451 0 16  GLY F CA  1 ? 
ATOM   1032 C C   . GLY F 1 16 ? -4.651  -4.882  1.563   1.000 10.898 0 16  GLY F C   1 ? 
ATOM   1033 O O   . GLY F 1 16 ? -4.311  -6.042  1.390   1.000 11.381 0 16  GLY F O   1 ? 
ATOM   1034 N N   . VAL F 1 17 ? -4.296  -3.935  0.704   1.000 10.486 0 17  VAL F N   1 ? 
ATOM   1035 C CA  . VAL F 1 17 ? -3.368  -4.211  -0.369  1.000 10.348 0 17  VAL F CA  1 ? 
ATOM   1036 C C   . VAL F 1 17 ? -1.988  -4.483  0.234   1.000 9.790  0 17  VAL F C   1 ? 
ATOM   1037 O O   . VAL F 1 17 ? -1.648  -4.105  1.367   1.000 10.405 0 17  VAL F O   1 ? 
ATOM   1038 C CB  . VAL F 1 17 ? -3.284  -3.059  -1.395  1.000 9.977  0 17  VAL F CB  1 ? 
ATOM   1039 C CG1 . VAL F 1 17 ? -4.644  -2.822  -2.052  1.000 10.307 0 17  VAL F CG1 1 ? 
ATOM   1040 C CG2 . VAL F 1 17 ? -2.714  -1.765  -0.845  1.000 10.557 0 17  VAL F CG2 1 ? 
ATOM   1041 N N   . GLY F 1 18 ? -1.181  -5.175  -0.546  1.000 9.020  0 18  GLY F N   1 ? 
ATOM   1042 C CA  . GLY F 1 18 ? 0.187   -5.446  -0.145  1.000 8.643  0 18  GLY F CA  1 ? 
ATOM   1043 C C   . GLY F 1 18 ? 1.103   -4.227  -0.138  1.000 8.841  0 18  GLY F C   1 ? 
ATOM   1044 O O   . GLY F 1 18 ? 0.808   -3.129  -0.623  1.000 10.087 0 18  GLY F O   1 ? 
ATOM   1045 N N   . PHE F 1 19 ? 2.287   -4.430  0.457   1.000 8.868  0 19  PHE F N   1 ? 
ATOM   1046 C CA  . PHE F 1 19 ? 3.276   -3.359  0.518   1.000 8.976  0 19  PHE F CA  1 ? 
ATOM   1047 C C   . PHE F 1 19 ? 3.891   -3.118  -0.849  1.000 9.129  0 19  PHE F C   1 ? 
ATOM   1048 O O   . PHE F 1 19 ? 4.054   -4.062  -1.616  1.000 10.166 0 19  PHE F O   1 ? 
ATOM   1049 C CB  . PHE F 1 19 ? 4.443   -3.787  1.411   1.000 10.568 0 19  PHE F CB  1 ? 
ATOM   1050 C CG  . PHE F 1 19 ? 4.068   -4.348  2.764   1.000 10.964 0 19  PHE F CG  1 ? 
ATOM   1051 C CD1 . PHE F 1 19 ? 2.955   -3.933  3.453   1.000 12.445 0 19  PHE F CD1 1 ? 
ATOM   1052 C CD2 . PHE F 1 19 ? 4.862   -5.349  3.284   1.000 11.603 0 19  PHE F CD2 1 ? 
ATOM   1053 C CE1 . PHE F 1 19 ? 2.605   -4.529  4.656   1.000 12.424 0 19  PHE F CE1 1 ? 
ATOM   1054 C CE2 . PHE F 1 19 ? 4.542   -5.885  4.519   1.000 11.600 0 19  PHE F CE2 1 ? 
ATOM   1055 C CZ  . PHE F 1 19 ? 3.443   -5.469  5.198   1.000 12.396 0 19  PHE F CZ  1 ? 
ATOM   1056 N N   . PRO F 1 20 ? 4.330   -1.902  -1.180  1.000 8.954  0 20  PRO F N   1 ? 
ATOM   1057 C CA  . PRO F 1 20 ? 5.097   -1.699  -2.398  1.000 8.305  0 20  PRO F CA  1 ? 
ATOM   1058 C C   . PRO F 1 20 ? 6.377   -2.509  -2.415  1.000 8.770  0 20  PRO F C   1 ? 
ATOM   1059 O O   . PRO F 1 20 ? 6.959   -2.788  -1.372  1.000 9.407  0 20  PRO F O   1 ? 
ATOM   1060 C CB  . PRO F 1 20 ? 5.399   -0.210  -2.410  1.000 8.350  0 20  PRO F CB  1 ? 
ATOM   1061 C CG  . PRO F 1 20 ? 4.261   0.357   -1.636  1.000 9.767  0 20  PRO F CG  1 ? 
ATOM   1062 C CD  . PRO F 1 20 ? 3.973   -0.630  -0.538  1.000 10.066 0 20  PRO F CD  1 ? 
ATOM   1063 N N   . GLY F 1 21 ? 6.769   -2.941  -3.599  1.000 8.657  0 21  GLY F N   1 ? 
ATOM   1064 C CA  . GLY F 1 21 ? 8.000   -3.663  -3.761  1.000 8.429  0 21  GLY F CA  1 ? 
ATOM   1065 C C   . GLY F 1 21 ? 9.230   -2.794  -3.550  1.000 8.484  0 21  GLY F C   1 ? 
ATOM   1066 O O   . GLY F 1 21 ? 9.184   -1.581  -3.393  1.000 8.042  0 21  GLY F O   1 ? 
ATOM   1067 N N   . PRO F 1 22 ? 10.411  -3.465  -3.489  1.000 8.674  0 22  PRO F N   1 ? 
ATOM   1068 C CA  . PRO F 1 22 ? 11.652  -2.777  -3.255  1.000 8.692  0 22  PRO F CA  1 ? 
ATOM   1069 C C   . PRO F 1 22 ? 12.176  -2.093  -4.488  1.000 8.677  0 22  PRO F C   1 ? 
ATOM   1070 O O   . PRO F 1 22 ? 11.688  -2.345  -5.611  1.000 8.885  0 22  PRO F O   1 ? 
ATOM   1071 C CB  . PRO F 1 22 ? 12.574  -3.883  -2.817  1.000 8.236  0 22  PRO F CB  1 ? 
ATOM   1072 C CG  . PRO F 1 22 ? 12.092  -5.075  -3.638  1.000 8.759  0 22  PRO F CG  1 ? 
ATOM   1073 C CD  . PRO F 1 22 ? 10.578  -4.916  -3.623  1.000 8.410  0 22  PRO F CD  1 ? 
HETATM 1074 N N   . HYP F 1 23 ? 13.156  -1.183  -4.372  1.000 8.641  0 23  HYP F N   1 ? 
HETATM 1075 C CA  . HYP F 1 23 ? 13.745  -0.543  -5.542  1.000 9.445  0 23  HYP F CA  1 ? 
HETATM 1076 C C   . HYP F 1 23 ? 14.296  -1.550  -6.548  1.000 9.365  0 23  HYP F C   1 ? 
HETATM 1077 O O   . HYP F 1 23 ? 14.725  -2.651  -6.209  1.000 9.553  0 23  HYP F O   1 ? 
HETATM 1078 C CB  . HYP F 1 23 ? 14.846  0.316   -4.950  1.000 10.330 0 23  HYP F CB  1 ? 
HETATM 1079 C CG  . HYP F 1 23 ? 14.421  0.543   -3.523  1.000 10.248 0 23  HYP F CG  1 ? 
HETATM 1080 C CD  . HYP F 1 23 ? 13.779  -0.765  -3.102  1.000 8.571  0 23  HYP F CD  1 ? 
HETATM 1081 O OD1 . HYP F 1 23 ? 13.507  1.640   -3.537  1.000 12.507 0 23  HYP F OD1 1 ? 
ATOM   1082 N N   . GLY F 1 24 ? 14.286  -1.158  -7.825  1.000 8.854  0 24  GLY F N   1 ? 
ATOM   1083 C CA  . GLY F 1 24 ? 14.959  -1.920  -8.827  1.000 9.301  0 24  GLY F CA  1 ? 
ATOM   1084 C C   . GLY F 1 24 ? 16.470  -1.890  -8.681  1.000 9.288  0 24  GLY F C   1 ? 
ATOM   1085 O O   . GLY F 1 24 ? 17.019  -1.132  -7.899  1.000 9.323  0 24  GLY F O   1 ? 
ATOM   1086 N N   . PRO F 1 25 ? 17.150  -2.678  -9.513  1.000 10.704 0 25  PRO F N   1 ? 
ATOM   1087 C CA  . PRO F 1 25 ? 18.608  -2.708  -9.546  1.000 11.757 0 25  PRO F CA  1 ? 
ATOM   1088 C C   . PRO F 1 25 ? 19.165  -1.481  -10.259 1.000 12.544 0 25  PRO F C   1 ? 
ATOM   1089 O O   . PRO F 1 25 ? 18.459  -0.805  -11.011 1.000 12.272 0 25  PRO F O   1 ? 
ATOM   1090 C CB  . PRO F 1 25 ? 18.872  -4.018  -10.316 1.000 13.304 0 25  PRO F CB  1 ? 
ATOM   1091 C CG  . PRO F 1 25 ? 17.704  -4.138  -11.241 1.000 11.862 0 25  PRO F CG  1 ? 
ATOM   1092 C CD  . PRO F 1 25 ? 16.524  -3.605  -10.497 1.000 12.044 0 25  PRO F CD  1 ? 
HETATM 1093 N N   . HYP F 1 26 ? 20.484  -1.244  -10.177 1.000 14.517 0 26  HYP F N   1 ? 
HETATM 1094 C CA  . HYP F 1 26 ? 21.096  -0.163  -10.916 1.000 15.355 0 26  HYP F CA  1 ? 
HETATM 1095 C C   . HYP F 1 26 ? 20.937  -0.363  -12.400 1.000 16.071 0 26  HYP F C   1 ? 
HETATM 1096 O O   . HYP F 1 26 ? 20.855  -1.508  -12.870 1.000 16.539 0 26  HYP F O   1 ? 
HETATM 1097 C CB  . HYP F 1 26 ? 22.607  -0.306  -10.602 1.000 16.533 0 26  HYP F CB  1 ? 
HETATM 1098 C CG  . HYP F 1 26 ? 22.608  -0.920  -9.230  1.000 16.615 0 26  HYP F CG  1 ? 
HETATM 1099 C CD  . HYP F 1 26 ? 21.442  -1.896  -9.273  1.000 15.933 0 26  HYP F CD  1 ? 
HETATM 1100 O OD1 . HYP F 1 26 ? 22.312  0.082   -8.249  1.000 19.167 0 26  HYP F OD1 1 ? 
ATOM   1101 N N   . GLY F 1 27 ? 20.939  0.734   -13.135 1.000 18.738 0 27  GLY F N   1 ? 
ATOM   1102 C CA  . GLY F 1 27 ? 21.201  0.685   -14.553 1.000 20.278 0 27  GLY F CA  1 ? 
ATOM   1103 C C   . GLY F 1 27 ? 22.634  0.198   -14.802 1.000 16.886 0 27  GLY F C   1 ? 
ATOM   1104 O O   . GLY F 1 27 ? 23.493  0.136   -13.917 1.000 22.678 0 27  GLY F O   1 ? 
ATOM   1105 N N   . PRO F 1 28 ? 22.931  -0.221  -16.047 1.000 24.276 0 28  PRO F N   1 ? 
ATOM   1106 C CA  . PRO F 1 28 ? 24.285  -0.640  -16.415 1.000 22.316 0 28  PRO F CA  1 ? 
ATOM   1107 C C   . PRO F 1 28 ? 25.133  0.578   -16.754 1.000 24.212 0 28  PRO F C   1 ? 
ATOM   1108 O O   . PRO F 1 28 ? 24.591  1.669   -16.932 1.000 23.994 0 28  PRO F O   1 ? 
ATOM   1109 C CB  . PRO F 1 28 ? 23.962  -1.541  -17.626 1.000 22.441 0 28  PRO F CB  1 ? 
ATOM   1110 C CG  . PRO F 1 28 ? 22.843  -0.777  -18.282 1.000 20.919 0 28  PRO F CG  1 ? 
ATOM   1111 C CD  . PRO F 1 28 ? 21.973  -0.220  -17.173 1.000 23.032 0 28  PRO F CD  1 ? 
HETATM 1112 N N   . HYP F 1 29 ? 26.459  0.412   -16.972 1.000 26.187 0 29  HYP F N   1 ? 
HETATM 1113 C CA  . HYP F 1 29 ? 27.310  1.527   -17.374 1.000 25.408 0 29  HYP F CA  1 ? 
HETATM 1114 C C   . HYP F 1 29 ? 26.896  2.144   -18.705 1.000 27.003 0 29  HYP F C   1 ? 
HETATM 1115 O O   . HYP F 1 29 ? 26.418  1.436   -19.594 1.000 24.363 0 29  HYP F O   1 ? 
HETATM 1116 C CB  . HYP F 1 29 ? 28.687  0.848   -17.531 1.000 25.020 0 29  HYP F CB  1 ? 
HETATM 1117 C CG  . HYP F 1 29 ? 28.600  -0.354  -16.609 1.000 26.320 0 29  HYP F CG  1 ? 
HETATM 1118 C CD  . HYP F 1 29 ? 27.200  -0.847  -16.847 1.000 25.090 0 29  HYP F CD  1 ? 
HETATM 1119 O OD1 . HYP F 1 29 ? 28.754  0.067   -15.253 1.000 26.624 0 29  HYP F OD1 1 ? 
ATOM   1120 N N   . GLY F 1 30 ? 27.124  3.464   -18.826 1.000 28.921 0 30  GLY F N   1 ? 
ATOM   1121 C CA  . GLY F 1 30 ? 26.948  4.195   -20.071 1.000 29.801 0 30  GLY F CA  1 ? 
ATOM   1122 C C   . GLY F 1 30 ? 28.083  3.917   -21.045 1.000 33.621 0 30  GLY F C   1 ? 
ATOM   1123 O O   . GLY F 1 30 ? 29.077  3.310   -20.593 1.000 33.890 0 30  GLY F O   1 ? 
HETATM 1124 O O   . HOH G 2 .  ? 24.217  21.519  -14.214 1.000 30.069 0 101 HOH A O   1 ? 
HETATM 1125 O O   . HOH G 2 .  ? 25.513  6.677   -1.476  1.000 33.122 0 102 HOH A O   1 ? 
HETATM 1126 O O   . HOH G 2 .  ? 19.553  6.767   -0.445  1.000 48.015 0 103 HOH A O   1 ? 
HETATM 1127 O O   . HOH G 2 .  ? 22.007  8.091   1.555   1.000 20.060 0 104 HOH A O   1 ? 
HETATM 1128 O O   . HOH G 2 .  ? -23.698 2.996   6.094   1.000 18.416 0 105 HOH A O   1 ? 
HETATM 1129 O O   . HOH G 2 .  ? 14.230  5.421   -1.719  1.000 29.777 0 106 HOH A O   1 ? 
HETATM 1130 O O   . HOH G 2 .  ? -29.076 -3.799  9.460   1.000 41.076 0 107 HOH A O   1 ? 
HETATM 1131 O O   . HOH G 2 .  ? -20.920 3.000   6.830   1.000 18.516 0 108 HOH A O   1 ? 
HETATM 1132 O O   . HOH G 2 .  ? 19.482  9.420   -9.339  1.000 25.331 0 109 HOH A O   1 ? 
HETATM 1133 O O   . HOH G 2 .  ? -14.645 7.447   6.189   1.000 17.237 0 110 HOH A O   1 ? 
HETATM 1134 O O   . HOH G 2 .  ? -27.425 2.386   8.045   1.000 24.816 0 111 HOH A O   1 ? 
HETATM 1135 O O   . HOH G 2 .  ? 26.952  23.489  -15.903 1.000 34.185 0 112 HOH A O   1 ? 
HETATM 1136 O O   . HOH G 2 .  ? 8.089   9.689   4.155   1.000 17.749 0 113 HOH A O   1 ? 
HETATM 1137 O O   . HOH G 2 .  ? 22.141  9.195   -10.080 1.000 28.745 0 114 HOH A O   1 ? 
HETATM 1138 O O   . HOH G 2 .  ? 26.082  16.055  -16.459 1.000 35.827 0 115 HOH A O   1 ? 
HETATM 1139 O O   . HOH G 2 .  ? -32.847 -9.406  14.131  1.000 43.643 0 116 HOH A O   1 ? 
HETATM 1140 O O   . HOH G 2 .  ? -17.658 2.971   2.928   1.000 20.653 0 117 HOH A O   1 ? 
HETATM 1141 O O   . HOH G 2 .  ? 5.367   4.374   4.420   1.000 14.441 0 118 HOH A O   1 ? 
HETATM 1142 O O   . HOH G 2 .  ? -11.892 7.090   6.565   1.000 10.665 0 119 HOH A O   1 ? 
HETATM 1143 O O   . HOH G 2 .  ? 22.489  15.566  -12.624 1.000 19.125 0 120 HOH A O   1 ? 
HETATM 1144 O O   . HOH G 2 .  ? 16.658  8.579   0.344   1.000 15.613 0 121 HOH A O   1 ? 
HETATM 1145 O O   . HOH G 2 .  ? -9.524  6.172   2.434   1.000 14.865 0 122 HOH A O   1 ? 
HETATM 1146 O O   . HOH G 2 .  ? -17.589 -0.684  3.088   1.000 20.885 0 123 HOH A O   1 ? 
HETATM 1147 O O   . HOH G 2 .  ? -9.436  8.271   5.623   1.000 10.778 0 124 HOH A O   1 ? 
HETATM 1148 O O   . HOH G 2 .  ? -25.216 -4.036  5.797   1.000 25.403 0 125 HOH A O   1 ? 
HETATM 1149 O O   . HOH G 2 .  ? 23.419  9.627   -6.749  1.000 23.656 0 126 HOH A O   1 ? 
HETATM 1150 O O   . HOH G 2 .  ? 18.020  6.283   -2.299  1.000 27.071 0 127 HOH A O   1 ? 
HETATM 1151 O O   . HOH G 2 .  ? 1.468   9.670   5.883   1.000 24.065 0 128 HOH A O   1 ? 
HETATM 1152 O O   . HOH G 2 .  ? 3.019   8.246   7.845   1.000 32.276 0 129 HOH A O   1 ? 
HETATM 1153 O O   . HOH G 2 .  ? -27.295 -4.495  7.014   1.000 35.883 0 130 HOH A O   1 ? 
HETATM 1154 O O   . HOH G 2 .  ? 18.593  6.316   -6.365  1.000 24.865 0 131 HOH A O   1 ? 
HETATM 1155 O O   . HOH G 2 .  ? 10.675  7.462   4.662   1.000 32.021 0 132 HOH A O   1 ? 
HETATM 1156 O O   . HOH G 2 .  ? 29.796  23.399  -15.895 1.000 31.538 0 133 HOH A O   1 ? 
HETATM 1157 O O   . HOH G 2 .  ? 31.601  24.516  -17.626 1.000 45.772 0 134 HOH A O   1 ? 
HETATM 1158 O O   . HOH G 2 .  ? 11.272  8.458   -11.183 1.000 14.699 0 135 HOH A O   1 ? 
HETATM 1159 O O   . HOH G 2 .  ? 22.070  12.986  -15.811 1.000 43.772 0 136 HOH A O   1 ? 
HETATM 1160 O O   . HOH G 2 .  ? -28.601 0.575   7.204   1.000 35.438 0 137 HOH A O   1 ? 
HETATM 1161 O O   . HOH G 2 .  ? 24.005  10.384  -4.120  1.000 22.284 0 138 HOH A O   1 ? 
HETATM 1162 O O   . HOH G 2 .  ? 0.154   7.842   8.742   1.000 29.327 0 139 HOH A O   1 ? 
HETATM 1163 O O   . HOH G 2 .  ? 33.847  27.494  -10.866 1.000 31.866 0 140 HOH A O   1 ? 
HETATM 1164 O O   . HOH G 2 .  ? 29.606  20.042  -19.511 1.000 42.546 0 141 HOH A O   1 ? 
HETATM 1165 O O   . HOH G 2 .  ? 17.810  7.393   -8.468  1.000 27.671 0 142 HOH A O   1 ? 
HETATM 1166 O O   . HOH G 2 .  ? 22.350  5.668   -5.249  1.000 33.604 0 143 HOH A O   1 ? 
HETATM 1167 O O   . HOH G 2 .  ? 8.348   5.798   -7.833  1.000 31.035 0 144 HOH A O   1 ? 
HETATM 1168 O O   . HOH G 2 .  ? 10.665  10.254  5.121   1.000 21.231 0 145 HOH A O   1 ? 
HETATM 1169 O O   . HOH G 2 .  ? 7.354   8.437   6.663   1.000 24.992 0 146 HOH A O   1 ? 
HETATM 1170 O O   . HOH G 2 .  ? 19.295  4.928   -4.472  1.000 34.968 0 147 HOH A O   1 ? 
HETATM 1171 O O   . HOH G 2 .  ? 28.738  22.025  -18.632 1.000 46.714 0 148 HOH A O   1 ? 
HETATM 1172 O O   . HOH G 2 .  ? 21.972  7.334   -6.992  1.000 27.105 0 149 HOH A O   1 ? 
HETATM 1173 O O   . HOH G 2 .  ? -10.288 4.239   0.134   1.000 27.548 0 150 HOH A O   1 ? 
HETATM 1174 O O   . HOH G 2 .  ? -8.232  9.699   7.580   1.000 10.685 0 151 HOH A O   1 ? 
HETATM 1175 O O   . HOH G 2 .  ? 27.417  14.754  -18.391 1.000 33.688 0 152 HOH A O   1 ? 
HETATM 1176 O O   . HOH G 2 .  ? -7.951  8.524   1.621   1.000 16.635 0 153 HOH A O   1 ? 
HETATM 1177 O O   . HOH G 2 .  ? -11.852 7.617   9.245   1.000 12.981 0 154 HOH A O   1 ? 
HETATM 1178 O O   . HOH H 2 .  ? -24.203 -10.493 14.630  1.000 25.968 0 101 HOH B O   1 ? 
HETATM 1179 O O   . HOH H 2 .  ? -21.650 -6.874  13.251  1.000 18.231 0 102 HOH B O   1 ? 
HETATM 1180 O O   . HOH H 2 .  ? 17.645  16.548  -0.148  1.000 28.535 0 103 HOH B O   1 ? 
HETATM 1181 O O   . HOH H 2 .  ? 0.496   8.412   -3.401  1.000 25.282 0 104 HOH B O   1 ? 
HETATM 1182 O O   . HOH H 2 .  ? 25.880  8.961   -7.743  1.000 24.846 0 105 HOH B O   1 ? 
HETATM 1183 O O   . HOH H 2 .  ? -15.942 -0.166  0.627   1.000 22.228 0 106 HOH B O   1 ? 
HETATM 1184 O O   . HOH H 2 .  ? 29.879  10.569  -8.511  1.000 34.857 0 107 HOH B O   1 ? 
HETATM 1185 O O   . HOH H 2 .  ? -17.419 -6.434  5.852   1.000 21.365 0 108 HOH B O   1 ? 
HETATM 1186 O O   . HOH H 2 .  ? 31.156  12.441  -9.722  1.000 36.386 0 109 HOH B O   1 ? 
HETATM 1187 O O   . HOH H 2 .  ? -11.588 -0.147  -0.348  1.000 30.234 0 110 HOH B O   1 ? 
HETATM 1188 O O   . HOH H 2 .  ? 22.309  12.226  -3.199  1.000 17.366 0 111 HOH B O   1 ? 
HETATM 1189 O O   . HOH H 2 .  ? 24.900  17.583  -3.950  1.000 22.452 0 112 HOH B O   1 ? 
HETATM 1190 O O   . HOH H 2 .  ? -3.865  6.863   1.472   1.000 15.571 0 113 HOH B O   1 ? 
HETATM 1191 O O   . HOH H 2 .  ? -5.497  -1.307  1.393   1.000 16.414 0 114 HOH B O   1 ? 
HETATM 1192 O O   . HOH H 2 .  ? 23.322  19.573  -4.816  1.000 29.015 0 115 HOH B O   1 ? 
HETATM 1193 O O   . HOH H 2 .  ? -9.494  1.688   0.169   1.000 23.773 0 116 HOH B O   1 ? 
HETATM 1194 O O   . HOH H 2 .  ? -17.812 -6.192  12.835  1.000 28.460 0 117 HOH B O   1 ? 
HETATM 1195 O O   . HOH H 2 .  ? 14.626  14.050  1.352   1.000 28.016 0 118 HOH B O   1 ? 
HETATM 1196 O O   . HOH H 2 .  ? 4.332   11.108  1.907   1.000 19.474 0 119 HOH B O   1 ? 
HETATM 1197 O O   . HOH H 2 .  ? -19.219 -3.700  14.908  1.000 21.313 0 120 HOH B O   1 ? 
HETATM 1198 O O   . HOH H 2 .  ? 33.455  15.861  -8.403  1.000 26.965 0 121 HOH B O   1 ? 
HETATM 1199 O O   . HOH H 2 .  ? -2.188  6.989   -2.169  1.000 20.181 0 122 HOH B O   1 ? 
HETATM 1200 O O   . HOH H 2 .  ? 27.581  15.178  -3.469  1.000 26.706 0 123 HOH B O   1 ? 
HETATM 1201 O O   . HOH H 2 .  ? -16.271 -4.034  4.857   1.000 25.182 0 124 HOH B O   1 ? 
HETATM 1202 O O   . HOH H 2 .  ? 0.859   12.021  -1.316  1.000 25.409 0 125 HOH B O   1 ? 
HETATM 1203 O O   . HOH H 2 .  ? 5.713   13.930  -0.645  1.000 28.813 0 126 HOH B O   1 ? 
HETATM 1204 O O   . HOH H 2 .  ? -24.270 -4.323  19.380  1.000 34.115 0 127 HOH B O   1 ? 
HETATM 1205 O O   . HOH H 2 .  ? -7.785  -1.309  0.168   1.000 29.949 0 128 HOH B O   1 ? 
HETATM 1206 O O   . HOH H 2 .  ? 5.746   11.470  -5.458  1.000 23.968 0 129 HOH B O   1 ? 
HETATM 1207 O O   . HOH H 2 .  ? -10.901 -2.718  -0.624  1.000 31.763 0 130 HOH B O   1 ? 
HETATM 1208 O O   . HOH H 2 .  ? -20.115 -5.626  16.314  1.000 33.627 0 131 HOH B O   1 ? 
HETATM 1209 O O   . HOH H 2 .  ? 32.831  13.243  -7.572  1.000 37.287 0 132 HOH B O   1 ? 
HETATM 1210 O O   . HOH H 2 .  ? -16.639 -3.305  2.626   1.000 34.778 0 133 HOH B O   1 ? 
HETATM 1211 O O   . HOH H 2 .  ? -19.100 -7.091  14.890  1.000 31.825 0 134 HOH B O   1 ? 
HETATM 1212 O O   . HOH H 2 .  ? -5.602  8.183   0.009   1.000 20.137 0 135 HOH B O   1 ? 
HETATM 1213 O O   . HOH H 2 .  ? 15.034  12.719  3.611   1.000 32.081 0 136 HOH B O   1 ? 
HETATM 1214 O O   . HOH H 2 .  ? -3.456  9.358   -1.634  1.000 29.668 0 137 HOH B O   1 ? 
HETATM 1215 O O   . HOH I 2 .  ? 30.031  21.386  -5.496  1.000 34.769 0 101 HOH C O   1 ? 
HETATM 1216 O O   . HOH I 2 .  ? 5.986   8.668   -4.849  1.000 16.329 0 102 HOH C O   1 ? 
HETATM 1217 O O   . HOH I 2 .  ? 15.607  18.442  -11.745 1.000 23.203 0 103 HOH C O   1 ? 
HETATM 1218 O O   . HOH I 2 .  ? -6.084  -5.099  8.632   1.000 24.778 0 104 HOH C O   1 ? 
HETATM 1219 O O   . HOH I 2 .  ? -8.093  1.256   11.932  1.000 21.016 0 105 HOH C O   1 ? 
HETATM 1220 O O   . HOH I 2 .  ? -10.872 -0.116  12.047  1.000 23.571 0 106 HOH C O   1 ? 
HETATM 1221 O O   . HOH I 2 .  ? 27.473  18.440  -3.742  1.000 26.254 0 107 HOH C O   1 ? 
HETATM 1222 O O   . HOH I 2 .  ? -25.032 0.101   18.775  1.000 29.214 0 108 HOH C O   1 ? 
HETATM 1223 O O   . HOH I 2 .  ? 15.129  16.440  -9.945  1.000 21.963 0 109 HOH C O   1 ? 
HETATM 1224 O O   . HOH I 2 .  ? 32.134  23.983  -11.455 1.000 37.361 0 110 HOH C O   1 ? 
HETATM 1225 O O   . HOH I 2 .  ? -19.995 2.106   14.748  1.000 15.414 0 111 HOH C O   1 ? 
HETATM 1226 O O   . HOH I 2 .  ? -28.637 0.615   9.927   1.000 31.742 0 112 HOH C O   1 ? 
HETATM 1227 O O   . HOH I 2 .  ? -19.894 4.161   10.084  1.000 14.965 0 113 HOH C O   1 ? 
HETATM 1228 O O   . HOH I 2 .  ? -3.765  -1.844  4.006   1.000 29.525 0 114 HOH C O   1 ? 
HETATM 1229 O O   . HOH I 2 .  ? 13.112  15.689  -7.894  1.000 26.911 0 115 HOH C O   1 ? 
HETATM 1230 O O   . HOH I 2 .  ? -15.730 -2.964  15.094  1.000 18.900 0 116 HOH C O   1 ? 
HETATM 1231 O O   . HOH I 2 .  ? 17.881  20.034  -8.740  1.000 24.538 0 117 HOH C O   1 ? 
HETATM 1232 O O   . HOH I 2 .  ? 31.974  21.142  -7.543  1.000 32.639 0 118 HOH C O   1 ? 
HETATM 1233 O O   . HOH I 2 .  ? 7.528   2.525   -3.007  1.000 13.725 0 119 HOH C O   1 ? 
HETATM 1234 O O   . HOH I 2 .  ? -21.819 2.456   16.639  1.000 18.056 0 120 HOH C O   1 ? 
HETATM 1235 O O   . HOH I 2 .  ? 0.741   1.577   -0.804  1.000 10.561 0 121 HOH C O   1 ? 
HETATM 1236 O O   . HOH I 2 .  ? 11.473  4.999   -2.297  1.000 19.654 0 122 HOH C O   1 ? 
HETATM 1237 O O   . HOH I 2 .  ? 0.115   -1.855  5.515   1.000 15.774 0 123 HOH C O   1 ? 
HETATM 1238 O O   . HOH I 2 .  ? -18.287 3.954   13.514  1.000 12.857 0 124 HOH C O   1 ? 
HETATM 1239 O O   . HOH I 2 .  ? 6.579   1.684   0.789   1.000 14.569 0 125 HOH C O   1 ? 
HETATM 1240 O O   . HOH I 2 .  ? 24.327  22.515  -9.895  1.000 26.942 0 126 HOH C O   1 ? 
HETATM 1241 O O   . HOH I 2 .  ? 23.060  19.911  -12.189 1.000 24.484 0 127 HOH C O   1 ? 
HETATM 1242 O O   . HOH I 2 .  ? 5.875   4.719   -6.313  1.000 23.485 0 128 HOH C O   1 ? 
HETATM 1243 O O   . HOH I 2 .  ? 8.581   8.410   -7.585  1.000 21.217 0 129 HOH C O   1 ? 
HETATM 1244 O O   . HOH I 2 .  ? -4.435  -2.509  7.138   1.000 23.529 0 130 HOH C O   1 ? 
HETATM 1245 O O   . HOH I 2 .  ? -31.196 -0.660  9.492   1.000 31.327 0 131 HOH C O   1 ? 
HETATM 1246 O O   . HOH I 2 .  ? 19.516  19.156  -14.544 1.000 32.901 0 132 HOH C O   1 ? 
HETATM 1247 O O   . HOH I 2 .  ? 22.249  18.034  -13.879 1.000 26.328 0 133 HOH C O   1 ? 
HETATM 1248 O O   . HOH I 2 .  ? 7.351   2.963   3.080   1.000 18.223 0 134 HOH C O   1 ? 
HETATM 1249 O O   . HOH I 2 .  ? 12.058  17.582  -6.048  1.000 31.203 0 135 HOH C O   1 ? 
HETATM 1250 O O   . HOH I 2 .  ? -17.905 -1.966  16.269  1.000 19.737 0 136 HOH C O   1 ? 
HETATM 1251 O O   . HOH I 2 .  ? -7.224  4.590   12.223  1.000 27.107 0 137 HOH C O   1 ? 
HETATM 1252 O O   . HOH I 2 .  ? -5.099  -3.006  11.630  1.000 39.759 0 138 HOH C O   1 ? 
HETATM 1253 O O   . HOH I 2 .  ? 30.270  25.137  -13.646 1.000 32.511 0 139 HOH C O   1 ? 
HETATM 1254 O O   . HOH I 2 .  ? -18.396 0.563   16.540  1.000 19.064 0 140 HOH C O   1 ? 
HETATM 1255 O O   . HOH I 2 .  ? -3.655  -4.871  9.928   1.000 27.946 0 141 HOH C O   1 ? 
HETATM 1256 O O   . HOH J 2 .  ? -33.748 -13.513 11.743  1.000 37.447 0 101 HOH D O   1 ? 
HETATM 1257 O O   . HOH J 2 .  ? -3.514  -12.858 0.419   1.000 21.990 0 102 HOH D O   1 ? 
HETATM 1258 O O   . HOH J 2 .  ? -29.374 -10.850 7.678   1.000 30.775 0 103 HOH D O   1 ? 
HETATM 1259 O O   . HOH J 2 .  ? -32.741 -11.346 10.426  1.000 39.405 0 104 HOH D O   1 ? 
HETATM 1260 O O   . HOH J 2 .  ? -16.944 -11.908 13.639  1.000 30.730 0 105 HOH D O   1 ? 
HETATM 1261 O O   . HOH J 2 .  ? -6.147  -9.001  6.803   1.000 22.790 0 106 HOH D O   1 ? 
HETATM 1262 O O   . HOH J 2 .  ? -7.618  -12.936 7.802   1.000 33.301 0 107 HOH D O   1 ? 
HETATM 1263 O O   . HOH J 2 .  ? 18.640  0.587   -18.046 1.000 29.867 0 108 HOH D O   1 ? 
HETATM 1264 O O   . HOH J 2 .  ? 17.119  -6.276  -15.165 1.000 16.400 0 109 HOH D O   1 ? 
HETATM 1265 O O   . HOH J 2 .  ? 3.355   -10.881 -3.121  1.000 25.973 0 110 HOH D O   1 ? 
HETATM 1266 O O   . HOH J 2 .  ? 13.877  -4.785  -12.300 1.000 15.706 0 111 HOH D O   1 ? 
HETATM 1267 O O   . HOH J 2 .  ? -1.378  -10.434 -3.732  1.000 18.949 0 112 HOH D O   1 ? 
HETATM 1268 O O   . HOH J 2 .  ? 13.423  1.070   -16.330 1.000 12.096 0 113 HOH D O   1 ? 
HETATM 1269 O O   . HOH J 2 .  ? 22.271  0.322   -21.744 1.000 24.394 0 114 HOH D O   1 ? 
HETATM 1270 O O   . HOH J 2 .  ? 8.447   -2.981  -11.636 1.000 11.764 0 115 HOH D O   1 ? 
HETATM 1271 O O   . HOH J 2 .  ? -15.377 -8.469  10.436  1.000 25.517 0 116 HOH D O   1 ? 
HETATM 1272 O O   . HOH J 2 .  ? -23.089 -10.247 10.386  1.000 16.754 0 117 HOH D O   1 ? 
HETATM 1273 O O   . HOH J 2 .  ? 11.266  -5.732  -11.907 1.000 13.097 0 118 HOH D O   1 ? 
HETATM 1274 O O   . HOH J 2 .  ? -9.311  -6.470  10.893  1.000 36.884 0 119 HOH D O   1 ? 
HETATM 1275 O O   . HOH J 2 .  ? 4.594   -9.120  -6.740  1.000 15.245 0 120 HOH D O   1 ? 
HETATM 1276 O O   . HOH J 2 .  ? -24.915 -13.617 16.073  1.000 39.337 0 121 HOH D O   1 ? 
HETATM 1277 O O   . HOH J 2 .  ? -11.166 -4.622  11.459  1.000 24.106 0 122 HOH D O   1 ? 
HETATM 1278 O O   . HOH J 2 .  ? -36.042 -13.264 12.944  1.000 38.480 0 123 HOH D O   1 ? 
HETATM 1279 O O   . HOH J 2 .  ? 0.667   -10.202 3.318   1.000 21.755 0 124 HOH D O   1 ? 
HETATM 1280 O O   . HOH J 2 .  ? -11.581 -9.666  11.586  1.000 22.119 0 125 HOH D O   1 ? 
HETATM 1281 O O   . HOH J 2 .  ? -34.290 -17.141 7.929   1.000 37.859 0 126 HOH D O   1 ? 
HETATM 1282 O O   . HOH J 2 .  ? 3.145   -10.293 1.968   1.000 19.317 0 127 HOH D O   1 ? 
HETATM 1283 O O   . HOH J 2 .  ? 0.813   -7.056  3.911   1.000 26.093 0 128 HOH D O   1 ? 
HETATM 1284 O O   . HOH J 2 .  ? 3.273   -7.997  -8.938  1.000 14.600 0 129 HOH D O   1 ? 
HETATM 1285 O O   . HOH J 2 .  ? -6.940  -10.008 8.899   1.000 30.145 0 130 HOH D O   1 ? 
HETATM 1286 O O   . HOH J 2 .  ? 9.904   -4.193  -13.722 1.000 12.044 0 131 HOH D O   1 ? 
HETATM 1287 O O   . HOH J 2 .  ? 18.979  -1.958  -17.303 1.000 24.238 0 132 HOH D O   1 ? 
HETATM 1288 O O   . HOH J 2 .  ? -12.735 -7.474  10.825  1.000 31.328 0 133 HOH D O   1 ? 
HETATM 1289 O O   . HOH J 2 .  ? -6.790  -6.747  10.795  1.000 32.441 0 134 HOH D O   1 ? 
HETATM 1290 O O   . HOH J 2 .  ? 3.645   -11.605 -6.457  1.000 24.410 0 135 HOH D O   1 ? 
HETATM 1291 O O   . HOH J 2 .  ? 14.826  -7.188  -11.464 1.000 17.248 0 136 HOH D O   1 ? 
HETATM 1292 O O   . HOH J 2 .  ? 17.015  -7.931  -12.932 1.000 16.851 0 137 HOH D O   1 ? 
HETATM 1293 O O   . HOH J 2 .  ? -16.417 -9.299  13.472  1.000 32.129 0 138 HOH D O   1 ? 
HETATM 1294 O O   . HOH J 2 .  ? -34.382 -14.373 9.108   1.000 34.660 0 139 HOH D O   1 ? 
HETATM 1295 O O   . HOH J 2 .  ? 5.941   -4.041  -12.556 1.000 14.246 0 140 HOH D O   1 ? 
HETATM 1296 O O   . HOH K 2 .  ? -3.994  -10.917 -3.508  1.000 20.028 0 101 HOH E O   1 ? 
HETATM 1297 O O   . HOH K 2 .  ? 26.149  7.439   -12.549 1.000 30.145 0 102 HOH E O   1 ? 
HETATM 1298 O O   . HOH K 2 .  ? -9.290  -6.877  -2.642  1.000 33.776 0 103 HOH E O   1 ? 
HETATM 1299 O O   . HOH K 2 .  ? 16.344  4.490   -7.067  1.000 19.386 0 104 HOH E O   1 ? 
HETATM 1300 O O   . HOH K 2 .  ? 6.791   2.280   -5.646  1.000 20.163 0 105 HOH E O   1 ? 
HETATM 1301 O O   . HOH K 2 .  ? -11.253 -14.933 0.942   1.000 29.335 0 106 HOH E O   1 ? 
HETATM 1302 O O   . HOH K 2 .  ? 16.145  6.199   -10.517 1.000 20.405 0 107 HOH E O   1 ? 
HETATM 1303 O O   . HOH K 2 .  ? -25.720 -21.237 14.043  1.000 28.321 0 108 HOH E O   1 ? 
HETATM 1304 O O   . HOH K 2 .  ? 8.564   4.018   -12.420 1.000 21.116 0 109 HOH E O   1 ? 
HETATM 1305 O O   . HOH K 2 .  ? -3.607  -4.215  -5.907  1.000 22.159 0 110 HOH E O   1 ? 
HETATM 1306 O O   . HOH K 2 .  ? -17.307 -15.848 14.694  1.000 28.266 0 111 HOH E O   1 ? 
HETATM 1307 O O   . HOH K 2 .  ? -19.029 -19.585 8.886   1.000 28.473 0 112 HOH E O   1 ? 
HETATM 1308 O O   . HOH K 2 .  ? 3.545   -5.283  -8.079  1.000 10.878 0 113 HOH E O   1 ? 
HETATM 1309 O O   . HOH K 2 .  ? -20.552 -18.421 15.861  1.000 35.147 0 114 HOH E O   1 ? 
HETATM 1310 O O   . HOH K 2 .  ? 7.764   1.768   -10.720 1.000 23.487 0 115 HOH E O   1 ? 
HETATM 1311 O O   . HOH K 2 .  ? -23.284 -18.107 15.755  1.000 24.868 0 116 HOH E O   1 ? 
HETATM 1312 O O   . HOH K 2 .  ? -25.420 -19.837 17.048  1.000 34.222 0 117 HOH E O   1 ? 
HETATM 1313 O O   . HOH K 2 .  ? -21.920 -18.246 6.222   1.000 35.370 0 118 HOH E O   1 ? 
HETATM 1314 O O   . HOH K 2 .  ? -7.587  -4.728  -2.589  1.000 22.901 0 119 HOH E O   1 ? 
HETATM 1315 O O   . HOH K 2 .  ? -3.924  -8.317  -6.983  1.000 15.705 0 120 HOH E O   1 ? 
HETATM 1316 O O   . HOH K 2 .  ? -1.255  -1.776  -4.142  1.000 11.103 0 121 HOH E O   1 ? 
HETATM 1317 O O   . HOH K 2 .  ? 12.723  4.274   -14.861 1.000 30.890 0 122 HOH E O   1 ? 
HETATM 1318 O O   . HOH K 2 .  ? -15.149 -18.417 5.452   1.000 34.475 0 123 HOH E O   1 ? 
HETATM 1319 O O   . HOH K 2 .  ? -6.402  -9.091  -5.716  1.000 26.865 0 124 HOH E O   1 ? 
HETATM 1320 O O   . HOH K 2 .  ? 30.817  11.005  -11.806 1.000 38.835 0 125 HOH E O   1 ? 
HETATM 1321 O O   . HOH K 2 .  ? 10.071  6.891   -12.788 1.000 30.970 0 126 HOH E O   1 ? 
HETATM 1322 O O   . HOH K 2 .  ? -23.488 -20.619 15.532  1.000 41.923 0 127 HOH E O   1 ? 
HETATM 1323 O O   . HOH K 2 .  ? 3.842   -4.606  -10.766 1.000 23.080 0 128 HOH E O   1 ? 
HETATM 1324 O O   . HOH K 2 .  ? -36.510 -17.699 23.466  1.000 44.526 0 129 HOH E O   1 ? 
HETATM 1325 O O   . HOH K 2 .  ? -3.966  -1.052  -5.272  1.000 15.148 0 130 HOH E O   1 ? 
HETATM 1326 O O   . HOH K 2 .  ? -6.683  -1.936  -4.922  1.000 28.611 0 131 HOH E O   1 ? 
HETATM 1327 O O   . HOH L 2 .  ? -34.983 -25.823 16.848  1.000 36.109 0 101 HOH F O   1 ? 
HETATM 1328 O O   . HOH L 2 .  ? -23.958 -20.208 5.779   1.000 32.380 0 102 HOH F O   1 ? 
HETATM 1329 O O   . HOH L 2 .  ? -8.192  -3.609  0.023   1.000 29.836 0 103 HOH F O   1 ? 
HETATM 1330 O O   . HOH L 2 .  ? 9.346   0.635   -1.926  1.000 14.174 0 104 HOH F O   1 ? 
HETATM 1331 O O   . HOH L 2 .  ? -28.478 -19.870 8.198   1.000 26.938 0 105 HOH F O   1 ? 
HETATM 1332 O O   . HOH L 2 .  ? 19.581  -2.697  -14.891 1.000 34.502 0 106 HOH F O   1 ? 
HETATM 1333 O O   . HOH L 2 .  ? 21.267  -0.265  -5.805  1.000 21.240 0 107 HOH F O   1 ? 
HETATM 1334 O O   . HOH L 2 .  ? 11.657  2.152   -1.659  1.000 14.229 0 108 HOH F O   1 ? 
HETATM 1335 O O   . HOH L 2 .  ? 15.914  -3.282  -3.872  1.000 10.746 0 109 HOH F O   1 ? 
HETATM 1336 O O   . HOH L 2 .  ? 22.061  -3.810  -12.024 1.000 21.116 0 110 HOH F O   1 ? 
HETATM 1337 O O   . HOH L 2 .  ? 0.827   -0.969  -2.305  1.000 9.268  0 111 HOH F O   1 ? 
HETATM 1338 O O   . HOH L 2 .  ? -15.439 -12.865 0.145   1.000 24.784 0 112 HOH F O   1 ? 
HETATM 1339 O O   . HOH L 2 .  ? -20.164 -7.226  4.403   1.000 28.116 0 113 HOH F O   1 ? 
HETATM 1340 O O   . HOH L 2 .  ? 24.760  1.552   -21.811 1.000 30.100 0 114 HOH F O   1 ? 
HETATM 1341 O O   . HOH L 2 .  ? -27.067 -23.392 15.317  1.000 26.859 0 115 HOH F O   1 ? 
HETATM 1342 O O   . HOH L 2 .  ? -16.415 -7.471  1.816   1.000 23.636 0 116 HOH F O   1 ? 
HETATM 1343 O O   . HOH L 2 .  ? -31.875 -22.109 9.576   1.000 31.319 0 117 HOH F O   1 ? 
HETATM 1344 O O   . HOH L 2 .  ? 31.567  0.180   -15.212 1.000 30.314 0 118 HOH F O   1 ? 
HETATM 1345 O O   . HOH L 2 .  ? 9.260   -4.154  -0.437  1.000 14.858 0 119 HOH F O   1 ? 
HETATM 1346 O O   . HOH L 2 .  ? 26.071  -1.286  -20.306 1.000 18.526 0 120 HOH F O   1 ? 
HETATM 1347 O O   . HOH L 2 .  ? 15.263  3.837   -3.956  1.000 21.754 0 121 HOH F O   1 ? 
HETATM 1348 O O   . HOH L 2 .  ? -26.446 -11.174 7.740   1.000 28.972 0 122 HOH F O   1 ? 
HETATM 1349 O O   . HOH L 2 .  ? 18.562  -0.199  -5.680  1.000 13.254 0 123 HOH F O   1 ? 
HETATM 1350 O O   . HOH L 2 .  ? -20.109 -15.120 -2.341  1.000 35.693 0 124 HOH F O   1 ? 
HETATM 1351 O O   . HOH L 2 .  ? -1.708  -3.580  4.202   1.000 21.410 0 125 HOH F O   1 ? 
HETATM 1352 O O   . HOH L 2 .  ? -21.416 -14.176 4.363   1.000 22.548 0 126 HOH F O   1 ? 
HETATM 1353 O O   . HOH L 2 .  ? 27.982  -1.800  -13.168 1.000 30.555 0 127 HOH F O   1 ? 
HETATM 1354 O O   . HOH L 2 .  ? 15.110  -5.432  -6.959  1.000 12.098 0 128 HOH F O   1 ? 
HETATM 1355 O O   . HOH L 2 .  ? -5.457  -6.445  5.917   1.000 20.083 0 129 HOH F O   1 ? 
HETATM 1356 O O   . HOH L 2 .  ? -30.638 -25.399 16.396  1.000 32.469 0 130 HOH F O   1 ? 
HETATM 1357 O O   . HOH L 2 .  ? 7.887   -0.422  0.233   1.000 21.509 0 131 HOH F O   1 ? 
HETATM 1358 O O   . HOH L 2 .  ? 2.404   -7.217  1.609   1.000 14.814 0 132 HOH F O   1 ? 
HETATM 1359 O O   . HOH L 2 .  ? -22.446 -9.332  3.201   1.000 24.708 0 133 HOH F O   1 ? 
HETATM 1360 O O   . HOH L 2 .  ? -32.957 -24.481 17.764  1.000 38.277 0 134 HOH F O   1 ? 
HETATM 1361 O O   . HOH L 2 .  ? 30.089  -2.617  -14.570 1.000 33.571 0 135 HOH F O   1 ? 
HETATM 1362 O O   . HOH L 2 .  ? 25.629  -1.223  -12.159 1.000 37.041 0 136 HOH F O   1 ? 
HETATM 1363 O O   . HOH L 2 .  ? -32.153 -18.508 8.407   1.000 38.127 0 137 HOH F O   1 ? 
HETATM 1364 O O   . HOH L 2 .  ? -23.599 -5.861  4.318   1.000 36.700 0 138 HOH F O   1 ? 
HETATM 1365 O O   . HOH L 2 .  ? -27.868 -13.715 4.584   1.000 30.658 0 139 HOH F O   1 ? 
HETATM 1366 O O   . HOH L 2 .  ? -32.653 -26.000 14.747  1.000 35.269 0 140 HOH F O   1 ? 
HETATM 1367 O O   . HOH L 2 .  ? -25.060 -10.444 4.524   1.000 34.062 0 141 HOH F O   1 ? 
HETATM 1368 O O   . HOH L 2 .  ? 11.505  -3.045  0.411   1.000 20.351 0 142 HOH F O   1 ? 
HETATM 1369 O O   . HOH L 2 .  ? -2.823  -5.269  5.583   1.000 37.353 0 143 HOH F O   1 ? 
HETATM 1370 O O   . HOH L 2 .  ? -18.827 -6.111  2.466   1.000 30.733 0 144 HOH F O   1 ? 
HETATM 1371 O O   . HOH L 2 .  ? 24.944  -3.950  -15.448 1.000 35.855 0 145 HOH F O   1 ? 
HETATM 1372 O O   . HOH L 2 .  ? 10.530  -0.875  0.657   1.000 32.582 0 146 HOH F O   1 ? 
HETATM 1373 O O   . HOH L 2 .  ? -30.525 -19.306 6.291   1.000 28.542 0 147 HOH F O   1 ? 
HETATM 1374 O O   . HOH L 2 .  ? 17.834  2.259   -4.621  1.000 24.159 0 148 HOH F O   1 ? 
HETATM 1375 O O   . HOH L 2 .  ? -24.679 -8.224  3.684   1.000 34.649 0 149 HOH F O   1 ? 
# 
